data_2WVU
#
_entry.id   2WVU
#
_cell.length_a   54.610
_cell.length_b   184.820
_cell.length_c   98.060
_cell.angle_alpha   90.00
_cell.angle_beta   94.63
_cell.angle_gamma   90.00
#
_symmetry.space_group_name_H-M   'P 1 21 1'
#
loop_
_entity.id
_entity.type
_entity.pdbx_description
1 polymer ALPHA-L-FUCOSIDASE
2 non-polymer 'SULFATE ION'
3 non-polymer '4-nitrophenyl 6-deoxy-alpha-L-galactopyranoside'
4 water water
#
_entity_poly.entity_id   1
_entity_poly.type   'polypeptide(L)'
_entity_poly.pdbx_seq_one_letter_code
;EAKKEIPLKYGATNEGKRQDPAMQKFRDNRLGAFIHWGLYAIPGGEWNGKVYGGAAEWLKSWAKVPADEWLKLMDQWNPT
KFDAKKWAKMAKEMGTKYVKITTKHHEGFCLWPSKYTKYTVANTPYKRDILGELVKAYNDEGIDVHFYFSVMDWSNPDYR
YDIKSKEDSIAFSRFLEFTDNQLKELATRYPTVKDFWFDGTWDASVKKNGWWTAHAEQMLKELVPGVAINSRLRADDKGK
RHFDSNGRLMGDYESGYERRLPDPVKDLKVTQWDWEACMTIPENQWGYHKDWSLSYVKTPIEVIDRIVHAVSMGGNMVVN
FGPQADGDFRPEEKAMATAIGKWMNRYGKAVYACDYAGFEKQDWGYYTRGKNDEVYMVVFNQPYSERLIVKTPKGITVEK
ATLLTTGEDITVVETTRNEYNVSVPKKNPGEPYVIQLKVRAAK
;
_entity_poly.pdbx_strand_id   A,B,C,D
#
loop_
_chem_comp.id
_chem_comp.type
_chem_comp.name
_chem_comp.formula
JFZ L-saccharide '4-nitrophenyl 6-deoxy-alpha-L-galactopyranoside' 'C12 H15 N O7'
SO4 non-polymer 'SULFATE ION' 'O4 S -2'
#
# COMPACT_ATOMS: atom_id res chain seq x y z
N GLU A 5 -50.91 -3.05 63.56
CA GLU A 5 -49.97 -2.47 62.55
C GLU A 5 -50.51 -1.30 61.70
N ILE A 6 -49.62 -0.37 61.37
CA ILE A 6 -49.98 0.91 60.73
C ILE A 6 -50.20 0.79 59.21
N PRO A 7 -51.35 1.29 58.70
CA PRO A 7 -51.64 1.33 57.25
C PRO A 7 -50.65 2.17 56.44
N LEU A 8 -50.12 1.61 55.34
CA LEU A 8 -49.07 2.28 54.52
C LEU A 8 -49.12 1.92 53.05
N LYS A 9 -48.92 2.90 52.18
CA LYS A 9 -48.82 2.63 50.75
C LYS A 9 -47.36 2.51 50.29
N TYR A 10 -46.46 3.23 50.94
CA TYR A 10 -45.05 3.33 50.49
C TYR A 10 -44.03 2.78 51.49
N GLY A 11 -44.43 1.74 52.22
CA GLY A 11 -43.55 1.01 53.14
C GLY A 11 -42.91 -0.19 52.48
N ALA A 12 -42.32 -1.07 53.31
CA ALA A 12 -41.46 -2.17 52.86
C ALA A 12 -42.00 -3.02 51.73
N THR A 13 -41.10 -3.38 50.82
CA THR A 13 -41.43 -4.23 49.68
C THR A 13 -41.17 -5.68 50.05
N ASN A 14 -39.89 -6.03 50.15
CA ASN A 14 -39.45 -7.39 50.43
C ASN A 14 -39.94 -7.89 51.77
N GLU A 15 -40.33 -9.16 51.80
CA GLU A 15 -40.72 -9.84 53.01
C GLU A 15 -39.43 -10.34 53.64
N GLY A 16 -38.81 -11.36 53.06
CA GLY A 16 -37.54 -11.86 53.58
C GLY A 16 -36.34 -11.09 53.06
N LYS A 17 -35.16 -11.69 53.19
CA LYS A 17 -34.02 -11.31 52.39
C LYS A 17 -34.32 -11.79 50.96
N ARG A 18 -33.97 -10.98 49.95
CA ARG A 18 -34.08 -11.41 48.56
C ARG A 18 -33.15 -12.62 48.32
N GLN A 19 -33.63 -13.63 47.61
CA GLN A 19 -32.75 -14.77 47.30
C GLN A 19 -32.59 -15.05 45.81
N ASP A 20 -32.98 -14.08 44.97
CA ASP A 20 -32.72 -14.17 43.54
C ASP A 20 -31.21 -14.13 43.30
N PRO A 21 -30.73 -14.67 42.16
CA PRO A 21 -29.27 -14.71 41.98
C PRO A 21 -28.57 -13.35 42.05
N ALA A 22 -29.23 -12.30 41.56
CA ALA A 22 -28.60 -10.97 41.58
C ALA A 22 -28.30 -10.48 43.02
N MET A 23 -29.22 -10.75 43.94
CA MET A 23 -29.02 -10.35 45.32
C MET A 23 -27.98 -11.23 46.00
N GLN A 24 -28.06 -12.53 45.74
CA GLN A 24 -27.06 -13.47 46.26
C GLN A 24 -25.68 -13.07 45.81
N LYS A 25 -25.56 -12.54 44.58
CA LYS A 25 -24.26 -12.08 44.09
C LYS A 25 -23.84 -10.81 44.82
N PHE A 26 -24.79 -9.89 45.02
CA PHE A 26 -24.57 -8.67 45.76
C PHE A 26 -23.97 -9.00 47.12
N ARG A 27 -24.61 -9.96 47.77
CA ARG A 27 -24.22 -10.44 49.09
C ARG A 27 -22.88 -11.18 49.02
N ASP A 28 -22.74 -12.17 48.14
CA ASP A 28 -21.51 -13.04 48.15
C ASP A 28 -20.25 -12.27 47.85
N ASN A 29 -20.40 -11.19 47.07
CA ASN A 29 -19.28 -10.27 46.80
C ASN A 29 -18.54 -9.86 48.08
N ARG A 30 -19.31 -9.47 49.10
CA ARG A 30 -18.86 -9.06 50.43
C ARG A 30 -17.94 -7.84 50.49
N LEU A 31 -16.84 -7.82 49.71
CA LEU A 31 -15.89 -6.69 49.73
C LEU A 31 -15.93 -5.79 48.50
N GLY A 32 -16.16 -4.50 48.72
CA GLY A 32 -16.12 -3.54 47.65
C GLY A 32 -15.22 -2.37 47.96
N ALA A 33 -14.99 -1.55 46.94
CA ALA A 33 -14.34 -0.24 47.12
C ALA A 33 -15.36 0.84 46.79
N PHE A 34 -15.19 2.02 47.39
CA PHE A 34 -16.00 3.19 47.05
C PHE A 34 -15.06 4.18 46.37
N ILE A 35 -15.55 4.82 45.33
CA ILE A 35 -14.88 5.96 44.69
C ILE A 35 -15.71 7.24 44.91
N HIS A 36 -15.11 8.23 45.59
CA HIS A 36 -15.64 9.60 45.67
C HIS A 36 -14.74 10.49 44.82
N TRP A 37 -15.25 10.87 43.64
CA TRP A 37 -14.52 11.72 42.71
C TRP A 37 -15.46 12.75 42.13
N GLY A 38 -15.01 14.00 42.21
CA GLY A 38 -15.83 15.14 41.85
C GLY A 38 -14.97 16.38 41.89
N LEU A 39 -15.60 17.54 41.72
CA LEU A 39 -14.88 18.82 41.62
C LEU A 39 -14.16 19.16 42.92
N TYR A 40 -14.73 18.71 44.04
CA TYR A 40 -14.11 18.86 45.35
C TYR A 40 -12.66 18.41 45.41
N ALA A 41 -12.27 17.46 44.55
CA ALA A 41 -10.89 17.00 44.51
C ALA A 41 -9.89 18.04 44.02
N ILE A 42 -10.39 19.08 43.35
CA ILE A 42 -9.51 20.15 42.89
C ILE A 42 -9.02 21.01 44.07
N PRO A 43 -9.95 21.69 44.79
CA PRO A 43 -9.48 22.47 45.94
C PRO A 43 -8.91 21.58 47.05
N GLY A 44 -9.45 20.38 47.22
CA GLY A 44 -8.93 19.42 48.21
C GLY A 44 -9.08 19.85 49.66
N GLY A 45 -10.23 20.43 50.01
CA GLY A 45 -10.43 20.88 51.39
C GLY A 45 -9.97 22.31 51.70
N GLU A 46 -9.30 22.93 50.74
CA GLU A 46 -8.82 24.31 50.89
C GLU A 46 -9.56 25.27 49.97
N TRP A 47 -9.94 26.42 50.50
CA TRP A 47 -10.58 27.48 49.72
C TRP A 47 -10.18 28.86 50.23
N ASN A 48 -9.71 29.70 49.29
CA ASN A 48 -9.23 31.07 49.60
C ASN A 48 -8.34 31.13 50.84
N GLY A 49 -7.28 30.32 50.84
CA GLY A 49 -6.30 30.33 51.91
C GLY A 49 -6.55 29.28 52.99
N LYS A 50 -7.76 29.27 53.56
CA LYS A 50 -8.09 28.39 54.69
C LYS A 50 -8.36 26.92 54.33
N VAL A 51 -7.76 26.03 55.12
CA VAL A 51 -7.95 24.58 55.03
C VAL A 51 -9.06 24.18 55.99
N TYR A 52 -10.13 23.61 55.48
CA TYR A 52 -11.20 23.13 56.34
C TYR A 52 -10.96 21.66 56.72
N GLY A 53 -11.11 21.35 58.01
CA GLY A 53 -10.86 20.00 58.54
C GLY A 53 -12.01 19.04 58.31
N GLY A 54 -13.13 19.59 57.86
CA GLY A 54 -14.33 18.82 57.56
C GLY A 54 -14.17 17.98 56.29
N ALA A 55 -15.20 17.20 55.99
CA ALA A 55 -15.19 16.34 54.82
C ALA A 55 -14.98 17.19 53.57
N ALA A 56 -13.84 16.98 52.91
CA ALA A 56 -13.42 17.72 51.70
C ALA A 56 -14.51 17.88 50.67
N GLU A 57 -15.37 16.88 50.54
CA GLU A 57 -16.42 16.95 49.52
C GLU A 57 -17.55 17.91 49.93
N TRP A 58 -17.54 18.36 51.19
CA TRP A 58 -18.57 19.26 51.71
C TRP A 58 -18.07 20.72 51.72
N LEU A 59 -16.91 20.92 51.10
CA LEU A 59 -16.22 22.21 51.15
C LEU A 59 -17.08 23.40 50.70
N LYS A 60 -17.89 23.20 49.66
CA LYS A 60 -18.84 24.21 49.22
C LYS A 60 -19.69 24.75 50.39
N SER A 61 -20.08 23.86 51.29
CA SER A 61 -20.84 24.19 52.49
C SER A 61 -19.98 24.86 53.54
N TRP A 62 -18.80 24.27 53.82
CA TRP A 62 -17.86 24.80 54.81
C TRP A 62 -17.42 26.23 54.48
N ALA A 63 -17.18 26.48 53.20
CA ALA A 63 -16.54 27.73 52.79
C ALA A 63 -17.54 28.70 52.18
N LYS A 64 -18.82 28.37 52.31
CA LYS A 64 -19.95 29.22 51.87
C LYS A 64 -19.97 29.60 50.39
N VAL A 65 -19.22 28.85 49.57
CA VAL A 65 -19.10 29.11 48.13
C VAL A 65 -20.45 28.96 47.41
N PRO A 66 -20.88 30.01 46.69
CA PRO A 66 -22.16 29.87 45.96
C PRO A 66 -22.03 28.93 44.75
N ALA A 67 -23.16 28.41 44.29
CA ALA A 67 -23.20 27.42 43.20
C ALA A 67 -22.42 27.84 41.94
N ASP A 68 -22.76 29.01 41.41
CA ASP A 68 -22.06 29.58 40.25
C ASP A 68 -20.54 29.49 40.39
N GLU A 69 -19.97 29.94 41.51
CA GLU A 69 -18.52 29.96 41.68
C GLU A 69 -17.94 28.57 41.92
N TRP A 70 -18.71 27.71 42.58
CA TRP A 70 -18.23 26.36 42.87
C TRP A 70 -18.05 25.60 41.55
N LEU A 71 -19.14 25.49 40.80
CA LEU A 71 -19.17 24.81 39.51
C LEU A 71 -18.19 25.33 38.44
N LYS A 72 -17.66 26.54 38.65
CA LYS A 72 -16.62 27.10 37.81
C LYS A 72 -15.35 26.24 37.92
N LEU A 73 -15.30 25.39 38.94
CA LEU A 73 -14.21 24.40 39.07
C LEU A 73 -14.13 23.47 37.84
N MET A 74 -15.26 23.26 37.17
CA MET A 74 -15.29 22.44 35.95
C MET A 74 -14.20 22.83 34.97
N ASP A 75 -13.90 24.14 34.93
CA ASP A 75 -12.87 24.72 34.05
C ASP A 75 -11.48 24.17 34.31
N GLN A 76 -11.27 23.60 35.49
CA GLN A 76 -9.97 23.03 35.82
C GLN A 76 -9.99 21.50 35.79
N TRP A 77 -11.16 20.94 35.52
CA TRP A 77 -11.33 19.50 35.50
C TRP A 77 -10.64 18.89 34.28
N ASN A 78 -9.43 18.40 34.51
CA ASN A 78 -8.64 17.80 33.46
C ASN A 78 -7.74 16.72 34.01
N PRO A 79 -8.31 15.61 34.50
CA PRO A 79 -7.55 14.52 35.14
C PRO A 79 -6.67 13.75 34.16
N THR A 80 -5.58 14.40 33.81
CA THR A 80 -4.51 13.93 32.93
C THR A 80 -4.05 12.49 33.14
N LYS A 81 -3.89 12.06 34.39
CA LYS A 81 -3.31 10.74 34.69
C LYS A 81 -4.36 9.62 34.74
N PHE A 82 -5.63 9.98 34.54
CA PHE A 82 -6.73 9.03 34.64
C PHE A 82 -6.61 7.90 33.63
N ASP A 83 -6.84 6.68 34.11
CA ASP A 83 -6.77 5.50 33.28
C ASP A 83 -7.69 4.42 33.88
N ALA A 84 -8.90 4.33 33.32
CA ALA A 84 -9.88 3.36 33.81
C ALA A 84 -9.34 1.93 33.95
N LYS A 85 -8.58 1.45 32.97
CA LYS A 85 -7.95 0.12 33.07
C LYS A 85 -7.04 -0.03 34.31
N LYS A 86 -6.27 1.00 34.64
CA LYS A 86 -5.39 0.97 35.81
C LYS A 86 -6.22 0.96 37.10
N TRP A 87 -7.26 1.78 37.15
CA TRP A 87 -8.19 1.80 38.28
C TRP A 87 -8.77 0.39 38.53
N ALA A 88 -9.20 -0.26 37.45
CA ALA A 88 -9.80 -1.57 37.55
C ALA A 88 -8.76 -2.62 37.99
N LYS A 89 -7.51 -2.49 37.52
CA LYS A 89 -6.41 -3.34 37.97
C LYS A 89 -6.18 -3.16 39.48
N MET A 90 -6.23 -1.90 39.93
CA MET A 90 -6.06 -1.58 41.35
C MET A 90 -7.14 -2.23 42.21
N ALA A 91 -8.40 -2.10 41.79
CA ALA A 91 -9.51 -2.76 42.47
C ALA A 91 -9.38 -4.29 42.48
N LYS A 92 -8.99 -4.88 41.34
CA LYS A 92 -8.81 -6.33 41.23
C LYS A 92 -7.76 -6.83 42.21
N GLU A 93 -6.66 -6.10 42.28
CA GLU A 93 -5.53 -6.52 43.07
C GLU A 93 -5.82 -6.41 44.56
N MET A 94 -6.66 -5.44 44.93
CA MET A 94 -7.10 -5.30 46.31
C MET A 94 -8.02 -6.45 46.70
N GLY A 95 -8.57 -7.12 45.70
CA GLY A 95 -9.55 -8.18 45.92
C GLY A 95 -10.97 -7.70 46.12
N THR A 96 -11.33 -6.53 45.60
CA THR A 96 -12.72 -6.05 45.71
C THR A 96 -13.51 -6.74 44.62
N LYS A 97 -14.76 -7.06 44.92
CA LYS A 97 -15.62 -7.75 43.97
C LYS A 97 -16.59 -6.79 43.29
N TYR A 98 -16.66 -5.58 43.85
CA TYR A 98 -17.47 -4.52 43.28
C TYR A 98 -16.93 -3.16 43.65
N VAL A 99 -17.29 -2.16 42.84
CA VAL A 99 -16.91 -0.78 43.13
C VAL A 99 -18.16 0.12 43.05
N LYS A 100 -18.36 0.94 44.06
CA LYS A 100 -19.45 1.94 44.12
C LYS A 100 -18.88 3.28 43.69
N ILE A 101 -19.53 3.97 42.76
CA ILE A 101 -18.98 5.21 42.21
C ILE A 101 -19.95 6.40 42.36
N THR A 102 -19.47 7.52 42.87
CA THR A 102 -20.24 8.77 42.86
C THR A 102 -20.50 9.23 41.42
N THR A 103 -21.69 8.97 40.92
CA THR A 103 -22.10 9.44 39.61
C THR A 103 -22.30 10.96 39.69
N LYS A 104 -22.85 11.41 40.81
CA LYS A 104 -23.05 12.82 41.09
C LYS A 104 -23.17 12.98 42.60
N HIS A 105 -22.34 13.83 43.18
CA HIS A 105 -22.44 14.13 44.60
C HIS A 105 -23.35 15.36 44.84
N HIS A 106 -23.28 15.94 46.03
CA HIS A 106 -24.23 17.01 46.41
C HIS A 106 -24.10 18.27 45.51
N GLU A 107 -22.85 18.62 45.22
CA GLU A 107 -22.49 19.66 44.26
C GLU A 107 -23.27 19.59 42.92
N GLY A 108 -23.67 18.39 42.49
CA GLY A 108 -24.40 18.18 41.24
C GLY A 108 -23.62 18.05 39.93
N PHE A 109 -22.30 18.00 40.02
CA PHE A 109 -21.43 17.78 38.87
C PHE A 109 -21.46 16.29 38.52
N CYS A 110 -21.84 15.96 37.28
CA CYS A 110 -21.97 14.56 36.91
C CYS A 110 -20.75 14.03 36.18
N LEU A 111 -20.34 12.84 36.58
CA LEU A 111 -19.22 12.11 35.95
C LEU A 111 -19.61 11.43 34.64
N TRP A 112 -20.86 11.56 34.22
CA TRP A 112 -21.33 11.13 32.89
C TRP A 112 -21.93 12.36 32.19
N PRO A 113 -21.91 12.37 30.83
CA PRO A 113 -22.34 13.58 30.10
C PRO A 113 -23.86 13.73 30.10
N SER A 114 -24.45 13.98 31.26
CA SER A 114 -25.92 14.01 31.38
C SER A 114 -26.55 15.02 30.41
N LYS A 115 -27.61 14.58 29.76
CA LYS A 115 -28.29 15.41 28.78
C LYS A 115 -29.30 16.33 29.48
N TYR A 116 -29.24 16.36 30.82
CA TYR A 116 -30.20 17.13 31.61
C TYR A 116 -29.64 18.32 32.37
N THR A 117 -28.34 18.53 32.25
CA THR A 117 -27.68 19.62 32.93
C THR A 117 -26.40 19.94 32.20
N LYS A 118 -25.98 21.19 32.27
CA LYS A 118 -24.68 21.57 31.72
C LYS A 118 -23.51 21.18 32.65
N TYR A 119 -23.82 20.80 33.89
CA TYR A 119 -22.76 20.58 34.87
C TYR A 119 -22.32 19.14 34.82
N THR A 120 -21.61 18.80 33.75
CA THR A 120 -21.13 17.44 33.53
C THR A 120 -19.71 17.44 33.01
N VAL A 121 -19.10 16.25 32.97
CA VAL A 121 -17.78 16.04 32.39
C VAL A 121 -17.66 16.54 30.95
N ALA A 122 -18.78 16.55 30.22
CA ALA A 122 -18.79 16.99 28.81
C ALA A 122 -18.39 18.44 28.69
N ASN A 123 -18.70 19.23 29.72
CA ASN A 123 -18.44 20.66 29.74
C ASN A 123 -17.17 21.06 30.47
N THR A 124 -16.20 20.15 30.47
CA THR A 124 -14.88 20.40 31.07
C THR A 124 -13.85 20.20 29.98
N PRO A 125 -12.62 20.66 30.21
CA PRO A 125 -11.55 20.38 29.24
C PRO A 125 -11.35 18.89 28.93
N TYR A 126 -11.63 18.02 29.90
CA TYR A 126 -11.40 16.58 29.72
C TYR A 126 -12.41 15.93 28.78
N LYS A 127 -13.63 16.44 28.76
CA LYS A 127 -14.69 16.03 27.84
C LYS A 127 -15.28 14.63 28.03
N ARG A 128 -14.43 13.67 28.34
CA ARG A 128 -14.80 12.26 28.26
C ARG A 128 -15.76 11.73 29.32
N ASP A 129 -16.47 10.65 28.97
CA ASP A 129 -17.41 10.02 29.85
C ASP A 129 -16.66 9.13 30.88
N ILE A 130 -16.16 9.75 31.96
CA ILE A 130 -15.48 9.05 33.05
C ILE A 130 -16.27 7.84 33.54
N LEU A 131 -17.53 8.08 33.83
CA LEU A 131 -18.37 7.02 34.41
C LEU A 131 -18.44 5.81 33.46
N GLY A 132 -18.74 6.06 32.19
CA GLY A 132 -18.78 4.99 31.21
C GLY A 132 -17.46 4.24 31.06
N GLU A 133 -16.33 4.95 31.07
CA GLU A 133 -15.03 4.29 30.98
C GLU A 133 -14.77 3.38 32.19
N LEU A 134 -15.21 3.82 33.37
CA LEU A 134 -15.10 3.02 34.57
C LEU A 134 -15.97 1.78 34.55
N VAL A 135 -17.23 1.95 34.14
CA VAL A 135 -18.15 0.83 34.00
C VAL A 135 -17.51 -0.26 33.16
N LYS A 136 -17.03 0.14 31.97
CA LYS A 136 -16.34 -0.75 31.06
C LYS A 136 -15.16 -1.44 31.69
N ALA A 137 -14.22 -0.66 32.24
CA ALA A 137 -12.99 -1.18 32.79
C ALA A 137 -13.23 -2.14 33.96
N TYR A 138 -14.08 -1.75 34.92
CA TYR A 138 -14.35 -2.63 36.06
C TYR A 138 -15.03 -3.91 35.56
N ASN A 139 -16.04 -3.78 34.69
CA ASN A 139 -16.73 -4.96 34.14
C ASN A 139 -15.77 -5.91 33.42
N ASP A 140 -14.80 -5.35 32.70
CA ASP A 140 -13.79 -6.16 32.01
C ASP A 140 -12.94 -7.01 32.97
N GLU A 141 -12.81 -6.57 34.23
CA GLU A 141 -12.09 -7.35 35.25
C GLU A 141 -12.98 -8.27 36.06
N GLY A 142 -14.25 -8.41 35.65
CA GLY A 142 -15.23 -9.22 36.39
C GLY A 142 -15.79 -8.52 37.65
N ILE A 143 -15.64 -7.20 37.72
CA ILE A 143 -16.04 -6.43 38.91
C ILE A 143 -17.37 -5.73 38.68
N ASP A 144 -18.34 -5.93 39.60
CA ASP A 144 -19.64 -5.27 39.50
C ASP A 144 -19.57 -3.78 39.82
N VAL A 145 -20.46 -3.00 39.23
CA VAL A 145 -20.47 -1.57 39.48
C VAL A 145 -21.78 -1.12 40.10
N HIS A 146 -21.66 -0.29 41.12
CA HIS A 146 -22.78 0.26 41.84
C HIS A 146 -22.70 1.77 41.64
N PHE A 147 -23.86 2.42 41.59
CA PHE A 147 -23.89 3.87 41.42
C PHE A 147 -24.33 4.59 42.70
N TYR A 148 -23.44 5.39 43.27
CA TYR A 148 -23.80 6.38 44.28
C TYR A 148 -24.55 7.51 43.54
N PHE A 149 -25.62 8.03 44.15
CA PHE A 149 -26.38 9.14 43.57
C PHE A 149 -26.99 10.03 44.67
N SER A 150 -26.60 11.31 44.66
CA SER A 150 -27.14 12.31 45.60
C SER A 150 -28.44 12.89 45.03
N VAL A 151 -29.57 12.62 45.70
CA VAL A 151 -30.86 13.20 45.30
C VAL A 151 -30.78 14.72 45.47
N MET A 152 -30.40 15.14 46.67
CA MET A 152 -29.99 16.51 46.95
C MET A 152 -28.99 16.98 45.92
N ASP A 153 -29.29 18.11 45.29
CA ASP A 153 -28.45 18.66 44.25
C ASP A 153 -28.33 20.17 44.44
N TRP A 154 -27.15 20.60 44.86
CA TRP A 154 -26.84 22.00 45.07
C TRP A 154 -26.73 22.84 43.79
N SER A 155 -26.84 22.21 42.62
CA SER A 155 -26.70 22.89 41.35
C SER A 155 -28.05 23.23 40.72
N ASN A 156 -29.11 22.54 41.15
CA ASN A 156 -30.45 22.71 40.60
C ASN A 156 -31.34 23.51 41.56
N PRO A 157 -31.74 24.73 41.14
CA PRO A 157 -32.58 25.60 41.98
C PRO A 157 -34.01 25.10 42.27
N ASP A 158 -34.52 24.14 41.51
CA ASP A 158 -35.81 23.53 41.83
C ASP A 158 -35.76 22.65 43.08
N TYR A 159 -34.57 22.43 43.63
CA TYR A 159 -34.43 21.63 44.83
C TYR A 159 -35.05 22.37 46.00
N ARG A 160 -35.77 21.63 46.84
CA ARG A 160 -36.31 22.17 48.10
C ARG A 160 -35.85 21.29 49.26
N TYR A 161 -35.63 21.92 50.42
CA TYR A 161 -35.37 21.17 51.66
C TYR A 161 -36.68 20.76 52.31
N ASP A 162 -37.69 21.59 52.10
CA ASP A 162 -39.01 21.38 52.65
C ASP A 162 -40.11 21.94 51.75
N ILE A 163 -41.28 21.34 51.82
CA ILE A 163 -42.49 21.80 51.12
C ILE A 163 -43.35 22.57 52.12
N LYS A 164 -43.43 23.88 51.91
CA LYS A 164 -44.16 24.77 52.81
C LYS A 164 -45.34 25.48 52.12
N SER A 165 -45.48 25.26 50.81
CA SER A 165 -46.51 25.90 49.99
C SER A 165 -46.70 25.14 48.67
N LYS A 166 -47.74 25.49 47.92
CA LYS A 166 -48.03 24.85 46.63
C LYS A 166 -46.91 25.12 45.61
N GLU A 167 -46.34 26.33 45.66
CA GLU A 167 -45.23 26.70 44.80
C GLU A 167 -43.98 25.81 45.02
N ASP A 168 -43.67 25.49 46.29
CA ASP A 168 -42.59 24.53 46.61
C ASP A 168 -42.97 23.14 46.10
N SER A 169 -44.20 22.73 46.36
CA SER A 169 -44.74 21.46 45.88
C SER A 169 -44.65 21.28 44.36
N ILE A 170 -44.80 22.38 43.63
CA ILE A 170 -44.69 22.35 42.17
C ILE A 170 -43.22 22.36 41.75
N ALA A 171 -42.42 23.23 42.38
CA ALA A 171 -41.00 23.32 42.07
C ALA A 171 -40.37 21.95 42.30
N PHE A 172 -40.57 21.42 43.50
CA PHE A 172 -39.98 20.16 43.90
C PHE A 172 -40.45 19.02 42.99
N SER A 173 -41.70 19.11 42.55
CA SER A 173 -42.25 18.11 41.64
C SER A 173 -41.41 18.05 40.35
N ARG A 174 -40.97 19.23 39.90
CA ARG A 174 -40.10 19.39 38.74
C ARG A 174 -38.66 18.98 39.04
N PHE A 175 -38.23 19.15 40.28
CA PHE A 175 -36.94 18.61 40.67
C PHE A 175 -36.93 17.07 40.67
N LEU A 176 -38.06 16.47 41.02
CA LEU A 176 -38.21 15.00 41.05
C LEU A 176 -38.38 14.38 39.66
N GLU A 177 -38.91 15.14 38.72
CA GLU A 177 -38.95 14.70 37.33
C GLU A 177 -37.53 14.73 36.77
N PHE A 178 -36.80 15.80 37.08
CA PHE A 178 -35.39 15.95 36.72
C PHE A 178 -34.55 14.78 37.26
N THR A 179 -34.74 14.46 38.54
CA THR A 179 -34.12 13.31 39.18
C THR A 179 -34.50 12.01 38.45
N ASP A 180 -35.80 11.77 38.29
CA ASP A 180 -36.26 10.64 37.46
C ASP A 180 -35.50 10.55 36.13
N ASN A 181 -35.32 11.70 35.49
CA ASN A 181 -34.72 11.75 34.16
C ASN A 181 -33.26 11.30 34.18
N GLN A 182 -32.50 11.81 35.15
CA GLN A 182 -31.09 11.42 35.30
C GLN A 182 -30.98 9.96 35.70
N LEU A 183 -31.84 9.54 36.63
CA LEU A 183 -31.85 8.13 37.07
C LEU A 183 -32.10 7.17 35.90
N LYS A 184 -33.10 7.48 35.07
CA LYS A 184 -33.39 6.67 33.88
C LYS A 184 -32.23 6.74 32.90
N GLU A 185 -31.65 7.94 32.74
CA GLU A 185 -30.44 8.13 31.95
C GLU A 185 -29.28 7.18 32.40
N LEU A 186 -28.99 7.15 33.70
CA LEU A 186 -27.95 6.26 34.23
C LEU A 186 -28.27 4.78 33.98
N ALA A 187 -29.53 4.42 34.24
CA ALA A 187 -29.97 3.05 34.08
C ALA A 187 -29.93 2.56 32.62
N THR A 188 -30.11 3.48 31.67
CA THR A 188 -30.24 3.10 30.26
C THR A 188 -28.90 3.16 29.53
N ARG A 189 -28.09 4.16 29.87
CA ARG A 189 -26.75 4.28 29.35
C ARG A 189 -25.84 3.15 29.87
N TYR A 190 -26.02 2.76 31.13
CA TYR A 190 -25.13 1.76 31.76
C TYR A 190 -25.93 0.59 32.33
N PRO A 191 -26.53 -0.23 31.45
CA PRO A 191 -27.42 -1.30 31.95
C PRO A 191 -26.78 -2.43 32.80
N THR A 192 -25.45 -2.45 32.90
CA THR A 192 -24.74 -3.42 33.77
C THR A 192 -24.67 -3.02 35.23
N VAL A 193 -25.13 -1.81 35.54
CA VAL A 193 -25.17 -1.34 36.93
C VAL A 193 -25.95 -2.36 37.81
N LYS A 194 -25.46 -2.62 39.02
CA LYS A 194 -26.06 -3.65 39.89
C LYS A 194 -26.79 -3.09 41.11
N ASP A 195 -26.67 -1.80 41.34
CA ASP A 195 -27.04 -1.19 42.60
C ASP A 195 -27.10 0.29 42.39
N PHE A 196 -28.13 0.92 42.96
CA PHE A 196 -28.18 2.37 43.14
C PHE A 196 -28.16 2.64 44.62
N TRP A 197 -27.22 3.47 45.04
CA TRP A 197 -26.94 3.73 46.44
C TRP A 197 -27.24 5.21 46.64
N PHE A 198 -28.45 5.48 47.09
CA PHE A 198 -28.92 6.85 47.25
C PHE A 198 -28.36 7.52 48.50
N ASP A 199 -28.08 8.79 48.33
CA ASP A 199 -27.64 9.66 49.40
C ASP A 199 -28.28 11.06 49.27
N GLY A 200 -28.18 11.89 50.32
CA GLY A 200 -28.83 13.21 50.32
C GLY A 200 -30.33 13.07 50.15
N THR A 201 -30.92 12.18 50.95
CA THR A 201 -32.33 11.83 50.87
C THR A 201 -33.03 11.98 52.20
N TRP A 202 -32.40 12.72 53.10
CA TRP A 202 -32.83 12.84 54.48
C TRP A 202 -33.73 14.07 54.76
N ASP A 203 -33.80 15.00 53.82
CA ASP A 203 -34.53 16.25 54.03
C ASP A 203 -36.05 16.06 54.13
N ALA A 204 -36.74 17.04 54.74
CA ALA A 204 -38.19 17.00 54.94
C ALA A 204 -38.94 16.82 53.63
N SER A 205 -38.41 17.43 52.57
CA SER A 205 -39.02 17.38 51.26
C SER A 205 -39.11 15.96 50.75
N VAL A 206 -38.03 15.22 50.96
CA VAL A 206 -37.97 13.81 50.61
C VAL A 206 -38.90 13.02 51.52
N LYS A 207 -38.83 13.29 52.83
CA LYS A 207 -39.74 12.68 53.83
C LYS A 207 -41.22 12.86 53.47
N LYS A 208 -41.57 14.08 53.05
CA LYS A 208 -42.94 14.41 52.67
C LYS A 208 -43.36 13.74 51.38
N ASN A 209 -42.40 13.16 50.65
CA ASN A 209 -42.67 12.57 49.35
C ASN A 209 -42.26 11.10 49.24
N GLY A 210 -42.61 10.33 50.26
CA GLY A 210 -42.23 8.93 50.34
C GLY A 210 -42.68 8.14 49.12
N TRP A 211 -43.84 8.51 48.59
CA TRP A 211 -44.35 7.97 47.33
C TRP A 211 -43.26 7.96 46.25
N TRP A 212 -42.49 9.04 46.18
CA TRP A 212 -41.48 9.20 45.14
C TRP A 212 -40.34 8.20 45.34
N THR A 213 -39.85 8.11 46.58
CA THR A 213 -38.81 7.16 46.93
C THR A 213 -39.22 5.76 46.49
N ALA A 214 -40.48 5.40 46.77
CA ALA A 214 -41.02 4.11 46.37
C ALA A 214 -41.11 3.98 44.85
N HIS A 215 -41.57 5.03 44.19
CA HIS A 215 -41.67 5.05 42.72
C HIS A 215 -40.30 4.88 42.05
N ALA A 216 -39.29 5.59 42.57
CA ALA A 216 -37.92 5.51 42.07
C ALA A 216 -37.35 4.09 42.19
N GLU A 217 -37.57 3.47 43.35
CA GLU A 217 -37.20 2.06 43.54
C GLU A 217 -37.82 1.18 42.44
N GLN A 218 -39.15 1.27 42.30
CA GLN A 218 -39.86 0.43 41.33
C GLN A 218 -39.44 0.69 39.88
N MET A 219 -39.24 1.97 39.55
CA MET A 219 -38.84 2.42 38.21
C MET A 219 -37.49 1.85 37.84
N LEU A 220 -36.56 1.86 38.80
CA LEU A 220 -35.21 1.37 38.53
C LEU A 220 -35.19 -0.14 38.47
N LYS A 221 -36.03 -0.77 39.29
CA LYS A 221 -36.18 -2.24 39.26
C LYS A 221 -36.82 -2.75 37.96
N GLU A 222 -37.73 -1.95 37.40
CA GLU A 222 -38.29 -2.24 36.07
C GLU A 222 -37.23 -2.06 35.00
N LEU A 223 -36.48 -0.95 35.09
CA LEU A 223 -35.45 -0.62 34.11
C LEU A 223 -34.20 -1.48 34.17
N VAL A 224 -33.87 -1.98 35.36
CA VAL A 224 -32.68 -2.82 35.52
C VAL A 224 -33.04 -4.11 36.26
N PRO A 225 -33.28 -5.21 35.51
CA PRO A 225 -33.61 -6.50 36.16
C PRO A 225 -32.62 -6.89 37.26
N GLY A 226 -33.15 -7.20 38.44
CA GLY A 226 -32.36 -7.62 39.59
C GLY A 226 -31.58 -6.56 40.35
N VAL A 227 -31.73 -5.28 39.97
CA VAL A 227 -30.98 -4.21 40.61
C VAL A 227 -31.21 -4.15 42.12
N ALA A 228 -30.19 -3.77 42.88
CA ALA A 228 -30.33 -3.52 44.31
C ALA A 228 -30.49 -2.05 44.61
N ILE A 229 -31.28 -1.74 45.62
CA ILE A 229 -31.56 -0.36 46.03
C ILE A 229 -31.39 -0.25 47.55
N ASN A 230 -30.65 0.77 48.02
CA ASN A 230 -30.35 0.87 49.45
C ASN A 230 -31.50 1.47 50.26
N SER A 231 -31.50 1.17 51.56
CA SER A 231 -32.53 1.63 52.49
C SER A 231 -32.55 3.15 52.64
N ARG A 232 -31.37 3.77 52.53
CA ARG A 232 -31.23 5.21 52.67
C ARG A 232 -32.08 6.05 51.70
N LEU A 233 -32.47 5.46 50.57
CA LEU A 233 -33.38 6.12 49.61
C LEU A 233 -34.76 6.34 50.22
N ARG A 234 -35.23 5.32 50.93
CA ARG A 234 -36.64 5.10 51.17
C ARG A 234 -37.23 5.87 52.34
N ALA A 235 -38.43 6.42 52.10
CA ALA A 235 -39.29 7.00 53.15
C ALA A 235 -40.70 6.50 52.93
N ASP A 236 -41.39 6.16 54.02
CA ASP A 236 -42.78 5.71 53.92
C ASP A 236 -43.73 6.89 54.03
N ASP A 237 -45.03 6.60 54.01
CA ASP A 237 -46.10 7.60 54.09
C ASP A 237 -45.92 8.61 55.24
N LYS A 238 -45.39 8.15 56.36
CA LYS A 238 -45.21 9.00 57.52
C LYS A 238 -43.88 9.76 57.52
N GLY A 239 -43.15 9.65 56.42
CA GLY A 239 -41.82 10.25 56.33
C GLY A 239 -40.79 9.52 57.17
N LYS A 240 -41.05 8.23 57.43
CA LYS A 240 -40.14 7.40 58.21
C LYS A 240 -39.16 6.72 57.25
N ARG A 241 -37.87 6.81 57.56
CA ARG A 241 -36.80 6.41 56.62
C ARG A 241 -36.06 5.12 56.99
N HIS A 242 -35.47 4.47 55.98
CA HIS A 242 -34.79 3.17 56.11
C HIS A 242 -35.78 2.04 56.47
N PHE A 243 -36.33 2.10 57.68
CA PHE A 243 -37.37 1.18 58.11
C PHE A 243 -38.71 1.92 58.20
N ASP A 244 -39.74 1.34 57.60
CA ASP A 244 -41.10 1.90 57.60
C ASP A 244 -41.72 1.84 59.00
N SER A 245 -42.87 2.51 59.14
CA SER A 245 -43.49 2.76 60.45
C SER A 245 -43.81 1.49 61.23
N ASN A 246 -44.00 0.39 60.49
CA ASN A 246 -44.18 -0.92 61.06
C ASN A 246 -42.82 -1.64 61.30
N GLY A 247 -41.75 -0.86 61.47
CA GLY A 247 -40.38 -1.38 61.73
C GLY A 247 -39.74 -2.26 60.66
N ARG A 248 -40.27 -2.24 59.45
CA ARG A 248 -39.76 -3.13 58.41
C ARG A 248 -38.83 -2.42 57.42
N LEU A 249 -37.74 -3.10 57.08
CA LEU A 249 -36.69 -2.55 56.20
C LEU A 249 -37.19 -2.25 54.79
N MET A 250 -36.96 -1.03 54.33
CA MET A 250 -37.27 -0.63 52.95
C MET A 250 -36.02 -0.66 52.08
N GLY A 251 -36.22 -0.88 50.79
CA GLY A 251 -35.12 -1.20 49.88
C GLY A 251 -34.70 -2.66 50.07
N ASP A 252 -33.52 -3.00 49.56
CA ASP A 252 -33.08 -4.39 49.50
C ASP A 252 -32.08 -4.74 50.59
N TYR A 253 -31.52 -3.70 51.21
CA TYR A 253 -30.50 -3.84 52.25
C TYR A 253 -30.39 -2.55 53.05
N GLU A 254 -29.89 -2.66 54.27
CA GLU A 254 -29.69 -1.49 55.11
C GLU A 254 -28.32 -0.89 54.87
N SER A 255 -28.31 0.39 54.52
CA SER A 255 -27.12 1.22 54.48
C SER A 255 -27.25 2.33 55.52
N GLY A 256 -26.31 2.43 56.45
CA GLY A 256 -25.26 1.46 56.57
C GLY A 256 -24.08 1.92 57.39
N TYR A 257 -24.31 2.25 58.65
CA TYR A 257 -23.24 2.18 59.64
C TYR A 257 -21.95 2.80 59.14
N GLU A 258 -21.96 4.08 58.79
CA GLU A 258 -20.71 4.74 58.52
C GLU A 258 -20.13 5.05 59.89
N ARG A 259 -18.87 4.73 60.08
CA ARG A 259 -18.17 5.06 61.32
C ARG A 259 -18.72 4.48 62.66
N ARG A 260 -19.75 3.62 62.63
CA ARG A 260 -19.97 2.65 63.72
C ARG A 260 -20.64 1.33 63.31
N LEU A 261 -19.85 0.24 63.28
CA LEU A 261 -20.35 -1.07 62.94
C LEU A 261 -21.28 -1.64 64.02
N PRO A 262 -22.22 -2.53 63.62
CA PRO A 262 -23.10 -3.25 64.56
C PRO A 262 -22.29 -3.95 65.62
N ASP A 263 -22.73 -3.83 66.89
CA ASP A 263 -22.09 -4.49 68.01
C ASP A 263 -22.29 -6.00 67.91
N PRO A 264 -21.18 -6.77 67.96
CA PRO A 264 -21.26 -8.24 67.76
C PRO A 264 -21.99 -9.03 68.86
N VAL A 265 -22.29 -8.36 69.98
CA VAL A 265 -23.09 -8.95 71.06
C VAL A 265 -24.54 -8.45 71.08
N LYS A 266 -24.71 -7.13 71.00
CA LYS A 266 -26.00 -6.45 71.23
C LYS A 266 -26.85 -6.22 69.98
N ASP A 267 -26.23 -6.25 68.81
CA ASP A 267 -26.90 -5.89 67.56
C ASP A 267 -27.10 -7.07 66.63
N LEU A 268 -27.38 -8.26 67.14
CA LEU A 268 -27.50 -9.43 66.25
C LEU A 268 -28.72 -9.41 65.32
N LYS A 269 -29.67 -8.50 65.61
CA LYS A 269 -30.84 -8.25 64.76
C LYS A 269 -30.41 -8.02 63.29
N VAL A 270 -29.23 -7.42 63.09
CA VAL A 270 -28.80 -7.09 61.72
C VAL A 270 -28.66 -8.33 60.86
N THR A 271 -28.41 -9.48 61.48
CA THR A 271 -28.26 -10.72 60.73
C THR A 271 -29.56 -11.14 60.01
N GLN A 272 -30.67 -10.47 60.32
CA GLN A 272 -31.97 -10.78 59.70
C GLN A 272 -32.20 -10.09 58.35
N TRP A 273 -31.42 -9.08 58.04
CA TRP A 273 -31.52 -8.48 56.72
C TRP A 273 -30.15 -8.31 56.08
N ASP A 274 -30.15 -8.11 54.76
CA ASP A 274 -28.94 -7.70 54.07
C ASP A 274 -28.56 -6.30 54.52
N TRP A 275 -27.26 -6.02 54.57
CA TRP A 275 -26.76 -4.69 54.99
C TRP A 275 -25.35 -4.49 54.47
N GLU A 276 -24.91 -3.24 54.51
CA GLU A 276 -23.66 -2.83 53.92
C GLU A 276 -23.14 -1.61 54.63
N ALA A 277 -21.91 -1.70 55.08
CA ALA A 277 -21.24 -0.60 55.72
C ALA A 277 -20.19 -0.06 54.77
N CYS A 278 -20.05 1.25 54.76
CA CYS A 278 -19.04 1.90 53.94
C CYS A 278 -18.18 2.68 54.89
N MET A 279 -16.88 2.65 54.67
CA MET A 279 -15.98 3.31 55.61
C MET A 279 -14.93 4.14 54.90
N THR A 280 -14.50 5.19 55.60
CA THR A 280 -13.43 6.07 55.14
C THR A 280 -12.12 5.62 55.77
N ILE A 281 -11.01 5.98 55.14
CA ILE A 281 -9.70 5.59 55.62
C ILE A 281 -9.23 6.56 56.72
N PRO A 282 -9.30 7.88 56.47
CA PRO A 282 -9.19 8.80 57.59
C PRO A 282 -10.51 8.83 58.35
N GLU A 283 -10.60 9.70 59.36
CA GLU A 283 -11.79 9.72 60.19
C GLU A 283 -13.07 10.02 59.41
N ASN A 284 -13.04 11.07 58.59
CA ASN A 284 -14.26 11.53 57.89
C ASN A 284 -13.95 12.29 56.59
N GLN A 285 -13.14 11.68 55.74
CA GLN A 285 -12.82 12.24 54.41
C GLN A 285 -13.27 11.25 53.38
N TRP A 286 -14.26 11.63 52.57
CA TRP A 286 -14.71 10.78 51.46
C TRP A 286 -14.05 11.21 50.15
N GLY A 287 -14.25 12.47 49.76
CA GLY A 287 -13.55 13.07 48.63
C GLY A 287 -12.10 13.33 48.97
N TYR A 288 -11.27 13.58 47.95
CA TYR A 288 -9.86 13.92 48.14
C TYR A 288 -9.67 15.14 49.06
N HIS A 289 -8.93 14.92 50.16
CA HIS A 289 -8.47 16.01 51.02
C HIS A 289 -6.94 16.05 51.00
N LYS A 290 -6.38 17.23 50.74
CA LYS A 290 -4.92 17.36 50.64
C LYS A 290 -4.13 17.07 51.91
N ASP A 291 -4.75 17.22 53.08
CA ASP A 291 -3.99 17.07 54.33
C ASP A 291 -4.58 15.96 55.23
N TRP A 292 -3.97 14.79 55.17
CA TRP A 292 -4.42 13.62 55.95
C TRP A 292 -3.93 13.57 57.39
N SER A 293 -2.91 14.37 57.74
CA SER A 293 -2.41 14.42 59.14
C SER A 293 -3.39 15.13 60.09
N LEU A 294 -4.47 15.67 59.54
CA LEU A 294 -5.52 16.36 60.31
C LEU A 294 -6.47 15.46 61.14
N SER A 295 -6.43 14.16 60.91
CA SER A 295 -7.25 13.22 61.70
C SER A 295 -6.61 11.84 61.63
N TYR A 296 -7.20 10.89 62.34
CA TYR A 296 -6.60 9.58 62.43
C TYR A 296 -6.79 8.84 61.12
N VAL A 297 -5.70 8.30 60.59
CA VAL A 297 -5.73 7.45 59.40
C VAL A 297 -5.60 5.97 59.78
N LYS A 298 -6.59 5.17 59.43
CA LYS A 298 -6.56 3.74 59.78
C LYS A 298 -5.44 2.98 59.08
N THR A 299 -4.89 2.00 59.79
CA THR A 299 -3.91 1.06 59.25
C THR A 299 -4.65 -0.08 58.54
N PRO A 300 -3.90 -0.84 57.71
CA PRO A 300 -4.54 -1.94 56.99
C PRO A 300 -5.22 -2.96 57.89
N ILE A 301 -4.57 -3.36 58.99
CA ILE A 301 -5.22 -4.34 59.89
C ILE A 301 -6.52 -3.80 60.47
N GLU A 302 -6.53 -2.52 60.82
CA GLU A 302 -7.76 -1.92 61.35
C GLU A 302 -8.88 -1.94 60.31
N VAL A 303 -8.51 -1.75 59.04
CA VAL A 303 -9.53 -1.93 57.98
C VAL A 303 -9.94 -3.39 57.78
N ILE A 304 -8.96 -4.29 57.74
CA ILE A 304 -9.25 -5.73 57.61
C ILE A 304 -10.15 -6.23 58.76
N ASP A 305 -9.86 -5.75 59.97
CA ASP A 305 -10.72 -6.03 61.13
C ASP A 305 -12.17 -5.64 60.84
N ARG A 306 -12.39 -4.44 60.30
CA ARG A 306 -13.77 -3.97 59.98
C ARG A 306 -14.41 -4.81 58.88
N ILE A 307 -13.60 -5.18 57.88
CA ILE A 307 -14.08 -6.03 56.77
C ILE A 307 -14.62 -7.34 57.35
N VAL A 308 -13.79 -8.02 58.15
CA VAL A 308 -14.21 -9.29 58.74
C VAL A 308 -15.40 -9.16 59.70
N HIS A 309 -15.34 -8.16 60.58
CA HIS A 309 -16.47 -7.79 61.46
C HIS A 309 -17.82 -7.77 60.70
N ALA A 310 -17.87 -7.06 59.57
CA ALA A 310 -19.12 -6.93 58.79
C ALA A 310 -19.62 -8.27 58.29
N VAL A 311 -18.74 -9.03 57.65
CA VAL A 311 -19.11 -10.36 57.14
C VAL A 311 -19.56 -11.28 58.28
N SER A 312 -18.88 -11.23 59.43
CA SER A 312 -19.21 -12.12 60.55
C SER A 312 -20.63 -11.87 61.04
N MET A 313 -21.17 -10.71 60.68
CA MET A 313 -22.54 -10.35 61.09
C MET A 313 -23.48 -10.22 59.88
N GLY A 314 -23.08 -10.83 58.77
CA GLY A 314 -23.93 -10.95 57.60
C GLY A 314 -23.99 -9.70 56.75
N GLY A 315 -22.99 -8.84 56.86
CA GLY A 315 -22.96 -7.62 56.05
C GLY A 315 -21.81 -7.55 55.07
N ASN A 316 -21.94 -6.62 54.11
CA ASN A 316 -20.86 -6.26 53.22
C ASN A 316 -20.04 -5.12 53.83
N MET A 317 -18.82 -4.97 53.33
CA MET A 317 -17.97 -3.84 53.73
C MET A 317 -17.36 -3.16 52.50
N VAL A 318 -17.43 -1.83 52.48
CA VAL A 318 -16.94 -1.07 51.33
C VAL A 318 -15.90 -0.08 51.82
N VAL A 319 -14.67 -0.15 51.27
CA VAL A 319 -13.54 0.72 51.60
C VAL A 319 -13.43 1.89 50.59
N ASN A 320 -13.57 3.12 51.08
CA ASN A 320 -13.55 4.33 50.26
C ASN A 320 -12.18 4.84 49.86
N PHE A 321 -12.11 5.31 48.60
CA PHE A 321 -10.95 5.99 48.03
C PHE A 321 -11.36 7.36 47.49
N GLY A 322 -10.50 8.35 47.71
CA GLY A 322 -10.74 9.71 47.20
C GLY A 322 -9.68 10.09 46.18
N PRO A 323 -9.92 9.74 44.90
CA PRO A 323 -8.87 9.96 43.90
C PRO A 323 -8.43 11.42 43.77
N GLN A 324 -7.17 11.60 43.40
CA GLN A 324 -6.62 12.95 43.18
C GLN A 324 -7.26 13.65 42.00
N ALA A 325 -7.05 14.96 41.93
CA ALA A 325 -7.58 15.77 40.85
C ALA A 325 -7.02 15.33 39.51
N ASP A 326 -5.79 14.80 39.51
CA ASP A 326 -5.14 14.40 38.27
C ASP A 326 -5.54 12.99 37.75
N GLY A 327 -6.35 12.26 38.52
CA GLY A 327 -6.79 10.95 38.08
C GLY A 327 -5.98 9.79 38.63
N ASP A 328 -5.02 10.11 39.48
CA ASP A 328 -4.24 9.10 40.18
C ASP A 328 -4.70 8.99 41.66
N PHE A 329 -4.17 7.98 42.35
CA PHE A 329 -4.44 7.76 43.78
C PHE A 329 -3.23 8.11 44.64
N ARG A 330 -3.50 8.80 45.74
CA ARG A 330 -2.48 9.13 46.76
C ARG A 330 -1.77 7.87 47.29
N PRO A 331 -0.51 8.02 47.73
CA PRO A 331 0.34 6.93 48.21
C PRO A 331 -0.29 6.07 49.33
N GLU A 332 -1.03 6.69 50.25
CA GLU A 332 -1.59 5.91 51.36
C GLU A 332 -2.65 4.94 50.84
N GLU A 333 -3.38 5.36 49.81
CA GLU A 333 -4.47 4.54 49.25
C GLU A 333 -3.91 3.36 48.45
N LYS A 334 -2.85 3.59 47.66
CA LYS A 334 -2.17 2.48 46.97
C LYS A 334 -1.60 1.44 47.94
N ALA A 335 -0.96 1.91 49.01
CA ALA A 335 -0.42 0.99 50.04
C ALA A 335 -1.57 0.20 50.72
N MET A 336 -2.65 0.89 51.04
CA MET A 336 -3.82 0.27 51.64
C MET A 336 -4.42 -0.82 50.76
N ALA A 337 -4.64 -0.51 49.48
CA ALA A 337 -5.25 -1.46 48.52
C ALA A 337 -4.37 -2.70 48.38
N THR A 338 -3.07 -2.50 48.22
CA THR A 338 -2.08 -3.58 48.13
C THR A 338 -2.07 -4.44 49.39
N ALA A 339 -2.13 -3.79 50.55
CA ALA A 339 -2.10 -4.50 51.84
C ALA A 339 -3.33 -5.38 52.03
N ILE A 340 -4.50 -4.83 51.76
CA ILE A 340 -5.77 -5.59 51.83
C ILE A 340 -5.74 -6.74 50.84
N GLY A 341 -5.26 -6.44 49.62
CA GLY A 341 -5.18 -7.45 48.57
C GLY A 341 -4.34 -8.65 48.94
N LYS A 342 -3.24 -8.39 49.64
CA LYS A 342 -2.33 -9.47 50.02
C LYS A 342 -2.98 -10.36 51.08
N TRP A 343 -3.64 -9.74 52.04
CA TRP A 343 -4.29 -10.50 53.09
C TRP A 343 -5.48 -11.30 52.48
N MET A 344 -6.23 -10.67 51.58
CA MET A 344 -7.42 -11.30 51.00
C MET A 344 -7.04 -12.48 50.12
N ASN A 345 -5.88 -12.40 49.48
CA ASN A 345 -5.41 -13.46 48.62
C ASN A 345 -5.10 -14.72 49.42
N ARG A 346 -4.59 -14.52 50.63
CA ARG A 346 -4.27 -15.64 51.52
C ARG A 346 -5.49 -16.10 52.32
N TYR A 347 -6.28 -15.14 52.83
CA TYR A 347 -7.38 -15.50 53.75
C TYR A 347 -8.81 -15.28 53.26
N GLY A 348 -8.98 -14.81 52.02
CA GLY A 348 -10.30 -14.50 51.47
C GLY A 348 -11.38 -15.57 51.42
N LYS A 349 -11.02 -16.83 51.62
CA LYS A 349 -12.01 -17.90 51.74
C LYS A 349 -12.93 -17.71 52.97
N ALA A 350 -12.43 -17.01 53.98
CA ALA A 350 -13.22 -16.69 55.16
C ALA A 350 -14.01 -15.39 54.97
N VAL A 351 -13.90 -14.78 53.78
CA VAL A 351 -14.59 -13.50 53.51
C VAL A 351 -15.65 -13.60 52.38
N TYR A 352 -15.19 -13.90 51.17
CA TYR A 352 -16.08 -13.99 50.01
C TYR A 352 -17.08 -15.10 50.22
N ALA A 353 -18.34 -14.80 49.94
CA ALA A 353 -19.46 -15.71 50.07
C ALA A 353 -19.63 -16.26 51.49
N CYS A 354 -19.13 -15.55 52.50
CA CYS A 354 -19.34 -15.97 53.89
C CYS A 354 -20.46 -15.19 54.58
N ASP A 355 -20.84 -15.66 55.77
CA ASP A 355 -21.99 -15.10 56.45
C ASP A 355 -21.87 -15.36 57.97
N TYR A 356 -22.83 -14.84 58.73
CA TYR A 356 -22.97 -15.07 60.16
C TYR A 356 -23.03 -16.56 60.51
N ALA A 357 -22.27 -16.97 61.53
CA ALA A 357 -22.12 -18.39 61.84
C ALA A 357 -23.04 -18.85 62.97
N GLY A 358 -23.69 -17.90 63.65
CA GLY A 358 -24.58 -18.22 64.77
C GLY A 358 -23.90 -18.62 66.07
N PHE A 359 -22.61 -18.33 66.22
CA PHE A 359 -21.83 -18.66 67.43
C PHE A 359 -21.67 -17.39 68.23
N GLU A 360 -21.62 -17.52 69.56
CA GLU A 360 -21.40 -16.42 70.47
C GLU A 360 -20.03 -15.78 70.22
N LYS A 361 -20.01 -14.44 70.12
CA LYS A 361 -18.76 -13.71 69.92
C LYS A 361 -17.74 -14.03 71.02
N GLN A 362 -16.49 -14.31 70.61
CA GLN A 362 -15.35 -14.47 71.53
C GLN A 362 -14.30 -13.40 71.28
N ASP A 363 -13.45 -13.13 72.30
CA ASP A 363 -12.48 -11.99 72.23
C ASP A 363 -11.39 -12.08 71.16
N TRP A 364 -11.06 -13.28 70.73
CA TRP A 364 -9.87 -13.45 69.88
C TRP A 364 -10.09 -12.94 68.46
N GLY A 365 -11.34 -12.76 68.08
CA GLY A 365 -11.69 -12.32 66.72
C GLY A 365 -13.12 -12.68 66.35
N TYR A 366 -13.30 -13.18 65.14
CA TYR A 366 -14.64 -13.37 64.53
C TYR A 366 -14.77 -14.77 63.95
N TYR A 367 -16.01 -15.26 63.93
CA TYR A 367 -16.38 -16.40 63.14
C TYR A 367 -17.04 -15.95 61.84
N THR A 368 -16.72 -16.63 60.75
CA THR A 368 -17.55 -16.52 59.55
C THR A 368 -17.97 -17.91 59.11
N ARG A 369 -19.05 -17.99 58.32
CA ARG A 369 -19.57 -19.27 57.87
C ARG A 369 -19.56 -19.34 56.36
N GLY A 370 -18.97 -20.41 55.82
CA GLY A 370 -18.86 -20.63 54.37
C GLY A 370 -20.11 -21.27 53.79
N LYS A 371 -20.17 -21.37 52.46
CA LYS A 371 -21.37 -21.93 51.81
C LYS A 371 -21.58 -23.42 52.10
N ASN A 372 -20.47 -24.09 52.38
CA ASN A 372 -20.53 -25.49 52.75
C ASN A 372 -20.59 -25.75 54.25
N ASP A 373 -21.01 -24.74 54.99
CA ASP A 373 -21.05 -24.80 56.45
C ASP A 373 -19.70 -24.94 57.14
N GLU A 374 -18.63 -24.56 56.45
CA GLU A 374 -17.34 -24.33 57.09
C GLU A 374 -17.52 -23.21 58.11
N VAL A 375 -16.83 -23.30 59.24
CA VAL A 375 -16.83 -22.21 60.20
C VAL A 375 -15.40 -21.76 60.33
N TYR A 376 -15.12 -20.54 59.90
CA TYR A 376 -13.78 -19.99 59.97
C TYR A 376 -13.60 -19.19 61.24
N MET A 377 -12.50 -19.42 61.95
CA MET A 377 -12.08 -18.54 63.04
C MET A 377 -11.06 -17.57 62.51
N VAL A 378 -11.38 -16.29 62.63
CA VAL A 378 -10.48 -15.27 62.14
C VAL A 378 -9.95 -14.53 63.34
N VAL A 379 -8.67 -14.71 63.59
CA VAL A 379 -8.07 -14.32 64.86
C VAL A 379 -7.29 -13.04 64.71
N PHE A 380 -7.75 -12.02 65.42
CA PHE A 380 -7.12 -10.70 65.43
C PHE A 380 -6.34 -10.45 66.72
N ASN A 381 -6.73 -11.14 67.80
CA ASN A 381 -6.22 -10.87 69.15
C ASN A 381 -5.74 -12.20 69.75
N GLN A 382 -4.43 -12.36 69.71
CA GLN A 382 -3.81 -13.64 70.03
C GLN A 382 -3.75 -13.84 71.54
N PRO A 383 -4.43 -14.89 72.05
CA PRO A 383 -4.45 -15.09 73.53
C PRO A 383 -3.12 -15.55 74.10
N TYR A 384 -2.63 -14.89 75.15
CA TYR A 384 -1.49 -15.44 75.88
C TYR A 384 -1.74 -16.86 76.41
N SER A 385 -2.99 -17.20 76.71
CA SER A 385 -3.29 -18.58 77.14
C SER A 385 -2.95 -19.64 76.08
N GLU A 386 -2.72 -19.18 74.84
CA GLU A 386 -2.47 -20.08 73.70
C GLU A 386 -3.69 -20.94 73.36
N ARG A 387 -4.86 -20.50 73.81
CA ARG A 387 -6.09 -21.26 73.67
C ARG A 387 -7.16 -20.30 73.20
N LEU A 388 -7.81 -20.67 72.12
CA LEU A 388 -8.91 -19.90 71.55
C LEU A 388 -10.22 -20.51 71.98
N ILE A 389 -11.01 -19.80 72.80
CA ILE A 389 -12.25 -20.34 73.34
C ILE A 389 -13.30 -20.45 72.25
N VAL A 390 -13.95 -21.61 72.15
CA VAL A 390 -15.04 -21.77 71.20
C VAL A 390 -16.26 -22.33 71.89
N LYS A 391 -17.30 -21.51 72.02
CA LYS A 391 -18.59 -21.95 72.56
C LYS A 391 -19.60 -22.22 71.42
N THR A 392 -20.05 -23.47 71.31
CA THR A 392 -20.93 -23.85 70.19
C THR A 392 -22.38 -23.72 70.58
N PRO A 393 -23.28 -23.43 69.60
CA PRO A 393 -24.72 -23.53 69.87
C PRO A 393 -25.11 -24.97 70.28
N LYS A 394 -26.22 -25.10 71.01
CA LYS A 394 -26.73 -26.41 71.43
C LYS A 394 -26.87 -27.31 70.22
N GLY A 395 -26.34 -28.51 70.33
CA GLY A 395 -26.40 -29.48 69.25
C GLY A 395 -25.21 -29.50 68.30
N ILE A 396 -24.31 -28.52 68.40
CA ILE A 396 -23.17 -28.45 67.48
C ILE A 396 -21.88 -28.92 68.14
N THR A 397 -21.12 -29.74 67.42
CA THR A 397 -19.83 -30.19 67.90
C THR A 397 -18.76 -29.73 66.93
N VAL A 398 -17.57 -29.51 67.44
CA VAL A 398 -16.40 -29.25 66.62
C VAL A 398 -15.68 -30.58 66.38
N GLU A 399 -15.54 -30.98 65.12
CA GLU A 399 -14.94 -32.29 64.76
C GLU A 399 -13.47 -32.19 64.39
N LYS A 400 -13.04 -31.01 63.91
CA LYS A 400 -11.66 -30.80 63.45
C LYS A 400 -11.37 -29.32 63.33
N ALA A 401 -10.11 -28.95 63.50
CA ALA A 401 -9.65 -27.58 63.33
C ALA A 401 -8.40 -27.64 62.46
N THR A 402 -8.35 -26.77 61.46
CA THR A 402 -7.25 -26.77 60.48
C THR A 402 -6.79 -25.36 60.20
N LEU A 403 -5.47 -25.16 60.19
CA LEU A 403 -4.93 -23.88 59.80
C LEU A 403 -5.13 -23.72 58.29
N LEU A 404 -5.88 -22.70 57.89
CA LEU A 404 -6.24 -22.53 56.46
C LEU A 404 -5.06 -22.53 55.48
N THR A 405 -4.01 -21.79 55.79
CA THR A 405 -2.89 -21.58 54.88
C THR A 405 -2.01 -22.81 54.64
N THR A 406 -1.89 -23.70 55.63
CA THR A 406 -0.94 -24.81 55.54
C THR A 406 -1.63 -26.15 55.53
N GLY A 407 -2.86 -26.18 56.03
CA GLY A 407 -3.59 -27.45 56.17
C GLY A 407 -3.21 -28.22 57.43
N GLU A 408 -2.30 -27.67 58.23
CA GLU A 408 -1.87 -28.34 59.47
C GLU A 408 -2.99 -28.52 60.50
N ASP A 409 -2.98 -29.69 61.14
CA ASP A 409 -4.05 -30.04 62.09
C ASP A 409 -3.87 -29.26 63.38
N ILE A 410 -4.98 -28.83 63.99
CA ILE A 410 -4.94 -27.95 65.16
C ILE A 410 -5.65 -28.64 66.31
N THR A 411 -5.00 -28.71 67.48
CA THR A 411 -5.57 -29.45 68.62
C THR A 411 -6.85 -28.79 69.12
N VAL A 412 -7.87 -29.62 69.35
CA VAL A 412 -9.14 -29.17 69.87
C VAL A 412 -9.38 -29.93 71.17
N VAL A 413 -9.60 -29.21 72.29
CA VAL A 413 -9.87 -29.84 73.61
C VAL A 413 -11.27 -29.47 74.11
N GLU A 414 -12.12 -30.44 74.41
CA GLU A 414 -13.43 -30.15 75.01
C GLU A 414 -13.23 -29.79 76.49
N THR A 415 -13.70 -28.61 76.91
CA THR A 415 -13.45 -28.10 78.27
C THR A 415 -14.69 -28.25 79.17
N THR A 416 -15.85 -28.22 78.52
CA THR A 416 -17.14 -28.46 79.15
C THR A 416 -18.17 -28.75 78.05
N ARG A 417 -19.44 -28.99 78.39
CA ARG A 417 -20.44 -29.19 77.33
C ARG A 417 -20.51 -27.92 76.45
N ASN A 418 -20.48 -28.08 75.13
CA ASN A 418 -20.54 -26.93 74.20
C ASN A 418 -19.40 -25.88 74.33
N GLU A 419 -18.28 -26.26 74.90
CA GLU A 419 -17.15 -25.36 74.92
C GLU A 419 -15.86 -26.12 74.63
N TYR A 420 -15.01 -25.52 73.81
CA TYR A 420 -13.73 -26.13 73.46
C TYR A 420 -12.65 -25.09 73.55
N ASN A 421 -11.44 -25.55 73.84
CA ASN A 421 -10.21 -24.81 73.58
C ASN A 421 -9.62 -25.23 72.26
N VAL A 422 -9.58 -24.28 71.33
CA VAL A 422 -8.83 -24.48 70.08
C VAL A 422 -7.43 -23.91 70.25
N SER A 423 -6.42 -24.74 70.04
CA SER A 423 -5.05 -24.25 70.20
C SER A 423 -4.69 -23.23 69.15
N VAL A 424 -3.81 -22.30 69.51
CA VAL A 424 -3.18 -21.43 68.53
C VAL A 424 -2.20 -22.32 67.74
N PRO A 425 -1.82 -21.90 66.51
CA PRO A 425 -0.85 -22.67 65.72
C PRO A 425 0.52 -22.82 66.43
N LYS A 426 1.27 -23.87 66.09
CA LYS A 426 2.60 -24.09 66.66
C LYS A 426 3.50 -22.85 66.47
N LYS A 427 3.50 -22.26 65.27
CA LYS A 427 4.25 -21.01 65.02
C LYS A 427 3.26 -19.87 64.93
N ASN A 428 3.57 -18.76 65.58
CA ASN A 428 2.63 -17.62 65.57
C ASN A 428 2.50 -17.12 64.12
N PRO A 429 1.28 -17.06 63.58
CA PRO A 429 1.22 -16.59 62.18
C PRO A 429 1.71 -15.15 61.95
N GLY A 430 1.78 -14.33 63.01
CA GLY A 430 2.33 -12.97 62.92
C GLY A 430 1.44 -11.99 62.17
N GLU A 431 0.19 -12.37 61.88
CA GLU A 431 -0.79 -11.49 61.25
C GLU A 431 -2.14 -12.08 61.61
N PRO A 432 -3.25 -11.32 61.39
CA PRO A 432 -4.54 -11.98 61.57
C PRO A 432 -4.65 -13.21 60.68
N TYR A 433 -5.09 -14.33 61.26
CA TYR A 433 -5.04 -15.60 60.58
C TYR A 433 -6.35 -16.39 60.71
N VAL A 434 -6.51 -17.46 59.91
CA VAL A 434 -7.75 -18.24 59.89
C VAL A 434 -7.55 -19.71 60.26
N ILE A 435 -8.42 -20.19 61.16
CA ILE A 435 -8.52 -21.59 61.48
C ILE A 435 -9.88 -22.01 61.00
N GLN A 436 -9.91 -23.04 60.19
CA GLN A 436 -11.15 -23.54 59.65
C GLN A 436 -11.64 -24.71 60.50
N LEU A 437 -12.89 -24.65 60.94
CA LEU A 437 -13.46 -25.71 61.75
C LEU A 437 -14.39 -26.55 60.91
N LYS A 438 -14.33 -27.86 61.14
CA LYS A 438 -15.36 -28.76 60.67
C LYS A 438 -16.32 -28.91 61.84
N VAL A 439 -17.58 -28.60 61.62
CA VAL A 439 -18.58 -28.73 62.68
C VAL A 439 -19.64 -29.74 62.27
N ARG A 440 -20.43 -30.23 63.22
CA ARG A 440 -21.49 -31.22 62.93
C ARG A 440 -22.70 -31.07 63.84
N ALA A 441 -23.87 -31.50 63.34
CA ALA A 441 -25.11 -31.77 64.13
C ALA A 441 -24.97 -32.03 65.63
N GLU B 5 -50.88 18.79 1.85
CA GLU B 5 -50.03 17.56 2.00
C GLU B 5 -50.47 16.61 3.11
N ILE B 6 -49.96 15.40 3.06
CA ILE B 6 -50.40 14.31 3.95
C ILE B 6 -49.89 14.53 5.39
N PRO B 7 -50.82 14.46 6.38
CA PRO B 7 -50.47 14.58 7.80
C PRO B 7 -49.56 13.44 8.26
N LEU B 8 -48.41 13.79 8.80
CA LEU B 8 -47.40 12.80 9.19
C LEU B 8 -46.79 13.11 10.56
N LYS B 9 -46.70 12.07 11.39
CA LYS B 9 -46.01 12.14 12.67
C LYS B 9 -44.53 11.72 12.53
N TYR B 10 -44.23 10.89 11.53
CA TYR B 10 -42.89 10.25 11.42
C TYR B 10 -42.21 10.48 10.07
N GLY B 11 -42.56 11.58 9.41
CA GLY B 11 -41.94 11.97 8.17
C GLY B 11 -40.67 12.74 8.46
N ALA B 12 -40.25 13.53 7.48
CA ALA B 12 -38.95 14.20 7.50
C ALA B 12 -38.81 15.18 8.63
N THR B 13 -37.60 15.20 9.19
CA THR B 13 -37.27 16.06 10.33
C THR B 13 -36.49 17.27 9.83
N ASN B 14 -35.49 17.04 8.99
CA ASN B 14 -34.66 18.10 8.43
C ASN B 14 -35.45 18.82 7.32
N GLU B 15 -35.35 20.15 7.25
CA GLU B 15 -35.86 20.87 6.10
C GLU B 15 -34.94 20.64 4.90
N GLY B 16 -33.83 21.35 4.80
CA GLY B 16 -32.85 21.09 3.74
C GLY B 16 -31.62 20.39 4.32
N LYS B 17 -30.43 20.72 3.81
CA LYS B 17 -29.20 20.08 4.31
C LYS B 17 -28.86 20.58 5.71
N ARG B 18 -28.51 19.67 6.62
CA ARG B 18 -27.89 20.07 7.88
C ARG B 18 -26.60 20.85 7.60
N GLN B 19 -26.32 21.91 8.37
CA GLN B 19 -25.07 22.65 8.17
C GLN B 19 -24.26 22.87 9.48
N ASP B 20 -24.61 22.12 10.52
CA ASP B 20 -23.78 22.05 11.74
C ASP B 20 -22.42 21.45 11.36
N PRO B 21 -21.39 21.65 12.23
CA PRO B 21 -20.04 21.18 11.91
C PRO B 21 -19.91 19.65 11.73
N ALA B 22 -20.64 18.84 12.49
CA ALA B 22 -20.57 17.37 12.27
C ALA B 22 -21.07 16.97 10.86
N MET B 23 -22.18 17.55 10.40
CA MET B 23 -22.64 17.23 9.05
C MET B 23 -21.70 17.78 7.99
N GLN B 24 -21.18 18.98 8.21
CA GLN B 24 -20.16 19.51 7.30
C GLN B 24 -18.97 18.57 7.21
N LYS B 25 -18.58 18.00 8.36
CA LYS B 25 -17.45 17.04 8.39
C LYS B 25 -17.73 15.77 7.63
N PHE B 26 -18.92 15.23 7.82
CA PHE B 26 -19.41 14.01 7.17
C PHE B 26 -19.34 14.17 5.64
N ARG B 27 -19.85 15.32 5.20
CA ARG B 27 -19.83 15.71 3.80
C ARG B 27 -18.41 15.96 3.27
N ASP B 28 -17.61 16.78 3.95
CA ASP B 28 -16.28 17.15 3.44
C ASP B 28 -15.33 15.96 3.37
N ASN B 29 -15.53 14.98 4.24
CA ASN B 29 -14.76 13.73 4.16
C ASN B 29 -14.75 13.18 2.72
N ARG B 30 -15.94 13.15 2.11
CA ARG B 30 -16.22 12.66 0.72
C ARG B 30 -15.91 11.17 0.39
N LEU B 31 -14.69 10.74 0.68
CA LEU B 31 -14.28 9.34 0.40
C LEU B 31 -14.15 8.50 1.66
N GLY B 32 -14.92 7.42 1.71
CA GLY B 32 -14.82 6.46 2.79
C GLY B 32 -14.48 5.05 2.29
N ALA B 33 -14.22 4.16 3.25
CA ALA B 33 -14.11 2.73 2.96
C ALA B 33 -15.19 2.04 3.74
N PHE B 34 -15.70 0.95 3.18
CA PHE B 34 -16.61 0.07 3.89
C PHE B 34 -15.86 -1.23 4.27
N ILE B 35 -16.16 -1.75 5.46
CA ILE B 35 -15.68 -3.07 5.94
C ILE B 35 -16.91 -3.94 6.18
N HIS B 36 -17.04 -4.99 5.38
CA HIS B 36 -18.01 -6.05 5.61
C HIS B 36 -17.21 -7.24 6.13
N TRP B 37 -17.30 -7.47 7.44
CA TRP B 37 -16.57 -8.57 8.10
C TRP B 37 -17.52 -9.25 9.08
N GLY B 38 -17.69 -10.56 8.88
CA GLY B 38 -18.58 -11.39 9.68
C GLY B 38 -18.30 -12.87 9.48
N LEU B 39 -19.19 -13.74 9.99
CA LEU B 39 -18.92 -15.20 9.93
C LEU B 39 -18.81 -15.65 8.46
N TYR B 40 -19.53 -14.98 7.59
CA TYR B 40 -19.51 -15.26 6.16
C TYR B 40 -18.12 -15.25 5.54
N ALA B 41 -17.15 -14.55 6.14
CA ALA B 41 -15.78 -14.63 5.64
C ALA B 41 -15.11 -16.04 5.69
N ILE B 42 -15.56 -16.89 6.60
CA ILE B 42 -14.96 -18.24 6.81
C ILE B 42 -15.24 -19.16 5.61
N PRO B 43 -16.51 -19.45 5.32
CA PRO B 43 -16.81 -20.17 4.10
C PRO B 43 -16.45 -19.39 2.80
N GLY B 44 -16.55 -18.06 2.80
CA GLY B 44 -16.13 -17.27 1.64
C GLY B 44 -16.94 -17.60 0.39
N GLY B 45 -18.22 -17.83 0.57
CA GLY B 45 -19.13 -18.08 -0.54
C GLY B 45 -19.24 -19.52 -1.01
N GLU B 46 -18.52 -20.43 -0.34
CA GLU B 46 -18.55 -21.86 -0.63
C GLU B 46 -19.17 -22.62 0.52
N TRP B 47 -20.18 -23.43 0.23
CA TRP B 47 -20.79 -24.28 1.24
C TRP B 47 -20.87 -25.73 0.74
N ASN B 48 -20.23 -26.63 1.50
CA ASN B 48 -20.13 -28.05 1.13
C ASN B 48 -19.50 -28.26 -0.25
N GLY B 49 -18.35 -27.63 -0.47
CA GLY B 49 -17.60 -27.80 -1.71
C GLY B 49 -18.16 -27.07 -2.93
N LYS B 50 -19.28 -26.37 -2.78
CA LYS B 50 -19.87 -25.63 -3.89
C LYS B 50 -19.74 -24.13 -3.66
N VAL B 51 -19.09 -23.44 -4.61
CA VAL B 51 -19.02 -21.97 -4.62
C VAL B 51 -20.32 -21.40 -5.19
N TYR B 52 -21.00 -20.53 -4.45
CA TYR B 52 -22.24 -19.89 -4.93
C TYR B 52 -21.90 -18.53 -5.52
N GLY B 53 -22.62 -18.17 -6.60
CA GLY B 53 -22.39 -16.91 -7.30
C GLY B 53 -22.93 -15.71 -6.56
N GLY B 54 -23.93 -15.95 -5.71
CA GLY B 54 -24.57 -14.90 -4.90
C GLY B 54 -23.60 -14.20 -3.96
N ALA B 55 -23.98 -13.04 -3.43
CA ALA B 55 -23.11 -12.29 -2.51
C ALA B 55 -22.74 -13.17 -1.29
N ALA B 56 -21.45 -13.29 -1.00
CA ALA B 56 -20.94 -14.19 0.04
C ALA B 56 -21.57 -13.97 1.43
N GLU B 57 -21.84 -12.70 1.78
CA GLU B 57 -22.45 -12.38 3.08
C GLU B 57 -23.89 -12.87 3.18
N TRP B 58 -24.46 -13.22 2.03
CA TRP B 58 -25.80 -13.84 1.98
C TRP B 58 -25.74 -15.39 1.87
N LEU B 59 -24.57 -15.99 2.00
CA LEU B 59 -24.44 -17.46 1.84
C LEU B 59 -25.40 -18.32 2.69
N LYS B 60 -25.64 -17.92 3.94
CA LYS B 60 -26.67 -18.58 4.76
C LYS B 60 -28.02 -18.72 4.01
N SER B 61 -28.39 -17.67 3.27
CA SER B 61 -29.58 -17.69 2.45
C SER B 61 -29.44 -18.60 1.24
N TRP B 62 -28.37 -18.46 0.46
CA TRP B 62 -28.21 -19.22 -0.78
C TRP B 62 -28.13 -20.72 -0.52
N ALA B 63 -27.48 -21.10 0.57
CA ALA B 63 -27.23 -22.51 0.89
C ALA B 63 -28.24 -23.08 1.86
N LYS B 64 -29.27 -22.30 2.19
CA LYS B 64 -30.35 -22.74 3.07
C LYS B 64 -29.81 -23.32 4.37
N VAL B 65 -28.95 -22.55 5.03
CA VAL B 65 -28.29 -23.01 6.25
C VAL B 65 -29.06 -22.53 7.46
N PRO B 66 -29.57 -23.48 8.28
CA PRO B 66 -30.27 -23.13 9.53
C PRO B 66 -29.44 -22.22 10.44
N ALA B 67 -30.11 -21.38 11.23
CA ALA B 67 -29.45 -20.42 12.12
C ALA B 67 -28.43 -21.09 13.04
N ASP B 68 -28.85 -22.18 13.69
CA ASP B 68 -27.98 -22.91 14.61
C ASP B 68 -26.71 -23.40 13.92
N GLU B 69 -26.83 -23.93 12.71
CA GLU B 69 -25.65 -24.47 12.01
C GLU B 69 -24.73 -23.36 11.47
N TRP B 70 -25.33 -22.28 10.98
CA TRP B 70 -24.52 -21.15 10.48
C TRP B 70 -23.68 -20.55 11.62
N LEU B 71 -24.32 -20.36 12.76
CA LEU B 71 -23.71 -19.65 13.88
C LEU B 71 -22.58 -20.45 14.59
N LYS B 72 -22.58 -21.77 14.41
CA LYS B 72 -21.44 -22.59 14.82
C LYS B 72 -20.17 -22.19 14.12
N LEU B 73 -20.28 -21.41 13.04
CA LEU B 73 -19.07 -20.85 12.41
C LEU B 73 -18.26 -19.99 13.40
N MET B 74 -18.91 -19.54 14.46
CA MET B 74 -18.20 -18.88 15.57
C MET B 74 -17.02 -19.70 16.09
N ASP B 75 -17.17 -21.02 16.17
CA ASP B 75 -16.08 -21.88 16.64
C ASP B 75 -14.84 -21.76 15.79
N GLN B 76 -14.99 -21.32 14.55
CA GLN B 76 -13.81 -21.15 13.71
C GLN B 76 -13.34 -19.71 13.62
N TRP B 77 -14.01 -18.78 14.31
CA TRP B 77 -13.64 -17.36 14.23
C TRP B 77 -12.34 -17.10 14.97
N ASN B 78 -11.25 -17.03 14.23
CA ASN B 78 -9.96 -16.83 14.85
C ASN B 78 -9.01 -16.10 13.90
N PRO B 79 -9.30 -14.80 13.64
CA PRO B 79 -8.51 -14.09 12.63
C PRO B 79 -7.15 -13.73 13.15
N THR B 80 -6.24 -14.69 13.09
CA THR B 80 -4.91 -14.55 13.64
C THR B 80 -4.04 -13.41 13.08
N LYS B 81 -4.23 -13.01 11.82
CA LYS B 81 -3.41 -11.94 11.21
C LYS B 81 -3.94 -10.50 11.44
N PHE B 82 -5.10 -10.40 12.07
CA PHE B 82 -5.73 -9.10 12.36
C PHE B 82 -4.86 -8.18 13.19
N ASP B 83 -4.74 -6.96 12.72
CA ASP B 83 -3.95 -5.96 13.41
C ASP B 83 -4.67 -4.64 13.12
N ALA B 84 -5.38 -4.11 14.11
CA ALA B 84 -6.25 -2.96 13.85
C ALA B 84 -5.40 -1.78 13.36
N LYS B 85 -4.22 -1.61 13.95
CA LYS B 85 -3.31 -0.53 13.54
C LYS B 85 -2.94 -0.58 12.07
N LYS B 86 -2.74 -1.79 11.55
CA LYS B 86 -2.41 -1.98 10.13
C LYS B 86 -3.62 -1.76 9.24
N TRP B 87 -4.81 -2.06 9.76
CA TRP B 87 -6.04 -1.74 9.02
C TRP B 87 -6.18 -0.22 8.90
N ALA B 88 -5.97 0.48 10.02
CA ALA B 88 -6.01 1.94 10.05
C ALA B 88 -4.99 2.58 9.12
N LYS B 89 -3.77 2.06 9.11
CA LYS B 89 -2.77 2.51 8.18
C LYS B 89 -3.16 2.32 6.72
N MET B 90 -3.75 1.17 6.39
CA MET B 90 -4.21 0.91 5.04
C MET B 90 -5.22 1.97 4.60
N ALA B 91 -6.20 2.22 5.48
CA ALA B 91 -7.24 3.20 5.21
C ALA B 91 -6.63 4.55 5.00
N LYS B 92 -5.70 4.94 5.89
CA LYS B 92 -5.03 6.22 5.73
C LYS B 92 -4.26 6.32 4.40
N GLU B 93 -3.56 5.25 4.01
CA GLU B 93 -2.74 5.31 2.79
C GLU B 93 -3.62 5.41 1.55
N MET B 94 -4.83 4.84 1.64
CA MET B 94 -5.82 4.89 0.56
C MET B 94 -6.40 6.29 0.38
N GLY B 95 -6.23 7.14 1.39
CA GLY B 95 -6.81 8.48 1.43
C GLY B 95 -8.27 8.56 1.87
N THR B 96 -8.77 7.51 2.52
CA THR B 96 -10.13 7.56 3.04
C THR B 96 -10.16 8.46 4.30
N LYS B 97 -11.26 9.15 4.50
CA LYS B 97 -11.38 10.04 5.63
C LYS B 97 -12.26 9.42 6.69
N TYR B 98 -12.91 8.32 6.31
CA TYR B 98 -13.84 7.59 7.17
C TYR B 98 -14.00 6.15 6.73
N VAL B 99 -14.35 5.30 7.69
CA VAL B 99 -14.64 3.92 7.46
C VAL B 99 -15.96 3.55 8.10
N LYS B 100 -16.80 2.85 7.32
CA LYS B 100 -18.06 2.33 7.78
C LYS B 100 -17.86 0.84 8.08
N ILE B 101 -18.29 0.39 9.26
CA ILE B 101 -17.98 -0.97 9.68
C ILE B 101 -19.24 -1.76 9.97
N THR B 102 -19.32 -2.98 9.43
CA THR B 102 -20.43 -3.88 9.81
C THR B 102 -20.33 -4.28 11.29
N THR B 103 -21.14 -3.66 12.16
CA THR B 103 -21.17 -4.06 13.59
C THR B 103 -21.88 -5.41 13.77
N LYS B 104 -22.94 -5.60 12.98
CA LYS B 104 -23.73 -6.82 12.94
C LYS B 104 -24.41 -6.84 11.57
N HIS B 105 -24.09 -7.84 10.75
CA HIS B 105 -24.74 -7.98 9.44
C HIS B 105 -26.01 -8.83 9.61
N HIS B 106 -26.66 -9.27 8.51
CA HIS B 106 -27.94 -10.03 8.64
C HIS B 106 -27.84 -11.29 9.50
N GLU B 107 -26.71 -11.99 9.42
CA GLU B 107 -26.45 -13.21 10.19
C GLU B 107 -26.57 -13.01 11.72
N GLY B 108 -26.34 -11.79 12.19
CA GLY B 108 -26.62 -11.41 13.57
C GLY B 108 -25.45 -11.56 14.53
N PHE B 109 -24.31 -11.97 13.99
CA PHE B 109 -23.06 -12.08 14.74
C PHE B 109 -22.46 -10.67 14.95
N CYS B 110 -22.29 -10.30 16.21
CA CYS B 110 -21.80 -8.97 16.58
C CYS B 110 -20.27 -8.89 16.65
N LEU B 111 -19.69 -7.87 16.04
CA LEU B 111 -18.25 -7.63 16.10
C LEU B 111 -17.80 -6.94 17.41
N TRP B 112 -18.75 -6.69 18.32
CA TRP B 112 -18.43 -6.13 19.62
C TRP B 112 -19.11 -7.04 20.64
N PRO B 113 -18.58 -7.12 21.87
CA PRO B 113 -19.16 -8.08 22.85
C PRO B 113 -20.49 -7.61 23.47
N SER B 114 -21.54 -7.64 22.65
CA SER B 114 -22.87 -7.24 23.11
C SER B 114 -23.35 -8.07 24.31
N LYS B 115 -23.96 -7.36 25.24
CA LYS B 115 -24.56 -7.94 26.45
C LYS B 115 -25.88 -8.62 26.10
N TYR B 116 -26.40 -8.37 24.90
CA TYR B 116 -27.77 -8.77 24.55
C TYR B 116 -27.92 -10.04 23.69
N THR B 117 -26.80 -10.65 23.31
CA THR B 117 -26.83 -11.92 22.61
C THR B 117 -25.53 -12.67 22.85
N LYS B 118 -25.60 -13.99 22.71
CA LYS B 118 -24.42 -14.84 22.81
C LYS B 118 -23.64 -14.94 21.51
N TYR B 119 -24.21 -14.46 20.41
CA TYR B 119 -23.58 -14.56 19.10
C TYR B 119 -22.68 -13.35 18.87
N THR B 120 -21.56 -13.32 19.59
CA THR B 120 -20.63 -12.18 19.49
C THR B 120 -19.21 -12.67 19.42
N VAL B 121 -18.29 -11.73 19.11
CA VAL B 121 -16.87 -11.99 19.19
C VAL B 121 -16.38 -12.57 20.53
N ALA B 122 -17.07 -12.22 21.61
CA ALA B 122 -16.68 -12.68 22.95
C ALA B 122 -16.70 -14.21 23.04
N ASN B 123 -17.59 -14.84 22.29
CA ASN B 123 -17.80 -16.29 22.35
C ASN B 123 -17.18 -17.06 21.20
N THR B 124 -16.02 -16.63 20.77
CA THR B 124 -15.26 -17.26 19.70
C THR B 124 -13.89 -17.52 20.28
N PRO B 125 -13.05 -18.32 19.60
CA PRO B 125 -11.66 -18.51 20.05
C PRO B 125 -10.87 -17.19 20.17
N TYR B 126 -11.19 -16.20 19.34
CA TYR B 126 -10.44 -14.94 19.32
C TYR B 126 -10.81 -14.03 20.51
N LYS B 127 -12.07 -14.10 20.95
CA LYS B 127 -12.57 -13.40 22.15
C LYS B 127 -12.59 -11.85 22.12
N ARG B 128 -11.60 -11.24 21.46
CA ARG B 128 -11.36 -9.78 21.54
C ARG B 128 -12.42 -8.94 20.84
N ASP B 129 -12.62 -7.74 21.38
CA ASP B 129 -13.59 -6.77 20.87
C ASP B 129 -13.06 -6.14 19.56
N ILE B 130 -13.35 -6.79 18.44
CA ILE B 130 -12.87 -6.29 17.13
C ILE B 130 -13.34 -4.86 16.87
N LEU B 131 -14.63 -4.60 17.08
CA LEU B 131 -15.17 -3.26 16.80
C LEU B 131 -14.41 -2.18 17.60
N GLY B 132 -14.24 -2.43 18.90
CA GLY B 132 -13.52 -1.50 19.77
C GLY B 132 -12.11 -1.23 19.32
N GLU B 133 -11.39 -2.29 18.94
CA GLU B 133 -10.03 -2.15 18.41
C GLU B 133 -9.96 -1.31 17.13
N LEU B 134 -10.94 -1.49 16.25
CA LEU B 134 -10.94 -0.71 15.01
C LEU B 134 -11.26 0.76 15.27
N VAL B 135 -12.24 1.00 16.13
CA VAL B 135 -12.69 2.37 16.45
C VAL B 135 -11.45 3.15 16.93
N LYS B 136 -10.72 2.60 17.90
CA LYS B 136 -9.49 3.25 18.39
C LYS B 136 -8.42 3.46 17.30
N ALA B 137 -8.08 2.40 16.55
CA ALA B 137 -7.03 2.50 15.55
C ALA B 137 -7.37 3.52 14.46
N TYR B 138 -8.59 3.43 13.89
CA TYR B 138 -9.05 4.43 12.90
C TYR B 138 -8.99 5.84 13.50
N ASN B 139 -9.63 6.03 14.66
CA ASN B 139 -9.61 7.34 15.33
C ASN B 139 -8.20 7.89 15.57
N ASP B 140 -7.26 7.04 15.99
CA ASP B 140 -5.85 7.44 16.18
C ASP B 140 -5.19 7.97 14.91
N GLU B 141 -5.66 7.52 13.75
CA GLU B 141 -5.21 8.04 12.45
C GLU B 141 -6.00 9.28 11.98
N GLY B 142 -6.90 9.80 12.81
CA GLY B 142 -7.78 10.91 12.41
C GLY B 142 -8.85 10.53 11.39
N ILE B 143 -9.26 9.25 11.39
CA ILE B 143 -10.29 8.71 10.49
C ILE B 143 -11.57 8.51 11.31
N ASP B 144 -12.69 9.07 10.84
CA ASP B 144 -13.98 8.91 11.52
C ASP B 144 -14.52 7.50 11.30
N VAL B 145 -15.30 7.01 12.26
CA VAL B 145 -15.92 5.69 12.15
C VAL B 145 -17.42 5.84 12.14
N HIS B 146 -18.02 5.14 11.17
CA HIS B 146 -19.47 5.02 10.99
C HIS B 146 -19.86 3.56 11.25
N PHE B 147 -21.01 3.34 11.88
CA PHE B 147 -21.43 1.97 12.12
C PHE B 147 -22.51 1.52 11.17
N TYR B 148 -22.23 0.49 10.38
CA TYR B 148 -23.29 -0.30 9.72
C TYR B 148 -24.02 -1.08 10.81
N PHE B 149 -25.35 -1.14 10.72
CA PHE B 149 -26.18 -1.97 11.61
C PHE B 149 -27.35 -2.56 10.82
N SER B 150 -27.42 -3.90 10.76
CA SER B 150 -28.59 -4.59 10.19
C SER B 150 -29.72 -4.75 11.21
N VAL B 151 -30.89 -4.21 10.89
CA VAL B 151 -32.06 -4.40 11.74
C VAL B 151 -32.51 -5.84 11.62
N MET B 152 -32.68 -6.30 10.38
CA MET B 152 -32.94 -7.71 10.09
C MET B 152 -31.85 -8.58 10.72
N ASP B 153 -32.29 -9.62 11.44
CA ASP B 153 -31.37 -10.42 12.25
C ASP B 153 -31.84 -11.87 12.23
N TRP B 154 -31.05 -12.69 11.54
CA TRP B 154 -31.38 -14.08 11.28
C TRP B 154 -31.07 -14.99 12.46
N SER B 155 -30.49 -14.42 13.51
CA SER B 155 -30.16 -15.20 14.72
C SER B 155 -31.29 -15.16 15.77
N ASN B 156 -32.19 -14.19 15.62
CA ASN B 156 -33.24 -13.94 16.60
C ASN B 156 -34.63 -14.34 16.09
N PRO B 157 -35.26 -15.34 16.76
CA PRO B 157 -36.61 -15.82 16.39
C PRO B 157 -37.71 -14.76 16.42
N ASP B 158 -37.51 -13.69 17.16
CA ASP B 158 -38.53 -12.65 17.25
C ASP B 158 -38.60 -11.76 16.02
N TYR B 159 -37.61 -11.87 15.15
CA TYR B 159 -37.63 -11.09 13.90
C TYR B 159 -38.80 -11.56 13.09
N ARG B 160 -39.47 -10.60 12.45
CA ARG B 160 -40.56 -10.88 11.50
C ARG B 160 -40.33 -10.15 10.18
N TYR B 161 -40.81 -10.75 9.08
CA TYR B 161 -40.67 -10.13 7.73
C TYR B 161 -41.88 -9.27 7.44
N ASP B 162 -42.97 -9.56 8.16
CA ASP B 162 -44.23 -8.85 8.04
C ASP B 162 -45.02 -9.04 9.35
N ILE B 163 -46.01 -8.19 9.56
CA ILE B 163 -46.91 -8.21 10.72
C ILE B 163 -48.29 -8.48 10.18
N LYS B 164 -48.76 -9.71 10.35
CA LYS B 164 -50.09 -10.10 9.87
C LYS B 164 -50.90 -10.71 11.00
N SER B 165 -50.39 -10.58 12.23
CA SER B 165 -51.12 -11.06 13.40
C SER B 165 -50.63 -10.38 14.67
N LYS B 166 -51.44 -10.51 15.72
CA LYS B 166 -51.09 -10.02 17.04
C LYS B 166 -49.80 -10.69 17.49
N GLU B 167 -49.66 -11.98 17.16
CA GLU B 167 -48.45 -12.71 17.48
C GLU B 167 -47.22 -12.04 16.87
N ASP B 168 -47.27 -11.77 15.57
CA ASP B 168 -46.16 -11.13 14.88
C ASP B 168 -45.82 -9.82 15.58
N SER B 169 -46.87 -9.08 15.91
CA SER B 169 -46.76 -7.77 16.49
C SER B 169 -46.03 -7.82 17.85
N ILE B 170 -46.39 -8.81 18.68
CA ILE B 170 -45.75 -9.02 19.97
C ILE B 170 -44.27 -9.45 19.83
N ALA B 171 -44.01 -10.43 18.99
CA ALA B 171 -42.63 -10.84 18.75
C ALA B 171 -41.81 -9.65 18.23
N PHE B 172 -42.35 -8.93 17.25
CA PHE B 172 -41.59 -7.82 16.66
C PHE B 172 -41.28 -6.72 17.68
N SER B 173 -42.23 -6.48 18.56
CA SER B 173 -42.08 -5.52 19.63
C SER B 173 -40.88 -5.90 20.53
N ARG B 174 -40.78 -7.18 20.85
CA ARG B 174 -39.65 -7.74 21.61
C ARG B 174 -38.36 -7.59 20.83
N PHE B 175 -38.40 -7.93 19.54
CA PHE B 175 -37.28 -7.75 18.65
C PHE B 175 -36.81 -6.29 18.63
N LEU B 176 -37.75 -5.35 18.55
CA LEU B 176 -37.40 -3.92 18.49
C LEU B 176 -36.80 -3.42 19.81
N GLU B 177 -37.12 -4.08 20.93
CA GLU B 177 -36.54 -3.71 22.22
C GLU B 177 -35.10 -4.20 22.27
N PHE B 178 -34.89 -5.40 21.76
CA PHE B 178 -33.58 -6.02 21.65
C PHE B 178 -32.69 -5.13 20.75
N THR B 179 -33.25 -4.72 19.60
CA THR B 179 -32.55 -3.83 18.69
C THR B 179 -32.14 -2.50 19.34
N ASP B 180 -33.08 -1.88 20.06
CA ASP B 180 -32.85 -0.63 20.78
C ASP B 180 -31.72 -0.78 21.79
N ASN B 181 -31.75 -1.91 22.53
CA ASN B 181 -30.71 -2.28 23.49
C ASN B 181 -29.33 -2.35 22.86
N GLN B 182 -29.22 -3.03 21.72
CA GLN B 182 -27.97 -3.06 20.96
C GLN B 182 -27.51 -1.69 20.47
N LEU B 183 -28.45 -0.88 19.96
CA LEU B 183 -28.13 0.46 19.45
C LEU B 183 -27.61 1.40 20.55
N LYS B 184 -28.32 1.44 21.68
CA LYS B 184 -27.92 2.30 22.80
C LYS B 184 -26.55 1.81 23.29
N GLU B 185 -26.36 0.50 23.26
CA GLU B 185 -25.10 -0.10 23.68
C GLU B 185 -23.94 0.37 22.80
N LEU B 186 -24.11 0.31 21.48
CA LEU B 186 -23.12 0.84 20.55
C LEU B 186 -22.88 2.33 20.77
N ALA B 187 -23.95 3.09 20.89
CA ALA B 187 -23.83 4.54 21.02
C ALA B 187 -23.10 4.97 22.29
N THR B 188 -23.30 4.25 23.39
CA THR B 188 -22.63 4.63 24.65
C THR B 188 -21.26 3.96 24.86
N ARG B 189 -21.06 2.75 24.36
CA ARG B 189 -19.72 2.12 24.38
C ARG B 189 -18.72 2.82 23.50
N TYR B 190 -19.17 3.28 22.33
CA TYR B 190 -18.30 3.87 21.34
C TYR B 190 -18.77 5.30 20.95
N PRO B 191 -18.66 6.26 21.91
CA PRO B 191 -19.20 7.61 21.71
C PRO B 191 -18.56 8.45 20.59
N THR B 192 -17.41 8.01 20.05
CA THR B 192 -16.79 8.67 18.88
C THR B 192 -17.44 8.31 17.52
N VAL B 193 -18.42 7.41 17.52
CA VAL B 193 -19.18 7.05 16.28
C VAL B 193 -19.82 8.30 15.67
N LYS B 194 -19.72 8.43 14.35
CA LYS B 194 -20.19 9.64 13.68
C LYS B 194 -21.47 9.43 12.88
N ASP B 195 -21.85 8.18 12.72
CA ASP B 195 -22.92 7.81 11.79
C ASP B 195 -23.43 6.41 12.11
N PHE B 196 -24.74 6.22 12.04
CA PHE B 196 -25.33 4.88 11.99
C PHE B 196 -25.97 4.70 10.63
N TRP B 197 -25.57 3.63 9.94
CA TRP B 197 -25.97 3.37 8.56
C TRP B 197 -26.74 2.06 8.63
N PHE B 198 -28.05 2.20 8.66
CA PHE B 198 -28.97 1.09 8.77
C PHE B 198 -29.17 0.35 7.45
N ASP B 199 -29.29 -0.97 7.58
CA ASP B 199 -29.52 -1.88 6.48
C ASP B 199 -30.50 -2.97 6.97
N GLY B 200 -31.08 -3.73 6.05
CA GLY B 200 -32.08 -4.74 6.41
C GLY B 200 -33.29 -4.09 7.10
N THR B 201 -33.76 -3.00 6.52
CA THR B 201 -34.91 -2.25 7.02
C THR B 201 -36.00 -2.16 5.94
N TRP B 202 -35.89 -2.98 4.90
CA TRP B 202 -36.79 -2.91 3.73
C TRP B 202 -38.08 -3.73 3.93
N ASP B 203 -38.07 -4.65 4.89
CA ASP B 203 -39.21 -5.55 5.09
C ASP B 203 -40.50 -4.87 5.54
N ALA B 204 -41.62 -5.51 5.21
CA ALA B 204 -42.94 -4.97 5.52
C ALA B 204 -43.09 -4.73 7.02
N SER B 205 -42.39 -5.54 7.81
CA SER B 205 -42.44 -5.42 9.26
C SER B 205 -41.95 -4.04 9.69
N VAL B 206 -40.83 -3.61 9.09
CA VAL B 206 -40.24 -2.34 9.41
C VAL B 206 -41.10 -1.20 8.89
N LYS B 207 -41.66 -1.37 7.70
CA LYS B 207 -42.50 -0.36 7.06
C LYS B 207 -43.74 -0.04 7.88
N LYS B 208 -44.31 -1.08 8.49
CA LYS B 208 -45.48 -0.97 9.37
C LYS B 208 -45.13 -0.38 10.70
N ASN B 209 -43.84 -0.21 10.97
CA ASN B 209 -43.39 0.42 12.22
C ASN B 209 -42.52 1.67 11.98
N GLY B 210 -43.00 2.55 11.11
CA GLY B 210 -42.35 3.85 10.84
C GLY B 210 -42.01 4.64 12.10
N TRP B 211 -42.95 4.64 13.06
CA TRP B 211 -42.74 5.26 14.36
C TRP B 211 -41.39 4.84 14.97
N TRP B 212 -41.10 3.55 14.87
CA TRP B 212 -39.89 3.02 15.48
C TRP B 212 -38.64 3.59 14.82
N THR B 213 -38.65 3.72 13.50
CA THR B 213 -37.47 4.20 12.76
C THR B 213 -37.22 5.67 13.11
N ALA B 214 -38.29 6.43 13.29
CA ALA B 214 -38.16 7.82 13.74
C ALA B 214 -37.64 7.90 15.18
N HIS B 215 -38.15 7.04 16.04
CA HIS B 215 -37.67 6.94 17.42
C HIS B 215 -36.19 6.48 17.47
N ALA B 216 -35.82 5.52 16.62
CA ALA B 216 -34.42 5.07 16.59
C ALA B 216 -33.47 6.22 16.23
N GLU B 217 -33.86 7.02 15.23
CA GLU B 217 -33.08 8.19 14.81
C GLU B 217 -33.00 9.23 15.91
N GLN B 218 -34.14 9.56 16.54
CA GLN B 218 -34.13 10.49 17.66
C GLN B 218 -33.28 9.97 18.85
N MET B 219 -33.45 8.69 19.17
CA MET B 219 -32.78 8.05 20.30
C MET B 219 -31.27 8.20 20.12
N LEU B 220 -30.77 7.92 18.92
CA LEU B 220 -29.35 8.01 18.66
C LEU B 220 -28.84 9.46 18.60
N LYS B 221 -29.63 10.37 18.03
CA LYS B 221 -29.18 11.77 18.00
C LYS B 221 -29.09 12.33 19.42
N GLU B 222 -29.95 11.84 20.31
CA GLU B 222 -29.88 12.25 21.72
C GLU B 222 -28.67 11.70 22.44
N LEU B 223 -28.24 10.50 22.05
CA LEU B 223 -27.08 9.87 22.68
C LEU B 223 -25.73 10.31 22.09
N VAL B 224 -25.70 10.69 20.82
CA VAL B 224 -24.45 11.03 20.16
C VAL B 224 -24.66 12.37 19.47
N PRO B 225 -24.19 13.47 20.11
CA PRO B 225 -24.38 14.82 19.51
C PRO B 225 -23.78 14.88 18.11
N GLY B 226 -24.57 15.38 17.16
CA GLY B 226 -24.13 15.56 15.77
C GLY B 226 -24.05 14.28 14.92
N VAL B 227 -24.50 13.15 15.47
CA VAL B 227 -24.49 11.91 14.70
C VAL B 227 -25.33 12.04 13.42
N ALA B 228 -24.86 11.41 12.35
CA ALA B 228 -25.59 11.27 11.08
C ALA B 228 -26.35 9.95 11.06
N ILE B 229 -27.49 9.95 10.37
CA ILE B 229 -28.37 8.79 10.28
C ILE B 229 -28.84 8.70 8.82
N ASN B 230 -28.67 7.54 8.19
CA ASN B 230 -29.08 7.39 6.78
C ASN B 230 -30.60 7.25 6.54
N SER B 231 -31.01 7.59 5.31
CA SER B 231 -32.43 7.56 4.90
C SER B 231 -32.99 6.14 4.88
N ARG B 232 -32.10 5.17 4.66
CA ARG B 232 -32.48 3.76 4.51
C ARG B 232 -33.10 3.20 5.79
N LEU B 233 -32.76 3.79 6.92
CA LEU B 233 -33.41 3.47 8.18
C LEU B 233 -34.92 3.71 8.10
N ARG B 234 -35.29 4.84 7.49
CA ARG B 234 -36.54 5.53 7.82
C ARG B 234 -37.74 5.11 6.97
N ALA B 235 -38.85 4.86 7.65
CA ALA B 235 -40.14 4.74 7.01
C ALA B 235 -41.08 5.72 7.73
N ASP B 236 -42.04 6.27 7.00
CA ASP B 236 -43.01 7.17 7.61
C ASP B 236 -44.28 6.44 8.11
N ASP B 237 -45.30 7.22 8.51
CA ASP B 237 -46.56 6.69 9.03
C ASP B 237 -47.25 5.75 8.03
N LYS B 238 -46.97 5.93 6.74
CA LYS B 238 -47.63 5.15 5.68
C LYS B 238 -46.78 4.00 5.20
N GLY B 239 -45.57 3.87 5.74
CA GLY B 239 -44.64 2.80 5.30
C GLY B 239 -43.76 3.16 4.14
N LYS B 240 -43.80 4.42 3.73
CA LYS B 240 -43.00 4.88 2.58
C LYS B 240 -41.56 5.15 3.09
N ARG B 241 -40.58 4.60 2.38
CA ARG B 241 -39.18 4.59 2.82
C ARG B 241 -38.25 5.59 2.09
N HIS B 242 -37.21 6.03 2.82
CA HIS B 242 -36.22 7.05 2.37
C HIS B 242 -36.78 8.46 2.30
N PHE B 243 -37.78 8.67 1.45
CA PHE B 243 -38.46 9.97 1.33
C PHE B 243 -39.86 9.74 1.82
N ASP B 244 -40.39 10.65 2.63
CA ASP B 244 -41.73 10.49 3.21
C ASP B 244 -42.82 10.71 2.15
N SER B 245 -44.09 10.54 2.56
CA SER B 245 -45.21 10.63 1.63
C SER B 245 -45.42 12.03 1.06
N ASN B 246 -44.71 13.01 1.60
CA ASN B 246 -44.70 14.35 1.02
C ASN B 246 -43.46 14.63 0.13
N GLY B 247 -42.67 13.61 -0.14
CA GLY B 247 -41.49 13.79 -0.98
C GLY B 247 -40.24 14.29 -0.26
N ARG B 248 -40.27 14.38 1.07
CA ARG B 248 -39.13 14.95 1.79
C ARG B 248 -38.19 13.87 2.33
N LEU B 249 -36.89 14.07 2.13
CA LEU B 249 -35.90 13.10 2.59
C LEU B 249 -35.98 12.91 4.11
N MET B 250 -35.97 11.66 4.55
CA MET B 250 -35.86 11.35 6.00
C MET B 250 -34.40 10.96 6.36
N GLY B 251 -34.06 11.05 7.65
CA GLY B 251 -32.66 10.96 8.09
C GLY B 251 -31.88 12.15 7.55
N ASP B 252 -30.56 12.01 7.48
CA ASP B 252 -29.73 13.20 7.23
C ASP B 252 -29.11 13.25 5.84
N TYR B 253 -29.12 12.09 5.17
CA TYR B 253 -28.63 11.98 3.82
C TYR B 253 -29.28 10.78 3.15
N GLU B 254 -29.35 10.84 1.83
CA GLU B 254 -29.88 9.73 1.07
C GLU B 254 -28.79 8.67 0.90
N SER B 255 -29.07 7.44 1.34
CA SER B 255 -28.13 6.33 1.16
C SER B 255 -28.67 5.39 0.13
N GLY B 256 -27.93 5.22 -0.95
CA GLY B 256 -28.35 4.34 -2.03
C GLY B 256 -27.32 4.29 -3.15
N TYR B 257 -27.82 4.11 -4.36
CA TYR B 257 -26.98 4.17 -5.56
C TYR B 257 -25.91 3.05 -5.63
N GLU B 258 -26.11 1.96 -4.88
CA GLU B 258 -25.16 0.82 -4.89
C GLU B 258 -25.01 0.20 -6.28
N ARG B 259 -26.08 0.18 -7.04
CA ARG B 259 -26.05 -0.43 -8.37
C ARG B 259 -25.91 0.58 -9.53
N ARG B 260 -26.21 1.84 -9.24
CA ARG B 260 -26.46 2.88 -10.24
C ARG B 260 -26.17 4.27 -9.67
N LEU B 261 -25.11 4.95 -10.09
CA LEU B 261 -24.93 6.36 -9.68
C LEU B 261 -25.92 7.32 -10.38
N PRO B 262 -26.26 8.45 -9.73
CA PRO B 262 -27.15 9.42 -10.41
C PRO B 262 -26.56 9.89 -11.73
N ASP B 263 -27.40 9.96 -12.76
CA ASP B 263 -26.99 10.34 -14.10
C ASP B 263 -26.58 11.81 -14.07
N PRO B 264 -25.37 12.11 -14.58
CA PRO B 264 -24.89 13.49 -14.50
C PRO B 264 -25.69 14.51 -15.32
N VAL B 265 -26.62 14.05 -16.17
CA VAL B 265 -27.44 14.97 -16.97
C VAL B 265 -28.89 15.05 -16.47
N LYS B 266 -29.48 13.90 -16.15
CA LYS B 266 -30.90 13.77 -15.84
C LYS B 266 -31.22 13.73 -14.34
N ASP B 267 -30.21 13.55 -13.49
CA ASP B 267 -30.50 13.35 -12.08
C ASP B 267 -30.02 14.49 -11.19
N LEU B 268 -30.01 15.73 -11.71
CA LEU B 268 -29.46 16.84 -10.94
C LEU B 268 -30.20 17.14 -9.62
N LYS B 269 -31.44 16.65 -9.51
CA LYS B 269 -32.23 16.81 -8.27
C LYS B 269 -31.41 16.39 -7.03
N VAL B 270 -30.53 15.39 -7.15
CA VAL B 270 -29.80 14.85 -5.99
C VAL B 270 -28.90 15.89 -5.33
N THR B 271 -28.46 16.87 -6.12
CA THR B 271 -27.60 17.90 -5.60
C THR B 271 -28.31 18.72 -4.51
N GLN B 272 -29.62 18.52 -4.37
CA GLN B 272 -30.40 19.27 -3.40
C GLN B 272 -30.32 18.72 -1.97
N TRP B 273 -29.76 17.52 -1.80
CA TRP B 273 -29.65 16.93 -0.47
C TRP B 273 -28.34 16.20 -0.35
N ASP B 274 -27.91 15.98 0.90
CA ASP B 274 -26.70 15.20 1.11
C ASP B 274 -27.00 13.77 0.68
N TRP B 275 -25.98 13.09 0.14
CA TRP B 275 -26.15 11.69 -0.19
C TRP B 275 -24.82 10.93 -0.22
N GLU B 276 -24.92 9.62 -0.22
CA GLU B 276 -23.76 8.76 -0.15
C GLU B 276 -23.99 7.48 -0.92
N ALA B 277 -23.05 7.18 -1.82
CA ALA B 277 -23.04 5.90 -2.50
C ALA B 277 -21.99 4.92 -1.91
N CYS B 278 -22.39 3.67 -1.74
CA CYS B 278 -21.43 2.63 -1.41
C CYS B 278 -21.26 1.68 -2.61
N MET B 279 -20.05 1.17 -2.81
CA MET B 279 -19.86 0.35 -3.99
C MET B 279 -18.99 -0.85 -3.73
N THR B 280 -19.24 -1.91 -4.47
CA THR B 280 -18.40 -3.10 -4.39
C THR B 280 -17.37 -3.09 -5.50
N ILE B 281 -16.25 -3.80 -5.29
CA ILE B 281 -15.22 -3.88 -6.31
C ILE B 281 -15.65 -4.86 -7.43
N PRO B 282 -16.01 -6.11 -7.08
CA PRO B 282 -16.74 -6.93 -8.06
C PRO B 282 -18.19 -6.46 -8.20
N GLU B 283 -19.00 -7.15 -9.00
CA GLU B 283 -20.37 -6.68 -9.28
C GLU B 283 -21.29 -6.61 -8.06
N ASN B 284 -21.24 -7.65 -7.23
CA ASN B 284 -22.10 -7.74 -6.06
C ASN B 284 -21.55 -8.69 -4.99
N GLN B 285 -20.36 -8.38 -4.48
CA GLN B 285 -19.80 -9.10 -3.32
C GLN B 285 -19.39 -8.07 -2.30
N TRP B 286 -20.02 -8.14 -1.12
CA TRP B 286 -19.70 -7.25 0.00
C TRP B 286 -18.81 -7.99 1.01
N GLY B 287 -19.30 -9.12 1.50
CA GLY B 287 -18.52 -10.00 2.36
C GLY B 287 -17.46 -10.73 1.54
N TYR B 288 -16.44 -11.28 2.22
CA TYR B 288 -15.38 -12.02 1.55
C TYR B 288 -15.92 -13.18 0.71
N HIS B 289 -15.54 -13.19 -0.58
CA HIS B 289 -15.85 -14.30 -1.52
C HIS B 289 -14.56 -14.83 -2.12
N LYS B 290 -14.33 -16.13 -1.99
CA LYS B 290 -13.06 -16.72 -2.46
C LYS B 290 -12.80 -16.73 -3.97
N ASP B 291 -13.82 -16.51 -4.78
CA ASP B 291 -13.62 -16.60 -6.22
C ASP B 291 -14.17 -15.35 -6.91
N TRP B 292 -13.28 -14.40 -7.18
CA TRP B 292 -13.69 -13.17 -7.81
C TRP B 292 -13.81 -13.26 -9.34
N SER B 293 -13.52 -14.45 -9.89
CA SER B 293 -13.65 -14.65 -11.33
C SER B 293 -15.12 -14.80 -11.75
N LEU B 294 -16.02 -14.89 -10.80
CA LEU B 294 -17.42 -15.15 -11.12
C LEU B 294 -18.22 -13.95 -11.62
N SER B 295 -17.63 -12.75 -11.60
CA SER B 295 -18.29 -11.52 -12.05
C SER B 295 -17.21 -10.51 -12.41
N TYR B 296 -17.61 -9.41 -13.05
CA TYR B 296 -16.67 -8.34 -13.41
C TYR B 296 -16.05 -7.62 -12.20
N VAL B 297 -14.73 -7.44 -12.25
CA VAL B 297 -13.99 -6.81 -11.16
C VAL B 297 -13.51 -5.45 -11.63
N LYS B 298 -13.92 -4.40 -10.93
CA LYS B 298 -13.63 -3.05 -11.37
C LYS B 298 -12.15 -2.74 -11.24
N THR B 299 -11.59 -2.09 -12.25
CA THR B 299 -10.18 -1.66 -12.17
C THR B 299 -10.10 -0.38 -11.34
N PRO B 300 -8.89 0.00 -10.88
CA PRO B 300 -8.75 1.24 -10.10
C PRO B 300 -9.32 2.47 -10.80
N ILE B 301 -9.06 2.64 -12.09
CA ILE B 301 -9.57 3.88 -12.73
C ILE B 301 -11.09 3.90 -12.75
N GLU B 302 -11.68 2.72 -12.95
CA GLU B 302 -13.15 2.60 -12.94
C GLU B 302 -13.72 2.99 -11.58
N VAL B 303 -13.00 2.64 -10.50
CA VAL B 303 -13.42 3.02 -9.15
C VAL B 303 -13.22 4.53 -8.92
N ILE B 304 -12.06 5.04 -9.32
CA ILE B 304 -11.76 6.48 -9.24
C ILE B 304 -12.84 7.25 -9.98
N ASP B 305 -13.17 6.81 -11.19
CA ASP B 305 -14.26 7.43 -11.96
C ASP B 305 -15.54 7.60 -11.14
N ARG B 306 -15.94 6.56 -10.41
CA ARG B 306 -17.15 6.62 -9.57
C ARG B 306 -17.01 7.58 -8.41
N ILE B 307 -15.84 7.56 -7.80
CA ILE B 307 -15.59 8.45 -6.68
C ILE B 307 -15.83 9.91 -7.14
N VAL B 308 -15.20 10.30 -8.23
CA VAL B 308 -15.30 11.68 -8.77
C VAL B 308 -16.75 11.95 -9.20
N HIS B 309 -17.35 10.96 -9.87
CA HIS B 309 -18.74 11.06 -10.31
C HIS B 309 -19.61 11.48 -9.12
N ALA B 310 -19.53 10.74 -8.00
CA ALA B 310 -20.29 11.08 -6.80
C ALA B 310 -20.06 12.52 -6.33
N VAL B 311 -18.80 12.90 -6.13
CA VAL B 311 -18.48 14.26 -5.65
C VAL B 311 -18.99 15.33 -6.61
N SER B 312 -18.85 15.05 -7.91
CA SER B 312 -19.28 16.03 -8.94
C SER B 312 -20.78 16.31 -8.89
N MET B 313 -21.51 15.45 -8.18
CA MET B 313 -22.95 15.59 -8.00
C MET B 313 -23.33 15.74 -6.50
N GLY B 314 -22.37 16.17 -5.71
CA GLY B 314 -22.61 16.56 -4.33
C GLY B 314 -22.81 15.39 -3.38
N GLY B 315 -22.18 14.25 -3.71
CA GLY B 315 -22.36 13.02 -2.93
C GLY B 315 -21.03 12.48 -2.44
N ASN B 316 -21.10 11.69 -1.35
CA ASN B 316 -19.94 10.89 -0.89
C ASN B 316 -19.86 9.55 -1.63
N MET B 317 -18.66 8.98 -1.66
CA MET B 317 -18.48 7.63 -2.22
C MET B 317 -17.72 6.74 -1.24
N VAL B 318 -18.24 5.53 -1.03
CA VAL B 318 -17.61 4.61 -0.09
C VAL B 318 -17.23 3.31 -0.84
N VAL B 319 -15.95 2.95 -0.78
CA VAL B 319 -15.43 1.74 -1.42
C VAL B 319 -15.35 0.55 -0.46
N ASN B 320 -16.06 -0.53 -0.81
CA ASN B 320 -16.16 -1.70 0.05
C ASN B 320 -14.96 -2.66 0.00
N PHE B 321 -14.65 -3.20 1.19
CA PHE B 321 -13.65 -4.24 1.43
C PHE B 321 -14.27 -5.39 2.19
N GLY B 322 -13.93 -6.61 1.79
CA GLY B 322 -14.39 -7.80 2.49
C GLY B 322 -13.18 -8.56 3.00
N PRO B 323 -12.76 -8.28 4.23
CA PRO B 323 -11.55 -8.89 4.75
C PRO B 323 -11.69 -10.41 4.84
N GLN B 324 -10.56 -11.09 4.71
CA GLN B 324 -10.49 -12.54 4.79
C GLN B 324 -10.75 -13.03 6.22
N ALA B 325 -11.03 -14.33 6.37
CA ALA B 325 -11.33 -14.87 7.70
C ALA B 325 -10.09 -14.83 8.59
N ASP B 326 -8.90 -14.79 8.01
CA ASP B 326 -7.68 -14.70 8.82
C ASP B 326 -7.37 -13.28 9.33
N GLY B 327 -8.17 -12.29 8.93
CA GLY B 327 -7.93 -10.89 9.35
C GLY B 327 -6.99 -10.07 8.46
N ASP B 328 -6.61 -10.62 7.32
CA ASP B 328 -5.86 -9.87 6.34
C ASP B 328 -6.80 -9.53 5.17
N PHE B 329 -6.29 -8.73 4.23
CA PHE B 329 -7.01 -8.34 3.01
C PHE B 329 -6.42 -9.10 1.83
N ARG B 330 -7.29 -9.48 0.90
CA ARG B 330 -6.88 -10.07 -0.37
C ARG B 330 -6.00 -9.11 -1.18
N PRO B 331 -5.09 -9.65 -1.99
CA PRO B 331 -4.18 -8.82 -2.74
C PRO B 331 -4.90 -7.88 -3.74
N GLU B 332 -6.07 -8.28 -4.26
CA GLU B 332 -6.85 -7.40 -5.17
C GLU B 332 -7.28 -6.11 -4.45
N GLU B 333 -7.62 -6.23 -3.17
CA GLU B 333 -8.06 -5.12 -2.33
C GLU B 333 -6.88 -4.25 -1.88
N LYS B 334 -5.74 -4.88 -1.58
CA LYS B 334 -4.51 -4.15 -1.26
C LYS B 334 -4.04 -3.30 -2.45
N ALA B 335 -4.10 -3.89 -3.65
CA ALA B 335 -3.75 -3.15 -4.87
C ALA B 335 -4.68 -1.97 -5.08
N MET B 336 -5.98 -2.19 -4.91
CA MET B 336 -6.99 -1.13 -5.10
C MET B 336 -6.75 0.02 -4.14
N ALA B 337 -6.64 -0.28 -2.85
CA ALA B 337 -6.33 0.74 -1.83
C ALA B 337 -5.09 1.57 -2.18
N THR B 338 -4.01 0.89 -2.59
CA THR B 338 -2.78 1.56 -2.97
C THR B 338 -2.94 2.42 -4.22
N ALA B 339 -3.67 1.90 -5.21
CA ALA B 339 -3.86 2.66 -6.45
C ALA B 339 -4.75 3.89 -6.23
N ILE B 340 -5.85 3.73 -5.49
CA ILE B 340 -6.67 4.88 -5.10
C ILE B 340 -5.84 5.91 -4.32
N GLY B 341 -5.02 5.39 -3.40
CA GLY B 341 -4.17 6.21 -2.54
C GLY B 341 -3.18 7.08 -3.28
N LYS B 342 -2.49 6.49 -4.27
CA LYS B 342 -1.58 7.23 -5.13
C LYS B 342 -2.32 8.38 -5.85
N TRP B 343 -3.51 8.08 -6.35
CA TRP B 343 -4.26 9.04 -7.17
C TRP B 343 -4.80 10.15 -6.27
N MET B 344 -5.34 9.76 -5.12
CA MET B 344 -5.84 10.71 -4.13
C MET B 344 -4.72 11.64 -3.64
N ASN B 345 -3.51 11.11 -3.46
CA ASN B 345 -2.39 11.91 -3.02
C ASN B 345 -2.08 12.99 -4.05
N ARG B 346 -2.24 12.67 -5.32
CA ARG B 346 -1.97 13.62 -6.39
C ARG B 346 -3.13 14.59 -6.62
N TYR B 347 -4.35 14.07 -6.63
CA TYR B 347 -5.49 14.82 -7.16
C TYR B 347 -6.63 15.05 -6.16
N GLY B 348 -6.41 14.63 -4.91
CA GLY B 348 -7.48 14.69 -3.90
C GLY B 348 -8.01 16.06 -3.52
N LYS B 349 -7.26 17.11 -3.80
CA LYS B 349 -7.77 18.49 -3.69
C LYS B 349 -9.09 18.71 -4.45
N ALA B 350 -9.28 17.96 -5.56
CA ALA B 350 -10.51 18.01 -6.36
C ALA B 350 -11.62 17.14 -5.78
N VAL B 351 -11.34 16.48 -4.67
CA VAL B 351 -12.33 15.53 -4.12
C VAL B 351 -12.77 15.93 -2.72
N TYR B 352 -11.79 16.06 -1.82
CA TYR B 352 -12.04 16.34 -0.39
C TYR B 352 -12.68 17.73 -0.30
N ALA B 353 -13.72 17.84 0.53
CA ALA B 353 -14.45 19.07 0.75
C ALA B 353 -14.94 19.71 -0.58
N CYS B 354 -15.12 18.90 -1.64
CA CYS B 354 -15.70 19.39 -2.91
C CYS B 354 -17.17 19.05 -3.13
N ASP B 355 -17.77 19.70 -4.13
CA ASP B 355 -19.21 19.57 -4.33
C ASP B 355 -19.61 19.82 -5.79
N TYR B 356 -20.92 19.76 -6.04
CA TYR B 356 -21.50 20.04 -7.36
C TYR B 356 -21.11 21.45 -7.84
N ALA B 357 -20.55 21.56 -9.05
CA ALA B 357 -20.12 22.85 -9.62
C ALA B 357 -21.16 23.72 -10.39
N GLY B 358 -22.30 23.16 -10.73
CA GLY B 358 -23.33 23.94 -11.42
C GLY B 358 -23.08 24.14 -12.92
N PHE B 359 -22.12 23.37 -13.46
CA PHE B 359 -21.75 23.42 -14.89
C PHE B 359 -22.42 22.29 -15.64
N GLU B 360 -22.71 22.52 -16.92
CA GLU B 360 -23.22 21.46 -17.77
C GLU B 360 -22.14 20.39 -17.99
N LYS B 361 -22.51 19.13 -17.77
CA LYS B 361 -21.63 17.97 -17.99
C LYS B 361 -21.01 17.95 -19.40
N GLN B 362 -19.71 17.67 -19.48
CA GLN B 362 -19.04 17.51 -20.77
C GLN B 362 -18.39 16.10 -20.84
N ASP B 363 -18.06 15.65 -22.04
CA ASP B 363 -17.64 14.27 -22.26
C ASP B 363 -16.28 13.91 -21.70
N TRP B 364 -15.37 14.88 -21.55
CA TRP B 364 -14.02 14.57 -21.12
C TRP B 364 -13.93 14.07 -19.66
N GLY B 365 -14.95 14.35 -18.86
CA GLY B 365 -14.93 13.97 -17.45
C GLY B 365 -15.90 14.77 -16.61
N TYR B 366 -15.44 15.16 -15.41
CA TYR B 366 -16.31 15.77 -14.41
C TYR B 366 -15.75 17.08 -13.91
N TYR B 367 -16.65 17.98 -13.53
CA TYR B 367 -16.32 19.16 -12.70
C TYR B 367 -16.58 18.86 -11.23
N THR B 368 -15.78 19.43 -10.33
CA THR B 368 -16.14 19.53 -8.92
C THR B 368 -15.88 20.97 -8.50
N ARG B 369 -16.60 21.45 -7.48
CA ARG B 369 -16.35 22.79 -6.94
C ARG B 369 -15.74 22.72 -5.55
N GLY B 370 -14.63 23.41 -5.35
CA GLY B 370 -14.05 23.63 -4.04
C GLY B 370 -14.92 24.56 -3.19
N LYS B 371 -14.59 24.65 -1.90
CA LYS B 371 -15.46 25.34 -0.98
C LYS B 371 -15.46 26.82 -1.26
N ASN B 372 -14.35 27.29 -1.84
CA ASN B 372 -14.20 28.69 -2.16
C ASN B 372 -14.05 28.93 -3.67
N ASP B 373 -14.99 28.32 -4.39
CA ASP B 373 -15.21 28.53 -5.82
C ASP B 373 -14.07 28.18 -6.79
N GLU B 374 -13.16 27.32 -6.35
CA GLU B 374 -12.27 26.61 -7.28
C GLU B 374 -13.14 25.67 -8.10
N VAL B 375 -12.93 25.63 -9.41
CA VAL B 375 -13.65 24.67 -10.25
C VAL B 375 -12.59 23.72 -10.84
N TYR B 376 -12.76 22.43 -10.56
CA TYR B 376 -11.77 21.44 -10.95
C TYR B 376 -12.29 20.64 -12.13
N MET B 377 -11.50 20.55 -13.20
CA MET B 377 -11.87 19.67 -14.30
C MET B 377 -11.16 18.34 -14.09
N VAL B 378 -11.92 17.27 -13.94
CA VAL B 378 -11.29 15.98 -13.79
C VAL B 378 -11.44 15.20 -15.10
N VAL B 379 -10.33 15.02 -15.79
CA VAL B 379 -10.37 14.51 -17.16
C VAL B 379 -10.17 12.99 -17.15
N PHE B 380 -11.22 12.25 -17.50
CA PHE B 380 -11.09 10.79 -17.68
C PHE B 380 -10.96 10.34 -19.15
N ASN B 381 -11.46 11.16 -20.06
CA ASN B 381 -11.51 10.82 -21.49
C ASN B 381 -10.83 11.91 -22.29
N GLN B 382 -9.63 11.61 -22.76
CA GLN B 382 -8.75 12.60 -23.36
C GLN B 382 -9.16 12.87 -24.83
N PRO B 383 -9.57 14.12 -25.13
CA PRO B 383 -9.99 14.43 -26.52
C PRO B 383 -8.84 14.46 -27.56
N TYR B 384 -9.04 13.74 -28.66
CA TYR B 384 -8.12 13.90 -29.79
C TYR B 384 -8.06 15.33 -30.30
N SER B 385 -9.13 16.11 -30.09
CA SER B 385 -9.12 17.53 -30.47
C SER B 385 -8.04 18.32 -29.72
N GLU B 386 -7.57 17.76 -28.61
CA GLU B 386 -6.64 18.43 -27.68
C GLU B 386 -7.25 19.65 -27.00
N ARG B 387 -8.57 19.71 -27.02
CA ARG B 387 -9.31 20.85 -26.47
C ARG B 387 -10.44 20.32 -25.63
N LEU B 388 -10.50 20.80 -24.38
CA LEU B 388 -11.52 20.40 -23.43
C LEU B 388 -12.60 21.49 -23.40
N ILE B 389 -13.80 21.17 -23.89
CA ILE B 389 -14.88 22.16 -23.99
C ILE B 389 -15.46 22.47 -22.62
N VAL B 390 -15.59 23.76 -22.32
CA VAL B 390 -16.19 24.20 -21.05
C VAL B 390 -17.29 25.20 -21.35
N LYS B 391 -18.52 24.85 -21.02
CA LYS B 391 -19.67 25.74 -21.13
C LYS B 391 -20.00 26.28 -19.74
N THR B 392 -19.81 27.58 -19.54
CA THR B 392 -19.99 28.17 -18.21
C THR B 392 -21.44 28.57 -18.02
N PRO B 393 -21.90 28.64 -16.75
CA PRO B 393 -23.24 29.20 -16.56
C PRO B 393 -23.29 30.71 -16.86
N LYS B 394 -24.49 31.28 -17.02
CA LYS B 394 -24.63 32.73 -17.25
C LYS B 394 -23.92 33.50 -16.14
N GLY B 395 -23.12 34.50 -16.49
CA GLY B 395 -22.39 35.30 -15.50
C GLY B 395 -20.96 34.84 -15.22
N ILE B 396 -20.64 33.60 -15.59
CA ILE B 396 -19.34 33.02 -15.21
C ILE B 396 -18.31 33.10 -16.34
N THR B 397 -17.13 33.62 -16.00
CA THR B 397 -16.04 33.65 -16.94
C THR B 397 -14.86 32.85 -16.42
N VAL B 398 -14.11 32.25 -17.34
CA VAL B 398 -12.93 31.51 -16.96
C VAL B 398 -11.73 32.43 -17.11
N GLU B 399 -11.10 32.75 -15.99
CA GLU B 399 -9.97 33.68 -16.00
C GLU B 399 -8.64 32.99 -16.18
N LYS B 400 -8.56 31.73 -15.76
CA LYS B 400 -7.28 31.00 -15.74
C LYS B 400 -7.49 29.50 -15.55
N ALA B 401 -6.56 28.73 -16.10
CA ALA B 401 -6.56 27.29 -15.93
C ALA B 401 -5.14 26.89 -15.57
N THR B 402 -5.01 25.94 -14.64
CA THR B 402 -3.73 25.50 -14.07
C THR B 402 -3.72 23.97 -13.94
N LEU B 403 -2.64 23.32 -14.34
CA LEU B 403 -2.56 21.88 -14.11
C LEU B 403 -2.29 21.61 -12.61
N LEU B 404 -3.21 20.90 -11.97
CA LEU B 404 -3.14 20.69 -10.52
C LEU B 404 -1.79 20.16 -10.00
N THR B 405 -1.22 19.16 -10.68
CA THR B 405 0.02 18.52 -10.18
C THR B 405 1.27 19.42 -10.27
N THR B 406 1.33 20.29 -11.28
CA THR B 406 2.58 21.01 -11.57
C THR B 406 2.47 22.53 -11.39
N GLY B 407 1.27 23.06 -11.38
CA GLY B 407 1.07 24.51 -11.36
C GLY B 407 1.21 25.19 -12.71
N GLU B 408 1.52 24.45 -13.76
CA GLU B 408 1.69 25.02 -15.12
C GLU B 408 0.41 25.67 -15.64
N ASP B 409 0.57 26.83 -16.28
CA ASP B 409 -0.54 27.55 -16.89
C ASP B 409 -1.11 26.82 -18.12
N ILE B 410 -2.44 26.70 -18.20
CA ILE B 410 -3.07 25.97 -19.31
C ILE B 410 -3.82 26.98 -20.17
N THR B 411 -3.60 26.96 -21.49
CA THR B 411 -4.23 27.92 -22.40
C THR B 411 -5.75 27.82 -22.35
N VAL B 412 -6.43 28.96 -22.20
CA VAL B 412 -7.89 29.06 -22.29
C VAL B 412 -8.23 29.98 -23.47
N VAL B 413 -9.06 29.49 -24.39
CA VAL B 413 -9.52 30.27 -25.54
C VAL B 413 -11.03 30.39 -25.49
N GLU B 414 -11.54 31.62 -25.56
CA GLU B 414 -12.98 31.80 -25.63
C GLU B 414 -13.44 31.44 -27.03
N THR B 415 -14.44 30.57 -27.14
CA THR B 415 -14.88 30.17 -28.48
C THR B 415 -16.18 30.86 -28.85
N THR B 416 -16.94 31.24 -27.83
CA THR B 416 -18.18 31.97 -28.03
C THR B 416 -18.67 32.38 -26.64
N ARG B 417 -19.74 33.17 -26.55
CA ARG B 417 -20.31 33.52 -25.24
C ARG B 417 -20.54 32.28 -24.36
N ASN B 418 -19.94 32.27 -23.16
CA ASN B 418 -20.17 31.21 -22.18
C ASN B 418 -19.52 29.88 -22.57
N GLU B 419 -18.56 29.93 -23.49
CA GLU B 419 -17.90 28.73 -23.94
C GLU B 419 -16.44 28.94 -24.19
N TYR B 420 -15.64 27.97 -23.78
CA TYR B 420 -14.19 28.04 -23.89
C TYR B 420 -13.61 26.69 -24.31
N ASN B 421 -12.45 26.73 -24.99
CA ASN B 421 -11.57 25.59 -25.16
C ASN B 421 -10.43 25.68 -24.14
N VAL B 422 -10.39 24.74 -23.20
CA VAL B 422 -9.23 24.58 -22.32
C VAL B 422 -8.31 23.55 -22.95
N SER B 423 -7.06 23.95 -23.22
CA SER B 423 -6.11 23.04 -23.88
C SER B 423 -5.72 21.87 -22.98
N VAL B 424 -5.53 20.70 -23.56
CA VAL B 424 -4.94 19.61 -22.76
C VAL B 424 -3.51 20.02 -22.41
N PRO B 425 -2.91 19.41 -21.38
CA PRO B 425 -1.52 19.75 -21.03
C PRO B 425 -0.56 19.37 -22.14
N LYS B 426 0.59 20.04 -22.18
CA LYS B 426 1.59 19.82 -23.21
C LYS B 426 2.07 18.39 -23.25
N LYS B 427 2.25 17.79 -22.08
CA LYS B 427 2.58 16.37 -21.97
C LYS B 427 1.38 15.62 -21.39
N ASN B 428 1.02 14.50 -22.02
CA ASN B 428 -0.14 13.71 -21.59
C ASN B 428 0.14 13.16 -20.18
N PRO B 429 -0.70 13.52 -19.19
CA PRO B 429 -0.45 12.96 -17.86
C PRO B 429 -0.52 11.44 -17.79
N GLY B 430 -1.22 10.80 -18.75
CA GLY B 430 -1.23 9.34 -18.84
C GLY B 430 -2.05 8.60 -17.79
N GLU B 431 -2.94 9.33 -17.14
CA GLU B 431 -3.88 8.84 -16.13
C GLU B 431 -4.95 9.94 -16.02
N PRO B 432 -6.13 9.63 -15.43
CA PRO B 432 -7.08 10.74 -15.18
C PRO B 432 -6.43 11.85 -14.39
N TYR B 433 -6.69 13.10 -14.78
CA TYR B 433 -5.96 14.23 -14.24
C TYR B 433 -6.87 15.46 -14.01
N VAL B 434 -6.31 16.49 -13.39
CA VAL B 434 -7.10 17.63 -12.92
C VAL B 434 -6.55 18.95 -13.44
N ILE B 435 -7.45 19.77 -13.97
CA ILE B 435 -7.10 21.14 -14.32
C ILE B 435 -7.92 22.06 -13.44
N GLN B 436 -7.25 22.97 -12.74
CA GLN B 436 -7.99 23.86 -11.86
C GLN B 436 -8.37 25.18 -12.55
N LEU B 437 -9.64 25.55 -12.45
CA LEU B 437 -10.10 26.80 -13.05
C LEU B 437 -10.25 27.90 -12.00
N LYS B 438 -9.72 29.08 -12.32
CA LYS B 438 -10.09 30.32 -11.64
C LYS B 438 -11.24 30.93 -12.44
N VAL B 439 -12.41 31.02 -11.81
CA VAL B 439 -13.61 31.60 -12.43
C VAL B 439 -13.98 32.93 -11.76
N ARG B 440 -14.81 33.73 -12.45
CA ARG B 440 -15.31 34.99 -11.92
C ARG B 440 -16.80 35.19 -12.13
N ALA B 441 -17.40 35.79 -11.11
CA ALA B 441 -18.73 36.44 -11.10
C ALA B 441 -19.42 36.62 -12.43
N GLU C 5 48.78 -29.72 2.55
CA GLU C 5 47.56 -29.24 1.84
C GLU C 5 47.48 -29.75 0.40
N ILE C 6 46.32 -30.30 0.05
CA ILE C 6 46.07 -30.95 -1.23
C ILE C 6 46.39 -30.03 -2.42
N PRO C 7 47.24 -30.49 -3.38
CA PRO C 7 47.48 -29.72 -4.60
C PRO C 7 46.22 -29.79 -5.50
N LEU C 8 45.96 -28.73 -6.26
CA LEU C 8 44.70 -28.60 -7.01
C LEU C 8 44.91 -27.66 -8.19
N LYS C 9 44.29 -27.98 -9.32
CA LYS C 9 44.35 -27.08 -10.48
C LYS C 9 43.17 -26.13 -10.48
N TYR C 10 42.08 -26.59 -9.86
CA TYR C 10 40.78 -25.92 -10.00
C TYR C 10 40.20 -25.41 -8.68
N GLY C 11 41.06 -25.28 -7.67
CA GLY C 11 40.69 -24.67 -6.39
C GLY C 11 40.75 -23.15 -6.41
N ALA C 12 40.86 -22.55 -5.24
CA ALA C 12 40.75 -21.09 -5.10
C ALA C 12 41.82 -20.31 -5.87
N THR C 13 41.43 -19.12 -6.34
CA THR C 13 42.33 -18.22 -7.07
C THR C 13 42.85 -17.07 -6.22
N ASN C 14 41.96 -16.20 -5.74
CA ASN C 14 42.44 -15.13 -4.86
C ASN C 14 42.87 -15.60 -3.46
N GLU C 15 43.69 -14.78 -2.82
CA GLU C 15 44.24 -15.11 -1.51
C GLU C 15 43.33 -14.60 -0.39
N GLY C 16 42.88 -13.36 -0.46
CA GLY C 16 41.90 -12.84 0.51
C GLY C 16 40.82 -12.07 -0.20
N LYS C 17 40.34 -10.99 0.39
CA LYS C 17 39.35 -10.14 -0.27
C LYS C 17 39.95 -9.35 -1.44
N ARG C 18 39.27 -9.39 -2.57
CA ARG C 18 39.61 -8.46 -3.66
C ARG C 18 39.41 -7.05 -3.16
N GLN C 19 40.36 -6.18 -3.49
CA GLN C 19 40.27 -4.77 -3.11
C GLN C 19 40.35 -3.84 -4.32
N ASP C 20 40.19 -4.39 -5.52
CA ASP C 20 40.08 -3.56 -6.71
C ASP C 20 38.80 -2.73 -6.63
N PRO C 21 38.74 -1.59 -7.36
CA PRO C 21 37.58 -0.69 -7.33
C PRO C 21 36.25 -1.36 -7.62
N ALA C 22 36.20 -2.33 -8.53
CA ALA C 22 34.94 -3.02 -8.86
C ALA C 22 34.37 -3.83 -7.68
N MET C 23 35.26 -4.55 -6.99
CA MET C 23 34.84 -5.33 -5.82
C MET C 23 34.44 -4.43 -4.66
N GLN C 24 35.14 -3.31 -4.49
CA GLN C 24 34.78 -2.33 -3.47
C GLN C 24 33.39 -1.78 -3.70
N LYS C 25 33.06 -1.53 -4.97
CA LYS C 25 31.74 -1.10 -5.38
C LYS C 25 30.72 -2.24 -5.12
N PHE C 26 31.07 -3.48 -5.45
CA PHE C 26 30.14 -4.64 -5.21
C PHE C 26 29.76 -4.70 -3.72
N ARG C 27 30.78 -4.51 -2.87
CA ARG C 27 30.66 -4.58 -1.42
C ARG C 27 29.89 -3.38 -0.89
N ASP C 28 30.31 -2.17 -1.27
CA ASP C 28 29.74 -0.93 -0.72
C ASP C 28 28.29 -0.75 -1.09
N ASN C 29 27.88 -1.26 -2.26
CA ASN C 29 26.45 -1.32 -2.59
C ASN C 29 25.62 -1.82 -1.41
N ARG C 30 26.05 -2.95 -0.83
CA ARG C 30 25.41 -3.62 0.32
C ARG C 30 23.98 -4.13 0.12
N LEU C 31 23.05 -3.31 -0.34
CA LEU C 31 21.65 -3.72 -0.45
C LEU C 31 21.25 -3.84 -1.90
N GLY C 32 20.68 -5.00 -2.22
CA GLY C 32 20.32 -5.35 -3.59
C GLY C 32 18.90 -5.87 -3.62
N ALA C 33 18.31 -5.87 -4.82
CA ALA C 33 17.04 -6.60 -5.07
C ALA C 33 17.29 -7.75 -6.01
N PHE C 34 16.47 -8.79 -5.91
CA PHE C 34 16.57 -9.92 -6.84
C PHE C 34 15.27 -9.95 -7.63
N ILE C 35 15.37 -10.21 -8.92
CA ILE C 35 14.22 -10.43 -9.76
C ILE C 35 14.23 -11.90 -10.20
N HIS C 36 13.18 -12.64 -9.86
CA HIS C 36 12.95 -13.98 -10.43
C HIS C 36 11.76 -13.86 -11.33
N TRP C 37 11.99 -13.89 -12.64
CA TRP C 37 10.93 -13.73 -13.62
C TRP C 37 11.19 -14.65 -14.79
N GLY C 38 10.20 -15.47 -15.08
CA GLY C 38 10.30 -16.46 -16.16
C GLY C 38 8.91 -17.04 -16.40
N LEU C 39 8.84 -18.12 -17.17
CA LEU C 39 7.52 -18.65 -17.56
C LEU C 39 6.69 -19.13 -16.36
N TYR C 40 7.35 -19.60 -15.30
CA TYR C 40 6.68 -20.00 -14.05
C TYR C 40 5.73 -18.94 -13.49
N ALA C 41 5.95 -17.66 -13.77
CA ALA C 41 4.97 -16.60 -13.33
C ALA C 41 3.56 -16.77 -13.91
N ILE C 42 3.47 -17.41 -15.07
CA ILE C 42 2.17 -17.62 -15.71
C ILE C 42 1.27 -18.57 -14.88
N PRO C 43 1.66 -19.85 -14.71
CA PRO C 43 0.89 -20.76 -13.82
C PRO C 43 0.90 -20.30 -12.35
N GLY C 44 1.95 -19.61 -11.93
CA GLY C 44 1.99 -19.00 -10.60
C GLY C 44 1.83 -20.01 -9.47
N GLY C 45 2.49 -21.15 -9.60
CA GLY C 45 2.42 -22.18 -8.56
C GLY C 45 1.30 -23.18 -8.74
N GLU C 46 0.47 -22.98 -9.75
CA GLU C 46 -0.66 -23.88 -9.95
C GLU C 46 -0.62 -24.51 -11.34
N TRP C 47 -0.57 -25.84 -11.41
CA TRP C 47 -0.62 -26.52 -12.71
C TRP C 47 -1.97 -27.18 -12.88
N ASN C 48 -2.68 -26.74 -13.92
CA ASN C 48 -3.90 -27.40 -14.36
C ASN C 48 -4.88 -27.63 -13.18
N GLY C 49 -5.14 -26.54 -12.45
CA GLY C 49 -6.08 -26.55 -11.32
C GLY C 49 -5.64 -27.24 -10.02
N LYS C 50 -4.38 -27.64 -9.91
CA LYS C 50 -3.84 -28.10 -8.63
C LYS C 50 -2.76 -27.11 -8.17
N VAL C 51 -2.93 -26.55 -6.97
CA VAL C 51 -1.96 -25.60 -6.41
C VAL C 51 -0.88 -26.41 -5.67
N TYR C 52 0.39 -26.19 -6.02
CA TYR C 52 1.51 -26.85 -5.34
C TYR C 52 2.15 -25.90 -4.37
N GLY C 53 2.46 -26.40 -3.17
CA GLY C 53 3.02 -25.58 -2.10
C GLY C 53 4.50 -25.28 -2.25
N GLY C 54 5.23 -26.10 -3.02
CA GLY C 54 6.66 -25.87 -3.27
C GLY C 54 6.95 -24.59 -4.05
N ALA C 55 8.22 -24.22 -4.15
CA ALA C 55 8.62 -22.98 -4.83
C ALA C 55 8.02 -22.93 -6.23
N ALA C 56 7.35 -21.84 -6.55
CA ALA C 56 6.67 -21.72 -7.86
C ALA C 56 7.59 -21.89 -9.07
N GLU C 57 8.83 -21.40 -8.98
CA GLU C 57 9.78 -21.55 -10.11
C GLU C 57 10.20 -23.01 -10.38
N TRP C 58 9.87 -23.90 -9.44
CA TRP C 58 10.09 -25.34 -9.60
C TRP C 58 8.80 -26.13 -9.96
N LEU C 59 7.73 -25.43 -10.33
CA LEU C 59 6.47 -26.12 -10.67
C LEU C 59 6.60 -27.18 -11.78
N LYS C 60 7.42 -26.90 -12.81
CA LYS C 60 7.68 -27.93 -13.84
C LYS C 60 8.02 -29.28 -13.20
N SER C 61 8.88 -29.23 -12.18
CA SER C 61 9.26 -30.41 -11.42
C SER C 61 8.12 -31.00 -10.59
N TRP C 62 7.47 -30.19 -9.75
CA TRP C 62 6.40 -30.67 -8.84
C TRP C 62 5.25 -31.33 -9.59
N ALA C 63 4.90 -30.74 -10.73
CA ALA C 63 3.76 -31.22 -11.50
C ALA C 63 4.17 -32.17 -12.62
N LYS C 64 5.45 -32.54 -12.65
CA LYS C 64 6.02 -33.47 -13.65
C LYS C 64 5.64 -33.06 -15.07
N VAL C 65 5.82 -31.79 -15.41
CA VAL C 65 5.47 -31.31 -16.75
C VAL C 65 6.66 -31.53 -17.68
N PRO C 66 6.45 -32.28 -18.79
CA PRO C 66 7.55 -32.46 -19.77
C PRO C 66 7.99 -31.11 -20.37
N ALA C 67 9.25 -30.99 -20.80
CA ALA C 67 9.74 -29.71 -21.35
C ALA C 67 8.89 -29.14 -22.50
N ASP C 68 8.47 -30.01 -23.43
CA ASP C 68 7.74 -29.57 -24.61
C ASP C 68 6.47 -28.85 -24.18
N GLU C 69 5.81 -29.38 -23.17
CA GLU C 69 4.55 -28.84 -22.67
C GLU C 69 4.80 -27.57 -21.83
N TRP C 70 5.79 -27.62 -20.91
CA TRP C 70 6.13 -26.49 -20.04
C TRP C 70 6.47 -25.26 -20.89
N LEU C 71 7.30 -25.45 -21.91
CA LEU C 71 7.75 -24.36 -22.75
C LEU C 71 6.68 -23.75 -23.68
N LYS C 72 5.55 -24.44 -23.88
CA LYS C 72 4.41 -23.83 -24.59
C LYS C 72 3.85 -22.63 -23.85
N LEU C 73 4.20 -22.49 -22.57
CA LEU C 73 3.87 -21.26 -21.82
C LEU C 73 4.34 -20.01 -22.56
N MET C 74 5.41 -20.14 -23.34
CA MET C 74 5.89 -19.03 -24.16
C MET C 74 4.79 -18.36 -24.99
N ASP C 75 3.82 -19.15 -25.46
CA ASP C 75 2.77 -18.61 -26.31
C ASP C 75 1.88 -17.68 -25.50
N GLN C 76 1.96 -17.76 -24.18
CA GLN C 76 1.18 -16.92 -23.27
C GLN C 76 1.98 -15.76 -22.67
N TRP C 77 3.26 -15.68 -23.01
CA TRP C 77 4.15 -14.63 -22.46
C TRP C 77 3.90 -13.27 -23.11
N ASN C 78 3.18 -12.42 -22.40
CA ASN C 78 2.79 -11.13 -22.95
C ASN C 78 2.55 -10.13 -21.80
N PRO C 79 3.63 -9.73 -21.10
CA PRO C 79 3.54 -8.90 -19.88
C PRO C 79 3.29 -7.46 -20.24
N THR C 80 2.01 -7.23 -20.51
CA THR C 80 1.49 -5.99 -21.01
C THR C 80 1.73 -4.79 -20.10
N LYS C 81 1.82 -5.01 -18.79
CA LYS C 81 2.05 -3.89 -17.86
C LYS C 81 3.54 -3.65 -17.60
N PHE C 82 4.41 -4.47 -18.22
CA PHE C 82 5.86 -4.29 -18.03
C PHE C 82 6.32 -2.91 -18.48
N ASP C 83 7.13 -2.26 -17.64
CA ASP C 83 7.72 -0.97 -17.94
C ASP C 83 9.06 -0.89 -17.19
N ALA C 84 10.17 -1.06 -17.91
CA ALA C 84 11.49 -1.16 -17.26
C ALA C 84 11.89 0.11 -16.51
N LYS C 85 11.53 1.28 -17.04
CA LYS C 85 11.75 2.52 -16.32
C LYS C 85 11.05 2.52 -14.96
N LYS C 86 9.83 1.99 -14.94
CA LYS C 86 9.00 1.91 -13.75
C LYS C 86 9.64 0.97 -12.70
N TRP C 87 10.13 -0.17 -13.19
CA TRP C 87 10.84 -1.13 -12.36
C TRP C 87 12.07 -0.51 -11.74
N ALA C 88 12.84 0.23 -12.55
CA ALA C 88 14.06 0.84 -12.11
C ALA C 88 13.78 1.92 -11.08
N LYS C 89 12.67 2.63 -11.24
CA LYS C 89 12.30 3.64 -10.25
C LYS C 89 11.84 3.00 -8.95
N MET C 90 11.13 1.87 -9.04
CA MET C 90 10.77 1.10 -7.81
C MET C 90 12.05 0.71 -7.01
N ALA C 91 13.04 0.17 -7.72
CA ALA C 91 14.33 -0.23 -7.10
C ALA C 91 15.04 0.97 -6.48
N LYS C 92 15.05 2.09 -7.21
CA LYS C 92 15.67 3.31 -6.72
C LYS C 92 14.96 3.79 -5.44
N GLU C 93 13.63 3.78 -5.47
CA GLU C 93 12.86 4.25 -4.34
C GLU C 93 13.08 3.38 -3.11
N MET C 94 13.35 2.10 -3.36
CA MET C 94 13.62 1.14 -2.30
C MET C 94 14.98 1.37 -1.64
N GLY C 95 15.87 2.03 -2.37
CA GLY C 95 17.22 2.24 -1.90
C GLY C 95 18.16 1.11 -2.26
N THR C 96 17.79 0.29 -3.25
CA THR C 96 18.73 -0.75 -3.71
C THR C 96 19.80 -0.10 -4.57
N LYS C 97 20.99 -0.68 -4.57
CA LYS C 97 22.12 -0.16 -5.32
C LYS C 97 22.50 -1.11 -6.46
N TYR C 98 21.90 -2.30 -6.45
CA TYR C 98 22.06 -3.26 -7.52
C TYR C 98 20.85 -4.18 -7.56
N VAL C 99 20.61 -4.74 -8.74
CA VAL C 99 19.56 -5.73 -8.97
C VAL C 99 20.20 -6.93 -9.64
N LYS C 100 19.96 -8.11 -9.06
CA LYS C 100 20.33 -9.41 -9.64
C LYS C 100 19.13 -9.95 -10.41
N ILE C 101 19.31 -10.31 -11.68
CA ILE C 101 18.16 -10.70 -12.52
C ILE C 101 18.34 -12.12 -13.06
N THR C 102 17.30 -12.94 -13.00
CA THR C 102 17.31 -14.25 -13.64
C THR C 102 17.35 -14.10 -15.17
N THR C 103 18.52 -14.32 -15.76
CA THR C 103 18.62 -14.29 -17.23
C THR C 103 17.97 -15.55 -17.83
N LYS C 104 18.08 -16.66 -17.09
CA LYS C 104 17.59 -17.99 -17.46
C LYS C 104 17.59 -18.78 -16.14
N HIS C 105 16.43 -19.30 -15.76
CA HIS C 105 16.34 -20.13 -14.55
C HIS C 105 16.39 -21.61 -14.99
N HIS C 106 16.04 -22.57 -14.12
CA HIS C 106 16.18 -23.98 -14.52
C HIS C 106 15.34 -24.33 -15.74
N GLU C 107 14.15 -23.72 -15.86
CA GLU C 107 13.25 -24.04 -16.96
C GLU C 107 13.91 -23.79 -18.33
N GLY C 108 14.93 -22.91 -18.37
CA GLY C 108 15.72 -22.65 -19.58
C GLY C 108 15.24 -21.56 -20.53
N PHE C 109 14.08 -20.96 -20.21
CA PHE C 109 13.55 -19.81 -20.94
C PHE C 109 14.43 -18.57 -20.69
N CYS C 110 14.92 -17.97 -21.78
CA CYS C 110 15.83 -16.83 -21.69
C CYS C 110 15.13 -15.49 -21.80
N LEU C 111 15.46 -14.57 -20.89
CA LEU C 111 14.90 -13.22 -20.87
C LEU C 111 15.59 -12.27 -21.86
N TRP C 112 16.59 -12.80 -22.55
CA TRP C 112 17.22 -12.13 -23.67
C TRP C 112 17.10 -13.05 -24.89
N PRO C 113 17.11 -12.47 -26.10
CA PRO C 113 16.85 -13.24 -27.30
C PRO C 113 18.08 -14.06 -27.73
N SER C 114 18.46 -15.07 -26.95
CA SER C 114 19.67 -15.84 -27.26
C SER C 114 19.64 -16.49 -28.66
N LYS C 115 20.79 -16.41 -29.31
CA LYS C 115 21.12 -16.99 -30.61
C LYS C 115 21.12 -18.53 -30.55
N TYR C 116 21.29 -19.07 -29.34
CA TYR C 116 21.61 -20.48 -29.18
C TYR C 116 20.44 -21.37 -28.79
N THR C 117 19.24 -20.79 -28.76
CA THR C 117 18.04 -21.56 -28.45
C THR C 117 16.80 -20.84 -28.91
N LYS C 118 15.75 -21.58 -29.30
CA LYS C 118 14.45 -20.96 -29.58
C LYS C 118 13.69 -20.53 -28.33
N TYR C 119 14.07 -21.06 -27.17
CA TYR C 119 13.31 -20.79 -25.94
C TYR C 119 13.68 -19.49 -25.27
N THR C 120 13.23 -18.39 -25.88
CA THR C 120 13.64 -17.05 -25.50
C THR C 120 12.46 -16.10 -25.68
N VAL C 121 12.58 -14.91 -25.08
CA VAL C 121 11.57 -13.84 -25.22
C VAL C 121 11.25 -13.50 -26.69
N ALA C 122 12.22 -13.71 -27.59
CA ALA C 122 12.01 -13.48 -29.02
C ALA C 122 10.81 -14.23 -29.54
N ASN C 123 10.60 -15.46 -29.06
CA ASN C 123 9.57 -16.32 -29.62
C ASN C 123 8.32 -16.39 -28.76
N THR C 124 7.91 -15.22 -28.28
CA THR C 124 6.69 -15.06 -27.51
C THR C 124 5.90 -13.91 -28.14
N PRO C 125 4.60 -13.81 -27.81
CA PRO C 125 3.85 -12.64 -28.22
C PRO C 125 4.54 -11.29 -27.92
N TYR C 126 5.19 -11.16 -26.76
CA TYR C 126 5.81 -9.89 -26.36
C TYR C 126 7.04 -9.51 -27.20
N LYS C 127 7.80 -10.52 -27.63
CA LYS C 127 8.92 -10.40 -28.57
C LYS C 127 10.18 -9.71 -28.02
N ARG C 128 9.96 -8.77 -27.11
CA ARG C 128 11.01 -7.83 -26.71
C ARG C 128 12.13 -8.35 -25.80
N ASP C 129 13.30 -7.72 -25.91
CA ASP C 129 14.46 -8.07 -25.10
C ASP C 129 14.28 -7.49 -23.69
N ILE C 130 13.57 -8.25 -22.86
CA ILE C 130 13.32 -7.89 -21.45
C ILE C 130 14.60 -7.59 -20.70
N LEU C 131 15.58 -8.48 -20.81
CA LEU C 131 16.82 -8.28 -20.06
C LEU C 131 17.52 -6.98 -20.48
N GLY C 132 17.61 -6.75 -21.79
CA GLY C 132 18.24 -5.55 -22.32
C GLY C 132 17.50 -4.29 -21.86
N GLU C 133 16.18 -4.35 -21.82
CA GLU C 133 15.38 -3.24 -21.32
C GLU C 133 15.66 -2.95 -19.85
N LEU C 134 15.76 -4.01 -19.05
CA LEU C 134 16.11 -3.87 -17.63
C LEU C 134 17.51 -3.33 -17.40
N VAL C 135 18.48 -3.85 -18.14
CA VAL C 135 19.86 -3.38 -18.00
C VAL C 135 19.94 -1.88 -18.22
N LYS C 136 19.42 -1.41 -19.36
CA LYS C 136 19.41 0.02 -19.63
C LYS C 136 18.70 0.83 -18.54
N ALA C 137 17.47 0.43 -18.17
CA ALA C 137 16.70 1.20 -17.18
C ALA C 137 17.31 1.25 -15.79
N TYR C 138 17.82 0.12 -15.29
CA TYR C 138 18.55 0.14 -14.01
C TYR C 138 19.80 1.00 -14.09
N ASN C 139 20.64 0.77 -15.10
CA ASN C 139 21.86 1.61 -15.32
C ASN C 139 21.54 3.12 -15.42
N ASP C 140 20.48 3.47 -16.12
CA ASP C 140 20.04 4.90 -16.20
C ASP C 140 19.71 5.53 -14.81
N GLU C 141 19.36 4.69 -13.84
CA GLU C 141 19.24 5.12 -12.44
C GLU C 141 20.53 4.95 -11.63
N GLY C 142 21.62 4.57 -12.28
CA GLY C 142 22.90 4.33 -11.58
C GLY C 142 22.84 3.10 -10.68
N ILE C 143 22.08 2.09 -11.10
CA ILE C 143 21.90 0.87 -10.35
C ILE C 143 22.70 -0.20 -11.09
N ASP C 144 23.61 -0.86 -10.40
CA ASP C 144 24.40 -1.93 -11.02
C ASP C 144 23.48 -3.11 -11.34
N VAL C 145 23.83 -3.90 -12.35
CA VAL C 145 23.05 -5.11 -12.64
C VAL C 145 23.94 -6.34 -12.57
N HIS C 146 23.40 -7.39 -11.95
CA HIS C 146 24.07 -8.70 -11.81
C HIS C 146 23.18 -9.70 -12.51
N PHE C 147 23.79 -10.72 -13.09
CA PHE C 147 23.09 -11.77 -13.80
C PHE C 147 23.09 -13.10 -13.04
N TYR C 148 21.90 -13.50 -12.66
CA TYR C 148 21.66 -14.87 -12.25
C TYR C 148 21.66 -15.75 -13.53
N PHE C 149 22.33 -16.89 -13.44
CA PHE C 149 22.35 -17.85 -14.55
C PHE C 149 22.32 -19.29 -14.00
N SER C 150 21.33 -20.05 -14.44
CA SER C 150 21.21 -21.43 -14.04
C SER C 150 21.97 -22.28 -15.06
N VAL C 151 22.98 -23.02 -14.60
CA VAL C 151 23.67 -23.98 -15.44
C VAL C 151 22.73 -25.15 -15.77
N MET C 152 22.11 -25.75 -14.76
CA MET C 152 21.09 -26.77 -15.04
C MET C 152 20.00 -26.19 -15.94
N ASP C 153 19.64 -26.92 -16.99
CA ASP C 153 18.72 -26.37 -18.00
C ASP C 153 17.77 -27.48 -18.42
N TRP C 154 16.54 -27.35 -17.97
CA TRP C 154 15.48 -28.35 -18.21
C TRP C 154 14.94 -28.31 -19.62
N SER C 155 15.39 -27.34 -20.41
CA SER C 155 14.91 -27.22 -21.79
C SER C 155 15.91 -27.79 -22.78
N ASN C 156 17.09 -28.17 -22.31
CA ASN C 156 18.14 -28.59 -23.23
C ASN C 156 18.36 -30.10 -23.08
N PRO C 157 18.09 -30.88 -24.13
CA PRO C 157 18.12 -32.34 -23.91
C PRO C 157 19.57 -32.87 -23.78
N ASP C 158 20.56 -32.00 -23.90
CA ASP C 158 21.95 -32.37 -23.64
C ASP C 158 22.35 -32.29 -22.17
N TYR C 159 21.56 -31.59 -21.36
CA TYR C 159 21.84 -31.56 -19.90
C TYR C 159 21.79 -32.98 -19.34
N ARG C 160 22.74 -33.26 -18.45
CA ARG C 160 22.82 -34.54 -17.74
C ARG C 160 22.96 -34.25 -16.24
N TYR C 161 22.29 -35.04 -15.40
CA TYR C 161 22.41 -34.92 -13.92
C TYR C 161 23.68 -35.61 -13.39
N ASP C 162 24.15 -36.59 -14.15
CA ASP C 162 25.37 -37.34 -13.84
C ASP C 162 25.93 -37.89 -15.15
N ILE C 163 27.19 -38.31 -15.16
CA ILE C 163 27.80 -38.89 -16.36
C ILE C 163 28.03 -40.38 -16.15
N LYS C 164 27.12 -41.21 -16.68
CA LYS C 164 27.17 -42.65 -16.44
C LYS C 164 27.70 -43.46 -17.63
N SER C 165 27.64 -42.87 -18.83
CA SER C 165 28.03 -43.57 -20.03
C SER C 165 28.80 -42.66 -20.98
N LYS C 166 29.36 -43.24 -22.03
CA LYS C 166 29.98 -42.45 -23.07
C LYS C 166 28.97 -41.48 -23.69
N GLU C 167 27.74 -41.95 -23.86
CA GLU C 167 26.69 -41.14 -24.45
C GLU C 167 26.41 -39.88 -23.59
N ASP C 168 26.39 -40.07 -22.26
CA ASP C 168 26.26 -38.95 -21.32
C ASP C 168 27.40 -37.94 -21.46
N SER C 169 28.61 -38.45 -21.65
CA SER C 169 29.80 -37.60 -21.77
C SER C 169 29.78 -36.76 -23.05
N ILE C 170 29.28 -37.35 -24.13
CA ILE C 170 29.23 -36.66 -25.43
C ILE C 170 28.20 -35.54 -25.34
N ALA C 171 27.01 -35.87 -24.84
CA ALA C 171 25.93 -34.89 -24.65
C ALA C 171 26.34 -33.72 -23.73
N PHE C 172 26.89 -34.06 -22.58
CA PHE C 172 27.20 -33.03 -21.60
C PHE C 172 28.33 -32.14 -22.05
N SER C 173 29.24 -32.72 -22.82
CA SER C 173 30.36 -31.93 -23.31
C SER C 173 29.80 -30.84 -24.22
N ARG C 174 28.82 -31.21 -25.03
CA ARG C 174 28.21 -30.30 -25.96
C ARG C 174 27.39 -29.31 -25.14
N PHE C 175 26.77 -29.79 -24.08
CA PHE C 175 26.01 -28.91 -23.23
C PHE C 175 26.87 -27.79 -22.63
N LEU C 176 28.13 -28.09 -22.27
CA LEU C 176 29.03 -27.08 -21.68
C LEU C 176 29.45 -26.03 -22.71
N GLU C 177 29.55 -26.45 -23.97
CA GLU C 177 29.83 -25.54 -25.05
C GLU C 177 28.63 -24.59 -25.25
N PHE C 178 27.42 -25.15 -25.27
CA PHE C 178 26.16 -24.36 -25.29
C PHE C 178 26.17 -23.33 -24.16
N THR C 179 26.48 -23.78 -22.95
CA THR C 179 26.54 -22.90 -21.78
C THR C 179 27.57 -21.78 -21.95
N ASP C 180 28.77 -22.15 -22.39
CA ASP C 180 29.82 -21.14 -22.69
C ASP C 180 29.31 -20.13 -23.69
N ASN C 181 28.67 -20.61 -24.76
CA ASN C 181 28.13 -19.73 -25.80
C ASN C 181 27.11 -18.71 -25.24
N GLN C 182 26.22 -19.16 -24.37
CA GLN C 182 25.25 -18.24 -23.76
C GLN C 182 25.95 -17.23 -22.82
N LEU C 183 26.98 -17.69 -22.11
CA LEU C 183 27.63 -16.81 -21.11
C LEU C 183 28.39 -15.68 -21.82
N LYS C 184 29.04 -16.03 -22.94
CA LYS C 184 29.80 -15.04 -23.73
C LYS C 184 28.84 -14.04 -24.35
N GLU C 185 27.71 -14.55 -24.81
CA GLU C 185 26.66 -13.75 -25.41
C GLU C 185 26.14 -12.74 -24.39
N LEU C 186 25.89 -13.20 -23.15
CA LEU C 186 25.45 -12.29 -22.11
C LEU C 186 26.46 -11.17 -21.86
N ALA C 187 27.72 -11.56 -21.75
CA ALA C 187 28.79 -10.67 -21.36
C ALA C 187 29.10 -9.64 -22.45
N THR C 188 28.94 -10.06 -23.70
CA THR C 188 29.21 -9.19 -24.85
C THR C 188 27.98 -8.36 -25.25
N ARG C 189 26.76 -8.89 -25.12
CA ARG C 189 25.55 -8.05 -25.36
C ARG C 189 25.37 -6.99 -24.28
N TYR C 190 25.74 -7.32 -23.04
CA TYR C 190 25.43 -6.45 -21.88
C TYR C 190 26.72 -6.23 -21.09
N PRO C 191 27.69 -5.50 -21.68
CA PRO C 191 29.01 -5.37 -21.00
C PRO C 191 29.02 -4.63 -19.67
N THR C 192 27.94 -3.94 -19.30
CA THR C 192 27.92 -3.26 -18.01
C THR C 192 27.60 -4.23 -16.85
N VAL C 193 27.29 -5.49 -17.15
CA VAL C 193 27.02 -6.48 -16.10
C VAL C 193 28.20 -6.50 -15.11
N LYS C 194 27.88 -6.56 -13.81
CA LYS C 194 28.89 -6.46 -12.76
C LYS C 194 29.17 -7.79 -12.04
N ASP C 195 28.34 -8.79 -12.30
CA ASP C 195 28.34 -10.01 -11.50
C ASP C 195 27.62 -11.11 -12.25
N PHE C 196 28.15 -12.33 -12.14
CA PHE C 196 27.42 -13.52 -12.57
C PHE C 196 27.24 -14.40 -11.35
N TRP C 197 25.99 -14.77 -11.10
CA TRP C 197 25.54 -15.48 -9.91
C TRP C 197 24.98 -16.80 -10.40
N PHE C 198 25.80 -17.84 -10.34
CA PHE C 198 25.40 -19.14 -10.82
C PHE C 198 24.56 -19.89 -9.81
N ASP C 199 23.64 -20.67 -10.36
CA ASP C 199 22.79 -21.55 -9.62
C ASP C 199 22.67 -22.83 -10.45
N GLY C 200 22.04 -23.88 -9.90
CA GLY C 200 21.83 -25.12 -10.65
C GLY C 200 23.16 -25.76 -11.02
N THR C 201 24.09 -25.76 -10.06
CA THR C 201 25.46 -26.24 -10.29
C THR C 201 25.83 -27.36 -9.33
N TRP C 202 24.84 -27.89 -8.61
CA TRP C 202 25.08 -28.90 -7.54
C TRP C 202 25.15 -30.34 -8.06
N ASP C 203 24.67 -30.59 -9.29
CA ASP C 203 24.55 -31.96 -9.78
C ASP C 203 25.92 -32.64 -9.95
N ALA C 204 25.94 -33.95 -9.75
CA ALA C 204 27.14 -34.78 -9.95
C ALA C 204 27.92 -34.47 -11.26
N SER C 205 27.20 -34.24 -12.36
CA SER C 205 27.84 -33.88 -13.63
C SER C 205 28.71 -32.63 -13.53
N VAL C 206 28.21 -31.61 -12.84
CA VAL C 206 28.98 -30.40 -12.65
C VAL C 206 30.14 -30.64 -11.67
N LYS C 207 29.85 -31.30 -10.54
CA LYS C 207 30.88 -31.65 -9.58
C LYS C 207 32.05 -32.46 -10.18
N LYS C 208 31.76 -33.36 -11.11
CA LYS C 208 32.82 -34.17 -11.75
C LYS C 208 33.60 -33.32 -12.76
N ASN C 209 33.06 -32.14 -13.05
CA ASN C 209 33.61 -31.26 -14.09
C ASN C 209 34.07 -29.91 -13.51
N GLY C 210 34.78 -29.99 -12.38
CA GLY C 210 35.22 -28.78 -11.67
C GLY C 210 36.05 -27.89 -12.56
N TRP C 211 36.84 -28.52 -13.43
CA TRP C 211 37.65 -27.81 -14.43
C TRP C 211 36.82 -26.77 -15.19
N TRP C 212 35.58 -27.13 -15.50
CA TRP C 212 34.72 -26.28 -16.31
C TRP C 212 34.33 -25.05 -15.49
N THR C 213 34.06 -25.25 -14.21
CA THR C 213 33.62 -24.18 -13.33
C THR C 213 34.72 -23.10 -13.19
N ALA C 214 35.97 -23.54 -13.08
CA ALA C 214 37.12 -22.63 -13.01
C ALA C 214 37.30 -21.88 -14.32
N HIS C 215 37.13 -22.61 -15.44
CA HIS C 215 37.19 -22.02 -16.79
C HIS C 215 36.11 -20.94 -17.03
N ALA C 216 34.88 -21.20 -16.61
CA ALA C 216 33.78 -20.24 -16.73
C ALA C 216 34.10 -18.95 -15.99
N GLU C 217 34.63 -19.08 -14.77
CA GLU C 217 34.98 -17.92 -13.98
C GLU C 217 36.03 -17.07 -14.70
N GLN C 218 37.10 -17.74 -15.14
CA GLN C 218 38.19 -17.13 -15.89
C GLN C 218 37.75 -16.51 -17.22
N MET C 219 36.96 -17.24 -17.99
CA MET C 219 36.42 -16.76 -19.26
C MET C 219 35.63 -15.44 -19.07
N LEU C 220 34.75 -15.41 -18.06
CA LEU C 220 33.94 -14.24 -17.78
C LEU C 220 34.75 -13.10 -17.22
N LYS C 221 35.77 -13.41 -16.42
CA LYS C 221 36.65 -12.36 -15.92
C LYS C 221 37.53 -11.76 -17.04
N GLU C 222 37.84 -12.55 -18.07
CA GLU C 222 38.54 -12.03 -19.25
C GLU C 222 37.65 -11.13 -20.11
N LEU C 223 36.37 -11.48 -20.24
CA LEU C 223 35.46 -10.70 -21.08
C LEU C 223 34.91 -9.47 -20.38
N VAL C 224 34.81 -9.50 -19.06
CA VAL C 224 34.15 -8.40 -18.35
C VAL C 224 35.09 -7.94 -17.24
N PRO C 225 35.91 -6.89 -17.51
CA PRO C 225 36.87 -6.41 -16.52
C PRO C 225 36.22 -6.15 -15.14
N GLY C 226 36.73 -6.81 -14.10
CA GLY C 226 36.31 -6.52 -12.72
C GLY C 226 35.05 -7.29 -12.29
N VAL C 227 34.47 -8.09 -13.20
CA VAL C 227 33.24 -8.85 -12.90
C VAL C 227 33.41 -9.73 -11.65
N ALA C 228 32.35 -9.82 -10.83
CA ALA C 228 32.34 -10.71 -9.67
C ALA C 228 31.71 -12.02 -10.08
N ILE C 229 32.16 -13.11 -9.46
CA ILE C 229 31.62 -14.47 -9.72
C ILE C 229 31.36 -15.15 -8.38
N ASN C 230 30.19 -15.78 -8.18
CA ASN C 230 29.83 -16.33 -6.86
C ASN C 230 30.44 -17.69 -6.58
N SER C 231 30.56 -18.03 -5.29
CA SER C 231 31.15 -19.30 -4.86
C SER C 231 30.30 -20.50 -5.32
N ARG C 232 29.02 -20.27 -5.47
CA ARG C 232 28.12 -21.37 -5.84
C ARG C 232 28.41 -21.99 -7.22
N LEU C 233 29.04 -21.23 -8.10
CA LEU C 233 29.42 -21.76 -9.42
C LEU C 233 30.40 -22.90 -9.26
N ARG C 234 31.31 -22.73 -8.31
CA ARG C 234 32.61 -23.38 -8.34
C ARG C 234 32.70 -24.70 -7.64
N ALA C 235 33.41 -25.64 -8.30
CA ALA C 235 33.75 -26.94 -7.75
C ALA C 235 35.22 -27.20 -8.07
N ASP C 236 35.94 -27.79 -7.12
CA ASP C 236 37.37 -28.08 -7.32
C ASP C 236 37.62 -29.46 -7.97
N ASP C 237 38.89 -29.86 -8.06
CA ASP C 237 39.32 -31.13 -8.66
C ASP C 237 38.63 -32.34 -8.07
N LYS C 238 38.30 -32.29 -6.78
CA LYS C 238 37.64 -33.40 -6.08
C LYS C 238 36.11 -33.28 -6.04
N GLY C 239 35.57 -32.21 -6.59
CA GLY C 239 34.12 -32.04 -6.62
C GLY C 239 33.57 -31.37 -5.37
N LYS C 240 34.46 -30.75 -4.60
CA LYS C 240 34.08 -30.03 -3.39
C LYS C 240 33.61 -28.65 -3.85
N ARG C 241 32.47 -28.20 -3.35
CA ARG C 241 31.86 -26.94 -3.85
C ARG C 241 31.99 -25.77 -2.88
N HIS C 242 32.00 -24.55 -3.44
CA HIS C 242 32.06 -23.27 -2.70
C HIS C 242 33.45 -23.04 -2.10
N PHE C 243 33.85 -23.95 -1.20
CA PHE C 243 35.16 -23.90 -0.58
C PHE C 243 35.97 -25.09 -1.13
N ASP C 244 37.20 -24.86 -1.56
CA ASP C 244 37.96 -25.97 -2.16
C ASP C 244 38.41 -26.98 -1.09
N SER C 245 39.15 -28.01 -1.54
CA SER C 245 39.58 -29.12 -0.68
C SER C 245 40.61 -28.72 0.40
N ASN C 246 41.18 -27.53 0.24
CA ASN C 246 42.00 -26.91 1.25
C ASN C 246 41.25 -25.92 2.14
N GLY C 247 39.93 -25.82 1.98
CA GLY C 247 39.11 -24.95 2.81
C GLY C 247 39.09 -23.50 2.37
N ARG C 248 39.61 -23.23 1.17
CA ARG C 248 39.68 -21.88 0.65
C ARG C 248 38.50 -21.55 -0.24
N LEU C 249 37.96 -20.35 -0.08
CA LEU C 249 36.81 -19.90 -0.84
C LEU C 249 37.17 -19.75 -2.34
N MET C 250 36.33 -20.32 -3.18
CA MET C 250 36.44 -20.16 -4.63
C MET C 250 35.40 -19.13 -5.04
N GLY C 251 35.64 -18.46 -6.17
CA GLY C 251 34.81 -17.34 -6.57
C GLY C 251 35.28 -16.07 -5.86
N ASP C 252 34.46 -15.04 -5.91
CA ASP C 252 34.85 -13.75 -5.34
C ASP C 252 34.20 -13.46 -3.99
N TYR C 253 33.11 -14.16 -3.69
CA TYR C 253 32.34 -13.96 -2.47
C TYR C 253 31.55 -15.22 -2.23
N GLU C 254 31.22 -15.51 -0.97
CA GLU C 254 30.45 -16.70 -0.67
C GLU C 254 28.98 -16.39 -0.88
N SER C 255 28.26 -17.24 -1.63
CA SER C 255 26.81 -17.07 -1.74
C SER C 255 26.16 -18.30 -1.15
N GLY C 256 25.39 -18.14 -0.08
CA GLY C 256 24.82 -19.35 0.53
C GLY C 256 24.02 -19.28 1.81
N TYR C 257 23.47 -18.14 2.12
CA TYR C 257 22.82 -18.02 3.40
C TYR C 257 21.36 -17.78 3.19
N GLU C 258 20.82 -18.43 2.18
CA GLU C 258 19.40 -18.32 1.88
C GLU C 258 18.59 -18.74 3.10
N ARG C 259 17.87 -17.77 3.65
CA ARG C 259 17.02 -17.98 4.82
C ARG C 259 17.70 -18.69 6.06
N ARG C 260 18.98 -18.37 6.23
CA ARG C 260 19.87 -18.90 7.27
C ARG C 260 21.11 -17.99 7.47
N LEU C 261 20.98 -16.84 8.12
CA LEU C 261 22.14 -15.90 8.24
C LEU C 261 23.21 -16.33 9.25
N PRO C 262 24.49 -15.89 9.06
CA PRO C 262 25.54 -16.31 10.01
C PRO C 262 25.24 -15.84 11.42
N ASP C 263 25.48 -16.70 12.40
CA ASP C 263 25.26 -16.31 13.80
C ASP C 263 26.20 -15.18 14.21
N PRO C 264 25.64 -14.08 14.75
CA PRO C 264 26.39 -12.87 15.13
C PRO C 264 27.41 -13.09 16.26
N VAL C 265 27.24 -14.18 17.00
CA VAL C 265 28.17 -14.57 18.07
C VAL C 265 29.12 -15.69 17.62
N LYS C 266 28.58 -16.71 16.96
CA LYS C 266 29.32 -17.95 16.68
C LYS C 266 29.98 -18.09 15.30
N ASP C 267 29.63 -17.22 14.34
CA ASP C 267 30.12 -17.33 12.96
C ASP C 267 30.92 -16.10 12.45
N LEU C 268 31.63 -15.44 13.36
CA LEU C 268 32.48 -14.29 13.00
C LEU C 268 33.52 -14.56 11.92
N LYS C 269 33.81 -15.83 11.70
CA LYS C 269 34.66 -16.24 10.59
C LYS C 269 34.27 -15.58 9.26
N VAL C 270 32.96 -15.40 8.99
CA VAL C 270 32.50 -14.84 7.70
C VAL C 270 33.06 -13.46 7.39
N THR C 271 33.45 -12.74 8.42
CA THR C 271 33.99 -11.40 8.23
C THR C 271 35.31 -11.45 7.49
N GLN C 272 35.87 -12.64 7.35
CA GLN C 272 37.13 -12.79 6.66
C GLN C 272 37.00 -12.88 5.14
N TRP C 273 35.78 -13.06 4.64
CA TRP C 273 35.57 -13.02 3.18
C TRP C 273 34.35 -12.18 2.77
N ASP C 274 34.30 -11.80 1.50
CA ASP C 274 33.11 -11.13 1.03
C ASP C 274 32.06 -12.19 0.91
N TRP C 275 30.81 -11.80 1.15
CA TRP C 275 29.68 -12.75 1.09
C TRP C 275 28.36 -12.03 0.86
N GLU C 276 27.36 -12.79 0.41
CA GLU C 276 26.10 -12.18 0.01
C GLU C 276 24.96 -13.12 0.31
N ALA C 277 23.95 -12.61 1.02
CA ALA C 277 22.79 -13.42 1.32
C ALA C 277 21.63 -12.97 0.45
N CYS C 278 20.86 -13.92 -0.07
CA CYS C 278 19.63 -13.59 -0.77
CA CYS C 278 19.65 -13.63 -0.81
C CYS C 278 18.46 -14.25 -0.07
N MET C 279 17.39 -13.49 0.04
CA MET C 279 16.29 -13.91 0.88
C MET C 279 14.95 -13.76 0.17
N THR C 280 14.04 -14.69 0.45
CA THR C 280 12.67 -14.58 -0.04
C THR C 280 11.82 -13.82 0.97
N ILE C 281 10.70 -13.25 0.51
CA ILE C 281 9.76 -12.59 1.40
C ILE C 281 8.85 -13.63 2.09
N PRO C 282 8.23 -14.55 1.32
CA PRO C 282 7.71 -15.71 2.03
C PRO C 282 8.82 -16.70 2.44
N GLU C 283 8.43 -17.83 3.02
CA GLU C 283 9.37 -18.86 3.46
C GLU C 283 10.26 -19.41 2.34
N ASN C 284 9.68 -19.91 1.24
CA ASN C 284 10.46 -20.49 0.13
C ASN C 284 9.73 -20.31 -1.22
N GLN C 285 9.60 -19.07 -1.66
CA GLN C 285 9.02 -18.70 -2.96
C GLN C 285 9.91 -17.66 -3.64
N TRP C 286 10.53 -18.05 -4.77
CA TRP C 286 11.38 -17.09 -5.51
C TRP C 286 10.63 -16.50 -6.70
N GLY C 287 10.06 -17.37 -7.54
CA GLY C 287 9.16 -16.94 -8.59
C GLY C 287 7.79 -16.62 -8.05
N TYR C 288 6.98 -15.97 -8.88
CA TYR C 288 5.64 -15.57 -8.53
C TYR C 288 4.77 -16.80 -8.22
N HIS C 289 4.27 -16.86 -6.98
CA HIS C 289 3.29 -17.85 -6.53
C HIS C 289 2.05 -17.05 -6.17
N LYS C 290 0.90 -17.50 -6.66
CA LYS C 290 -0.34 -16.76 -6.49
C LYS C 290 -0.92 -16.86 -5.06
N ASP C 291 -0.45 -17.80 -4.25
CA ASP C 291 -1.07 -17.93 -2.93
C ASP C 291 -0.05 -17.77 -1.80
N TRP C 292 0.13 -16.52 -1.35
CA TRP C 292 1.06 -16.24 -0.26
C TRP C 292 0.55 -16.59 1.16
N SER C 293 -0.63 -17.17 1.26
CA SER C 293 -1.19 -17.58 2.56
C SER C 293 -0.59 -18.92 2.98
N LEU C 294 0.14 -19.55 2.06
CA LEU C 294 0.60 -20.91 2.29
C LEU C 294 1.77 -21.02 3.24
N SER C 295 2.57 -19.96 3.36
CA SER C 295 3.67 -19.96 4.35
C SER C 295 3.77 -18.61 5.05
N TYR C 296 4.71 -18.51 5.99
CA TYR C 296 4.93 -17.27 6.65
C TYR C 296 5.55 -16.22 5.70
N VAL C 297 5.03 -15.01 5.80
CA VAL C 297 5.49 -13.87 4.98
C VAL C 297 6.12 -12.82 5.88
N LYS C 298 7.39 -12.52 5.65
CA LYS C 298 8.12 -11.57 6.51
C LYS C 298 7.58 -10.14 6.39
N THR C 299 7.52 -9.46 7.54
CA THR C 299 7.15 -8.04 7.60
C THR C 299 8.40 -7.23 7.24
N PRO C 300 8.23 -5.96 6.87
CA PRO C 300 9.35 -5.08 6.52
C PRO C 300 10.42 -4.98 7.61
N ILE C 301 10.02 -4.89 8.88
CA ILE C 301 11.02 -4.82 9.95
C ILE C 301 11.84 -6.10 10.04
N GLU C 302 11.20 -7.25 9.79
CA GLU C 302 11.91 -8.53 9.80
C GLU C 302 12.93 -8.56 8.68
N VAL C 303 12.57 -7.94 7.56
CA VAL C 303 13.49 -7.85 6.43
C VAL C 303 14.62 -6.84 6.69
N ILE C 304 14.27 -5.68 7.20
CA ILE C 304 15.26 -4.66 7.54
C ILE C 304 16.24 -5.21 8.59
N ASP C 305 15.76 -6.04 9.50
CA ASP C 305 16.63 -6.68 10.49
C ASP C 305 17.69 -7.56 9.78
N ARG C 306 17.25 -8.39 8.84
CA ARG C 306 18.18 -9.21 8.04
C ARG C 306 19.19 -8.37 7.26
N ILE C 307 18.74 -7.27 6.64
CA ILE C 307 19.65 -6.39 5.87
C ILE C 307 20.78 -5.91 6.80
N VAL C 308 20.41 -5.30 7.92
CA VAL C 308 21.41 -4.77 8.87
C VAL C 308 22.33 -5.87 9.44
N HIS C 309 21.73 -7.02 9.79
CA HIS C 309 22.45 -8.23 10.27
C HIS C 309 23.58 -8.59 9.29
N ALA C 310 23.23 -8.76 8.03
CA ALA C 310 24.21 -9.04 6.99
C ALA C 310 25.34 -8.02 6.97
N VAL C 311 25.00 -6.72 6.93
CA VAL C 311 26.02 -5.66 6.86
C VAL C 311 26.92 -5.65 8.11
N SER C 312 26.28 -5.82 9.26
CA SER C 312 26.99 -5.89 10.54
C SER C 312 28.04 -7.01 10.58
N MET C 313 27.90 -8.00 9.71
CA MET C 313 28.85 -9.12 9.65
C MET C 313 29.59 -9.16 8.32
N GLY C 314 29.58 -8.03 7.63
CA GLY C 314 30.43 -7.76 6.47
C GLY C 314 29.89 -8.37 5.19
N GLY C 315 28.59 -8.64 5.17
CA GLY C 315 27.91 -9.18 3.97
C GLY C 315 26.92 -8.23 3.31
N ASN C 316 26.58 -8.54 2.06
CA ASN C 316 25.51 -7.93 1.30
C ASN C 316 24.18 -8.65 1.53
N MET C 317 23.05 -7.95 1.32
CA MET C 317 21.75 -8.60 1.45
C MET C 317 20.89 -8.23 0.25
N VAL C 318 20.19 -9.22 -0.30
CA VAL C 318 19.42 -9.04 -1.52
C VAL C 318 17.99 -9.53 -1.26
N VAL C 319 17.02 -8.65 -1.46
CA VAL C 319 15.62 -8.97 -1.23
C VAL C 319 15.02 -9.39 -2.56
N ASN C 320 14.42 -10.57 -2.59
CA ASN C 320 13.84 -11.12 -3.81
C ASN C 320 12.42 -10.66 -4.05
N PHE C 321 12.11 -10.48 -5.34
CA PHE C 321 10.80 -10.15 -5.91
C PHE C 321 10.54 -11.16 -7.04
N GLY C 322 9.30 -11.59 -7.16
CA GLY C 322 8.86 -12.49 -8.23
C GLY C 322 7.73 -11.79 -8.98
N PRO C 323 8.07 -11.02 -10.03
CA PRO C 323 7.07 -10.27 -10.75
C PRO C 323 5.92 -11.13 -11.29
N GLN C 324 4.72 -10.54 -11.33
CA GLN C 324 3.56 -11.14 -11.95
C GLN C 324 3.76 -11.39 -13.43
N ALA C 325 2.98 -12.34 -13.95
CA ALA C 325 2.89 -12.62 -15.37
C ALA C 325 2.65 -11.38 -16.23
N ASP C 326 1.89 -10.41 -15.72
CA ASP C 326 1.56 -9.22 -16.53
C ASP C 326 2.64 -8.15 -16.54
N GLY C 327 3.69 -8.29 -15.72
CA GLY C 327 4.80 -7.33 -15.73
C GLY C 327 4.71 -6.28 -14.62
N ASP C 328 3.75 -6.46 -13.72
CA ASP C 328 3.62 -5.63 -12.55
C ASP C 328 4.08 -6.43 -11.34
N PHE C 329 4.11 -5.78 -10.19
CA PHE C 329 4.51 -6.44 -8.94
C PHE C 329 3.31 -6.52 -8.03
N ARG C 330 3.19 -7.65 -7.31
CA ARG C 330 2.09 -7.85 -6.36
C ARG C 330 2.13 -6.75 -5.28
N PRO C 331 1.00 -6.50 -4.61
CA PRO C 331 0.97 -5.37 -3.67
C PRO C 331 1.82 -5.58 -2.41
N GLU C 332 2.02 -6.83 -1.99
CA GLU C 332 2.88 -7.09 -0.82
C GLU C 332 4.33 -6.68 -1.11
N GLU C 333 4.75 -6.84 -2.38
CA GLU C 333 6.10 -6.49 -2.82
C GLU C 333 6.26 -4.98 -2.97
N LYS C 334 5.24 -4.34 -3.55
CA LYS C 334 5.23 -2.89 -3.60
C LYS C 334 5.34 -2.30 -2.19
N ALA C 335 4.54 -2.84 -1.26
CA ALA C 335 4.58 -2.35 0.13
C ALA C 335 5.96 -2.59 0.76
N MET C 336 6.55 -3.77 0.49
CA MET C 336 7.90 -4.06 1.03
C MET C 336 8.96 -3.09 0.52
N ALA C 337 9.07 -2.97 -0.80
CA ALA C 337 10.00 -2.04 -1.40
C ALA C 337 9.82 -0.63 -0.82
N THR C 338 8.58 -0.17 -0.70
CA THR C 338 8.33 1.16 -0.17
C THR C 338 8.75 1.36 1.30
N ALA C 339 8.40 0.41 2.16
CA ALA C 339 8.75 0.48 3.57
C ALA C 339 10.27 0.40 3.73
N ILE C 340 10.93 -0.43 2.94
CA ILE C 340 12.40 -0.50 3.03
C ILE C 340 13.00 0.85 2.60
N GLY C 341 12.49 1.39 1.49
CA GLY C 341 12.96 2.68 0.97
C GLY C 341 12.87 3.83 1.97
N LYS C 342 11.73 3.93 2.65
CA LYS C 342 11.54 4.96 3.70
C LYS C 342 12.56 4.83 4.82
N TRP C 343 12.73 3.60 5.31
CA TRP C 343 13.71 3.33 6.35
C TRP C 343 15.10 3.68 5.86
N MET C 344 15.47 3.19 4.66
CA MET C 344 16.81 3.44 4.10
C MET C 344 17.04 4.93 3.85
N ASN C 345 16.01 5.66 3.44
CA ASN C 345 16.13 7.10 3.31
C ASN C 345 16.58 7.75 4.63
N ARG C 346 16.06 7.23 5.74
CA ARG C 346 16.35 7.77 7.08
C ARG C 346 17.64 7.24 7.70
N TYR C 347 17.90 5.96 7.51
CA TYR C 347 18.97 5.27 8.23
C TYR C 347 20.07 4.63 7.37
N GLY C 348 19.97 4.76 6.05
CA GLY C 348 20.88 4.11 5.14
C GLY C 348 22.36 4.44 5.29
N LYS C 349 22.66 5.50 6.01
CA LYS C 349 24.06 5.82 6.28
C LYS C 349 24.74 4.70 7.08
N ALA C 350 23.96 3.97 7.90
CA ALA C 350 24.49 2.84 8.67
C ALA C 350 24.56 1.54 7.86
N VAL C 351 24.17 1.62 6.58
CA VAL C 351 24.12 0.46 5.70
C VAL C 351 25.09 0.58 4.51
N TYR C 352 24.89 1.59 3.66
CA TYR C 352 25.71 1.76 2.47
C TYR C 352 27.17 1.94 2.81
N ALA C 353 28.04 1.14 2.18
CA ALA C 353 29.50 1.26 2.40
C ALA C 353 29.93 1.00 3.85
N CYS C 354 29.10 0.27 4.60
CA CYS C 354 29.46 -0.13 5.94
C CYS C 354 29.93 -1.59 6.00
N ASP C 355 30.39 -2.02 7.18
CA ASP C 355 31.12 -3.27 7.34
C ASP C 355 31.12 -3.67 8.83
N TYR C 356 31.63 -4.86 9.11
CA TYR C 356 31.80 -5.36 10.48
C TYR C 356 32.57 -4.35 11.36
N ALA C 357 32.05 -4.09 12.55
CA ALA C 357 32.68 -3.12 13.46
C ALA C 357 33.68 -3.71 14.45
N GLY C 358 33.68 -5.02 14.63
CA GLY C 358 34.60 -5.64 15.58
C GLY C 358 34.18 -5.53 17.05
N PHE C 359 32.94 -5.11 17.30
CA PHE C 359 32.41 -5.04 18.65
C PHE C 359 31.64 -6.32 18.96
N GLU C 360 31.70 -6.78 20.22
CA GLU C 360 30.87 -7.87 20.66
C GLU C 360 29.38 -7.59 20.48
N LYS C 361 28.66 -8.60 20.01
CA LYS C 361 27.25 -8.52 19.81
C LYS C 361 26.47 -8.26 21.10
N GLN C 362 25.58 -7.27 21.06
CA GLN C 362 24.73 -6.93 22.20
C GLN C 362 23.27 -7.14 21.76
N ASP C 363 22.37 -7.38 22.72
CA ASP C 363 21.00 -7.84 22.42
C ASP C 363 20.09 -6.81 21.80
N TRP C 364 20.45 -5.54 21.89
CA TRP C 364 19.56 -4.46 21.44
C TRP C 364 19.58 -4.33 19.93
N GLY C 365 20.57 -4.94 19.29
CA GLY C 365 20.66 -4.81 17.83
C GLY C 365 22.04 -5.04 17.30
N TYR C 366 22.43 -4.23 16.30
CA TYR C 366 23.69 -4.47 15.57
C TYR C 366 24.58 -3.23 15.50
N TYR C 367 25.87 -3.46 15.39
CA TYR C 367 26.77 -2.39 15.05
C TYR C 367 27.16 -2.52 13.57
N THR C 368 27.42 -1.38 12.95
CA THR C 368 28.10 -1.34 11.67
C THR C 368 29.17 -0.24 11.72
N ARG C 369 30.17 -0.38 10.87
CA ARG C 369 31.27 0.55 10.81
C ARG C 369 31.28 1.27 9.46
N GLY C 370 31.26 2.59 9.49
CA GLY C 370 31.29 3.42 8.28
C GLY C 370 32.71 3.57 7.75
N LYS C 371 32.85 4.26 6.62
CA LYS C 371 34.14 4.37 5.97
C LYS C 371 35.15 5.24 6.76
N ASN C 372 34.64 6.21 7.53
CA ASN C 372 35.50 7.10 8.34
C ASN C 372 35.45 6.72 9.82
N ASP C 373 35.35 5.41 10.07
CA ASP C 373 35.36 4.84 11.43
C ASP C 373 34.21 5.27 12.33
N GLU C 374 33.13 5.78 11.73
CA GLU C 374 31.88 5.90 12.45
C GLU C 374 31.45 4.49 12.91
N VAL C 375 30.95 4.38 14.13
CA VAL C 375 30.34 3.11 14.56
C VAL C 375 28.88 3.41 14.81
N TYR C 376 28.01 2.73 14.06
CA TYR C 376 26.58 2.93 14.18
C TYR C 376 25.99 1.83 15.05
N MET C 377 25.14 2.22 15.98
CA MET C 377 24.29 1.27 16.69
C MET C 377 22.91 1.29 16.04
N VAL C 378 22.47 0.15 15.52
CA VAL C 378 21.14 0.05 14.94
C VAL C 378 20.32 -0.78 15.95
N VAL C 379 19.33 -0.12 16.56
CA VAL C 379 18.51 -0.68 17.65
C VAL C 379 17.19 -1.25 17.13
N PHE C 380 17.03 -2.56 17.31
CA PHE C 380 15.80 -3.28 16.95
C PHE C 380 15.00 -3.69 18.17
N ASN C 381 15.71 -3.82 19.30
CA ASN C 381 15.09 -4.35 20.51
C ASN C 381 15.33 -3.32 21.63
N GLN C 382 14.33 -2.49 21.91
CA GLN C 382 14.46 -1.38 22.88
C GLN C 382 14.48 -1.91 24.32
N PRO C 383 15.61 -1.72 25.04
CA PRO C 383 15.71 -2.15 26.46
C PRO C 383 14.76 -1.38 27.38
N TYR C 384 13.96 -2.09 28.19
CA TYR C 384 13.22 -1.44 29.28
C TYR C 384 14.16 -0.71 30.25
N SER C 385 15.43 -1.10 30.31
CA SER C 385 16.43 -0.40 31.16
C SER C 385 16.76 1.02 30.71
N GLU C 386 16.41 1.35 29.47
CA GLU C 386 16.67 2.67 28.85
C GLU C 386 18.15 2.88 28.62
N ARG C 387 18.89 1.77 28.68
CA ARG C 387 20.33 1.79 28.56
C ARG C 387 20.77 0.73 27.56
N LEU C 388 21.61 1.12 26.62
CA LEU C 388 22.11 0.25 25.58
C LEU C 388 23.56 -0.03 25.94
N ILE C 389 23.83 -1.25 26.37
CA ILE C 389 25.20 -1.66 26.74
C ILE C 389 26.09 -1.64 25.53
N VAL C 390 27.22 -0.95 25.66
CA VAL C 390 28.26 -0.93 24.63
C VAL C 390 29.57 -1.45 25.22
N LYS C 391 30.00 -2.65 24.81
CA LYS C 391 31.32 -3.17 25.22
C LYS C 391 32.33 -2.98 24.08
N THR C 392 33.38 -2.21 24.35
CA THR C 392 34.34 -1.84 23.32
C THR C 392 35.50 -2.81 23.22
N PRO C 393 36.12 -2.93 22.02
CA PRO C 393 37.35 -3.71 21.87
C PRO C 393 38.47 -3.02 22.65
N LYS C 394 39.49 -3.78 23.03
CA LYS C 394 40.63 -3.22 23.77
C LYS C 394 41.23 -2.10 22.95
N GLY C 395 41.44 -0.95 23.59
CA GLY C 395 42.01 0.21 22.89
C GLY C 395 41.00 1.24 22.38
N ILE C 396 39.72 0.91 22.41
CA ILE C 396 38.69 1.80 21.87
C ILE C 396 37.88 2.47 22.98
N THR C 397 37.70 3.78 22.85
CA THR C 397 36.84 4.54 23.75
C THR C 397 35.71 5.21 22.97
N VAL C 398 34.63 5.55 23.67
CA VAL C 398 33.51 6.23 23.05
C VAL C 398 33.51 7.69 23.47
N GLU C 399 33.65 8.61 22.51
CA GLU C 399 33.72 10.05 22.77
C GLU C 399 32.35 10.74 22.81
N LYS C 400 31.43 10.24 21.99
CA LYS C 400 30.17 10.95 21.77
C LYS C 400 29.20 9.96 21.15
N ALA C 401 27.92 10.16 21.43
CA ALA C 401 26.83 9.44 20.78
C ALA C 401 25.81 10.49 20.32
N THR C 402 25.29 10.28 19.12
CA THR C 402 24.40 11.23 18.45
C THR C 402 23.26 10.47 17.81
N LEU C 403 22.03 10.93 17.99
CA LEU C 403 20.91 10.35 17.27
C LEU C 403 21.03 10.75 15.80
N LEU C 404 21.18 9.74 14.92
CA LEU C 404 21.44 10.00 13.48
C LEU C 404 20.43 10.96 12.85
N THR C 405 19.14 10.69 13.03
CA THR C 405 18.11 11.48 12.36
C THR C 405 18.13 12.95 12.79
N THR C 406 18.31 13.23 14.08
CA THR C 406 18.07 14.59 14.59
C THR C 406 19.34 15.35 14.93
N GLY C 407 20.44 14.62 15.08
CA GLY C 407 21.69 15.22 15.55
C GLY C 407 21.75 15.53 17.05
N GLU C 408 20.78 15.03 17.83
CA GLU C 408 20.76 15.30 19.24
C GLU C 408 21.79 14.47 20.01
N ASP C 409 22.36 15.06 21.06
CA ASP C 409 23.42 14.41 21.84
C ASP C 409 22.81 13.36 22.78
N ILE C 410 23.46 12.22 22.89
CA ILE C 410 22.93 11.10 23.67
C ILE C 410 23.94 10.78 24.77
N THR C 411 23.43 10.65 26.00
CA THR C 411 24.27 10.42 27.17
C THR C 411 25.05 9.09 27.07
N VAL C 412 26.36 9.20 27.26
CA VAL C 412 27.23 8.05 27.34
C VAL C 412 27.84 8.03 28.74
N VAL C 413 27.59 6.94 29.47
CA VAL C 413 28.08 6.78 30.83
C VAL C 413 29.07 5.60 30.86
N GLU C 414 30.26 5.83 31.44
CA GLU C 414 31.25 4.77 31.63
C GLU C 414 30.72 3.83 32.73
N THR C 415 30.70 2.51 32.51
CA THR C 415 30.13 1.60 33.55
C THR C 415 31.17 0.67 34.17
N THR C 416 32.14 0.27 33.37
CA THR C 416 33.27 -0.51 33.85
C THR C 416 34.33 -0.49 32.78
N ARG C 417 35.36 -1.31 32.97
CA ARG C 417 36.41 -1.48 31.97
C ARG C 417 35.83 -1.85 30.62
N ASN C 418 36.18 -1.08 29.60
CA ASN C 418 35.67 -1.24 28.23
C ASN C 418 34.15 -1.41 28.09
N GLU C 419 33.39 -0.74 28.95
CA GLU C 419 31.94 -0.81 28.86
C GLU C 419 31.25 0.51 29.16
N TYR C 420 30.22 0.79 28.38
CA TYR C 420 29.42 2.00 28.50
C TYR C 420 27.94 1.69 28.50
N ASN C 421 27.16 2.59 29.10
CA ASN C 421 25.73 2.64 28.90
C ASN C 421 25.46 3.83 27.99
N VAL C 422 24.86 3.56 26.83
CA VAL C 422 24.39 4.61 25.93
C VAL C 422 22.91 4.75 26.15
N SER C 423 22.44 5.93 26.53
CA SER C 423 21.02 6.10 26.79
C SER C 423 20.20 5.96 25.53
N VAL C 424 18.97 5.49 25.70
CA VAL C 424 18.05 5.51 24.58
C VAL C 424 17.71 7.00 24.35
N PRO C 425 17.19 7.35 23.16
CA PRO C 425 16.71 8.73 22.90
C PRO C 425 15.64 9.19 23.88
N LYS C 426 15.52 10.49 24.08
CA LYS C 426 14.53 11.04 25.01
C LYS C 426 13.09 10.65 24.63
N LYS C 427 12.79 10.67 23.33
CA LYS C 427 11.52 10.14 22.87
C LYS C 427 11.79 8.91 22.02
N ASN C 428 10.99 7.86 22.26
CA ASN C 428 11.11 6.59 21.56
C ASN C 428 10.87 6.83 20.06
N PRO C 429 11.88 6.50 19.21
CA PRO C 429 11.72 6.67 17.77
C PRO C 429 10.58 5.85 17.15
N GLY C 430 10.14 4.79 17.84
CA GLY C 430 8.99 4.00 17.36
C GLY C 430 9.25 3.13 16.14
N GLU C 431 10.52 2.93 15.79
CA GLU C 431 10.91 2.03 14.71
C GLU C 431 12.36 1.72 14.99
N PRO C 432 12.94 0.69 14.33
CA PRO C 432 14.40 0.49 14.47
C PRO C 432 15.18 1.76 14.14
N TYR C 433 16.20 2.11 14.92
CA TYR C 433 16.79 3.46 14.80
C TYR C 433 18.30 3.46 14.98
N VAL C 434 18.94 4.58 14.66
CA VAL C 434 20.38 4.63 14.62
C VAL C 434 20.98 5.67 15.59
N ILE C 435 21.94 5.21 16.38
CA ILE C 435 22.75 6.08 17.19
C ILE C 435 24.16 5.99 16.64
N GLN C 436 24.75 7.14 16.29
CA GLN C 436 26.11 7.15 15.76
C GLN C 436 27.10 7.46 16.87
N LEU C 437 28.09 6.60 16.99
CA LEU C 437 29.14 6.75 17.98
C LEU C 437 30.36 7.29 17.28
N LYS C 438 31.07 8.12 18.01
CA LYS C 438 32.34 8.65 17.62
C LYS C 438 33.31 7.92 18.51
N VAL C 439 34.20 7.13 17.90
CA VAL C 439 35.15 6.37 18.70
C VAL C 439 36.57 6.92 18.51
N ARG C 440 37.46 6.64 19.46
CA ARG C 440 38.90 6.98 19.37
C ARG C 440 39.71 5.69 19.49
N ALA C 441 40.71 5.54 18.63
CA ALA C 441 41.55 4.33 18.60
C ALA C 441 42.98 4.61 19.06
N GLU D 5 37.34 -17.76 -62.23
CA GLU D 5 36.99 -16.92 -61.05
C GLU D 5 37.76 -17.30 -59.77
N ILE D 6 37.91 -16.31 -58.88
CA ILE D 6 38.88 -16.31 -57.78
C ILE D 6 38.24 -16.74 -56.47
N PRO D 7 38.91 -17.67 -55.74
CA PRO D 7 38.39 -18.03 -54.42
C PRO D 7 38.56 -16.87 -53.43
N LEU D 8 37.50 -16.56 -52.70
CA LEU D 8 37.52 -15.44 -51.75
C LEU D 8 36.90 -15.84 -50.43
N LYS D 9 37.51 -15.40 -49.33
CA LYS D 9 36.95 -15.67 -48.01
C LYS D 9 35.95 -14.60 -47.58
N TYR D 10 36.10 -13.39 -48.15
CA TYR D 10 35.36 -12.20 -47.71
C TYR D 10 34.66 -11.48 -48.87
N GLY D 11 34.24 -12.29 -49.86
CA GLY D 11 33.48 -11.81 -50.99
C GLY D 11 31.98 -11.91 -50.72
N ALA D 12 31.20 -11.88 -51.80
CA ALA D 12 29.74 -11.84 -51.72
C ALA D 12 29.13 -12.99 -50.93
N THR D 13 28.03 -12.70 -50.26
CA THR D 13 27.32 -13.65 -49.40
C THR D 13 25.89 -13.89 -49.89
N ASN D 14 25.35 -12.97 -50.67
CA ASN D 14 24.04 -13.16 -51.28
C ASN D 14 24.18 -13.65 -52.73
N GLU D 15 23.24 -14.49 -53.14
CA GLU D 15 22.99 -14.82 -54.55
C GLU D 15 22.50 -13.58 -55.31
N GLY D 16 21.27 -13.63 -55.78
CA GLY D 16 20.62 -12.45 -56.31
C GLY D 16 20.02 -11.67 -55.16
N LYS D 17 18.81 -11.17 -55.36
CA LYS D 17 18.15 -10.35 -54.35
C LYS D 17 17.64 -11.20 -53.20
N ARG D 18 17.83 -10.70 -51.99
CA ARG D 18 17.14 -11.26 -50.84
C ARG D 18 15.65 -11.11 -51.03
N GLN D 19 14.91 -12.14 -50.66
CA GLN D 19 13.45 -12.10 -50.82
C GLN D 19 12.70 -12.44 -49.53
N ASP D 20 13.42 -12.40 -48.41
CA ASP D 20 12.84 -12.54 -47.06
C ASP D 20 12.00 -11.26 -46.81
N PRO D 21 11.03 -11.29 -45.86
CA PRO D 21 10.11 -10.13 -45.68
C PRO D 21 10.78 -8.79 -45.31
N ALA D 22 11.87 -8.83 -44.56
CA ALA D 22 12.60 -7.61 -44.20
C ALA D 22 13.22 -6.90 -45.42
N MET D 23 13.81 -7.65 -46.33
CA MET D 23 14.34 -7.03 -47.57
C MET D 23 13.20 -6.54 -48.46
N GLN D 24 12.12 -7.30 -48.52
CA GLN D 24 10.96 -6.90 -49.32
C GLN D 24 10.39 -5.59 -48.85
N LYS D 25 10.36 -5.38 -47.53
CA LYS D 25 9.91 -4.11 -46.92
C LYS D 25 10.91 -2.96 -47.21
N PHE D 26 12.19 -3.24 -47.06
CA PHE D 26 13.24 -2.26 -47.41
C PHE D 26 13.02 -1.73 -48.84
N ARG D 27 12.78 -2.66 -49.76
CA ARG D 27 12.55 -2.39 -51.17
C ARG D 27 11.23 -1.65 -51.39
N ASP D 28 10.13 -2.22 -50.92
CA ASP D 28 8.79 -1.61 -51.07
C ASP D 28 8.67 -0.18 -50.52
N ASN D 29 9.37 0.09 -49.43
CA ASN D 29 9.41 1.45 -48.89
C ASN D 29 9.67 2.48 -49.99
N ARG D 30 10.69 2.20 -50.82
CA ARG D 30 11.15 3.07 -51.93
C ARG D 30 11.66 4.48 -51.62
N LEU D 31 10.87 5.29 -50.88
CA LEU D 31 11.22 6.68 -50.59
C LEU D 31 11.59 6.89 -49.13
N GLY D 32 12.78 7.44 -48.92
CA GLY D 32 13.31 7.68 -47.57
C GLY D 32 13.80 9.09 -47.43
N ALA D 33 14.01 9.53 -46.20
CA ALA D 33 14.72 10.78 -45.93
C ALA D 33 16.02 10.45 -45.24
N PHE D 34 17.02 11.32 -45.41
CA PHE D 34 18.29 11.19 -44.70
C PHE D 34 18.28 12.38 -43.73
N ILE D 35 18.82 12.15 -42.52
CA ILE D 35 19.17 13.20 -41.59
C ILE D 35 20.68 13.21 -41.38
N HIS D 36 21.33 14.32 -41.73
CA HIS D 36 22.71 14.60 -41.34
C HIS D 36 22.70 15.67 -40.26
N TRP D 37 22.91 15.25 -39.02
CA TRP D 37 22.90 16.17 -37.89
C TRP D 37 24.03 15.80 -36.94
N GLY D 38 24.90 16.77 -36.72
CA GLY D 38 26.07 16.63 -35.84
C GLY D 38 26.58 18.02 -35.49
N LEU D 39 27.77 18.08 -34.91
CA LEU D 39 28.32 19.35 -34.41
C LEU D 39 28.52 20.36 -35.54
N TYR D 40 28.78 19.89 -36.76
CA TYR D 40 28.87 20.77 -37.95
C TYR D 40 27.69 21.75 -38.12
N ALA D 41 26.50 21.39 -37.66
CA ALA D 41 25.35 22.29 -37.79
C ALA D 41 25.53 23.63 -37.06
N ILE D 42 26.40 23.64 -36.06
CA ILE D 42 26.63 24.84 -35.25
C ILE D 42 27.37 25.92 -36.06
N PRO D 43 28.61 25.67 -36.51
CA PRO D 43 29.26 26.66 -37.35
C PRO D 43 28.59 26.78 -38.74
N GLY D 44 27.91 25.73 -39.18
CA GLY D 44 27.16 25.77 -40.45
C GLY D 44 28.00 26.21 -41.65
N GLY D 45 29.20 25.66 -41.78
CA GLY D 45 30.10 26.03 -42.88
C GLY D 45 30.99 27.25 -42.75
N GLU D 46 30.89 27.97 -41.63
CA GLU D 46 31.77 29.13 -41.36
C GLU D 46 32.69 28.87 -40.17
N TRP D 47 33.99 29.06 -40.34
CA TRP D 47 34.97 28.91 -39.27
C TRP D 47 35.94 30.08 -39.21
N ASN D 48 35.93 30.80 -38.08
CA ASN D 48 36.75 31.99 -37.92
C ASN D 48 36.39 33.06 -38.93
N GLY D 49 35.09 33.34 -39.09
CA GLY D 49 34.62 34.36 -40.06
C GLY D 49 34.97 34.13 -41.53
N LYS D 50 35.35 32.90 -41.90
CA LYS D 50 35.47 32.51 -43.30
C LYS D 50 34.40 31.45 -43.61
N VAL D 51 33.53 31.76 -44.57
CA VAL D 51 32.56 30.78 -45.08
C VAL D 51 33.25 29.90 -46.10
N TYR D 52 33.17 28.59 -45.89
CA TYR D 52 33.75 27.60 -46.82
C TYR D 52 32.63 27.07 -47.71
N GLY D 53 32.93 26.97 -49.00
CA GLY D 53 31.99 26.42 -49.99
C GLY D 53 31.85 24.90 -49.94
N GLY D 54 32.89 24.23 -49.44
CA GLY D 54 32.86 22.76 -49.24
C GLY D 54 31.68 22.29 -48.40
N ALA D 55 31.40 20.99 -48.45
CA ALA D 55 30.34 20.38 -47.64
C ALA D 55 30.55 20.74 -46.17
N ALA D 56 29.54 21.35 -45.56
CA ALA D 56 29.60 21.78 -44.16
C ALA D 56 30.04 20.69 -43.19
N GLU D 57 29.59 19.45 -43.40
CA GLU D 57 29.90 18.39 -42.43
C GLU D 57 31.36 18.06 -42.48
N TRP D 58 32.05 18.57 -43.50
CA TRP D 58 33.50 18.39 -43.63
C TRP D 58 34.32 19.63 -43.22
N LEU D 59 33.67 20.65 -42.65
CA LEU D 59 34.36 21.91 -42.24
C LEU D 59 35.61 21.68 -41.40
N LYS D 60 35.57 20.73 -40.47
CA LYS D 60 36.79 20.37 -39.73
C LYS D 60 38.00 20.18 -40.66
N SER D 61 37.77 19.50 -41.79
CA SER D 61 38.82 19.27 -42.79
C SER D 61 39.20 20.55 -43.55
N TRP D 62 38.19 21.27 -44.06
CA TRP D 62 38.42 22.50 -44.84
C TRP D 62 39.16 23.55 -44.04
N ALA D 63 38.73 23.74 -42.79
CA ALA D 63 39.28 24.81 -41.97
C ALA D 63 40.45 24.33 -41.12
N LYS D 64 40.88 23.09 -41.37
CA LYS D 64 42.01 22.47 -40.67
C LYS D 64 41.88 22.64 -39.14
N VAL D 65 40.75 22.24 -38.59
CA VAL D 65 40.52 22.42 -37.16
C VAL D 65 40.99 21.19 -36.40
N PRO D 66 41.89 21.38 -35.41
CA PRO D 66 42.30 20.26 -34.57
C PRO D 66 41.10 19.60 -33.88
N ALA D 67 41.20 18.28 -33.68
CA ALA D 67 40.12 17.52 -33.04
C ALA D 67 39.66 18.11 -31.70
N ASP D 68 40.61 18.43 -30.82
CA ASP D 68 40.32 19.09 -29.54
C ASP D 68 39.38 20.28 -29.72
N GLU D 69 39.73 21.13 -30.68
CA GLU D 69 38.99 22.38 -30.88
C GLU D 69 37.65 22.13 -31.55
N TRP D 70 37.61 21.20 -32.51
CA TRP D 70 36.35 20.89 -33.18
C TRP D 70 35.32 20.35 -32.21
N LEU D 71 35.73 19.36 -31.42
CA LEU D 71 34.84 18.67 -30.48
C LEU D 71 34.32 19.56 -29.33
N LYS D 72 35.05 20.63 -29.00
CA LYS D 72 34.57 21.69 -28.07
C LYS D 72 33.22 22.27 -28.45
N LEU D 73 32.83 22.14 -29.72
CA LEU D 73 31.48 22.53 -30.15
C LEU D 73 30.38 21.82 -29.38
N MET D 74 30.70 20.66 -28.79
CA MET D 74 29.73 19.98 -27.92
C MET D 74 29.19 20.90 -26.83
N ASP D 75 30.02 21.86 -26.40
CA ASP D 75 29.65 22.76 -25.32
C ASP D 75 28.52 23.68 -25.76
N GLN D 76 28.33 23.82 -27.08
CA GLN D 76 27.23 24.63 -27.60
C GLN D 76 26.06 23.78 -28.11
N TRP D 77 26.15 22.46 -27.97
CA TRP D 77 25.09 21.57 -28.45
C TRP D 77 23.88 21.56 -27.51
N ASN D 78 22.84 22.27 -27.90
CA ASN D 78 21.69 22.41 -27.05
C ASN D 78 20.48 22.76 -27.91
N PRO D 79 20.05 21.79 -28.77
CA PRO D 79 19.00 22.04 -29.75
C PRO D 79 17.62 22.25 -29.12
N THR D 80 17.42 23.47 -28.63
CA THR D 80 16.23 23.85 -27.88
C THR D 80 14.89 23.56 -28.61
N LYS D 81 14.88 23.70 -29.92
CA LYS D 81 13.65 23.53 -30.73
C LYS D 81 13.38 22.09 -31.16
N PHE D 82 14.25 21.16 -30.78
CA PHE D 82 14.10 19.77 -31.17
C PHE D 82 12.89 19.06 -30.55
N ASP D 83 12.06 18.47 -31.40
CA ASP D 83 10.91 17.71 -30.96
C ASP D 83 10.81 16.58 -31.96
N ALA D 84 11.20 15.39 -31.49
CA ALA D 84 11.27 14.18 -32.30
C ALA D 84 9.91 13.82 -32.91
N LYS D 85 8.82 14.05 -32.16
CA LYS D 85 7.47 13.77 -32.66
C LYS D 85 7.14 14.68 -33.83
N LYS D 86 7.67 15.90 -33.79
CA LYS D 86 7.48 16.82 -34.90
C LYS D 86 8.30 16.42 -36.12
N TRP D 87 9.50 15.89 -35.90
CA TRP D 87 10.36 15.46 -37.01
C TRP D 87 9.64 14.33 -37.71
N ALA D 88 9.12 13.41 -36.91
CA ALA D 88 8.42 12.22 -37.42
C ALA D 88 7.17 12.61 -38.21
N LYS D 89 6.44 13.61 -37.71
CA LYS D 89 5.31 14.21 -38.41
C LYS D 89 5.70 14.76 -39.79
N MET D 90 6.81 15.51 -39.83
CA MET D 90 7.34 16.07 -41.06
C MET D 90 7.66 14.97 -42.07
N ALA D 91 8.37 13.94 -41.61
CA ALA D 91 8.65 12.77 -42.46
C ALA D 91 7.37 12.12 -42.97
N LYS D 92 6.42 11.87 -42.08
CA LYS D 92 5.16 11.25 -42.47
C LYS D 92 4.43 12.06 -43.54
N GLU D 93 4.40 13.39 -43.35
CA GLU D 93 3.70 14.25 -44.28
C GLU D 93 4.41 14.34 -45.64
N MET D 94 5.73 14.16 -45.63
CA MET D 94 6.51 14.10 -46.88
C MET D 94 6.22 12.83 -47.67
N GLY D 95 5.71 11.81 -46.99
CA GLY D 95 5.44 10.53 -47.63
C GLY D 95 6.64 9.58 -47.58
N THR D 96 7.62 9.89 -46.74
CA THR D 96 8.76 8.97 -46.55
C THR D 96 8.33 7.73 -45.78
N LYS D 97 8.94 6.61 -46.10
CA LYS D 97 8.57 5.33 -45.47
C LYS D 97 9.65 4.89 -44.51
N TYR D 98 10.78 5.58 -44.59
CA TYR D 98 11.93 5.35 -43.71
C TYR D 98 12.83 6.55 -43.64
N VAL D 99 13.60 6.63 -42.55
CA VAL D 99 14.58 7.69 -42.36
C VAL D 99 15.92 7.09 -41.99
N LYS D 100 16.98 7.57 -42.64
CA LYS D 100 18.37 7.12 -42.37
C LYS D 100 19.00 8.25 -41.54
N ILE D 101 19.56 7.92 -40.37
CA ILE D 101 20.02 8.96 -39.43
C ILE D 101 21.51 8.83 -39.22
N THR D 102 22.25 9.94 -39.29
CA THR D 102 23.67 9.89 -38.93
C THR D 102 23.80 9.59 -37.44
N THR D 103 24.26 8.38 -37.09
CA THR D 103 24.50 8.08 -35.67
C THR D 103 25.78 8.75 -35.18
N LYS D 104 26.79 8.74 -36.05
CA LYS D 104 28.13 9.29 -35.80
C LYS D 104 28.68 9.56 -37.20
N HIS D 105 28.98 10.82 -37.50
CA HIS D 105 29.62 11.19 -38.77
C HIS D 105 31.16 11.14 -38.64
N HIS D 106 31.89 11.58 -39.67
CA HIS D 106 33.38 11.51 -39.61
C HIS D 106 33.96 12.19 -38.36
N GLU D 107 33.30 13.24 -37.87
CA GLU D 107 33.80 14.03 -36.72
C GLU D 107 33.86 13.20 -35.43
N GLY D 108 33.03 12.16 -35.35
CA GLY D 108 33.09 11.19 -34.24
C GLY D 108 32.09 11.50 -33.12
N PHE D 109 31.32 12.58 -33.26
CA PHE D 109 30.30 12.93 -32.25
C PHE D 109 29.10 11.99 -32.41
N CYS D 110 28.72 11.33 -31.32
CA CYS D 110 27.61 10.39 -31.32
C CYS D 110 26.29 10.99 -30.87
N LEU D 111 25.23 10.72 -31.65
CA LEU D 111 23.86 11.18 -31.30
C LEU D 111 23.15 10.33 -30.23
N TRP D 112 23.82 9.25 -29.81
CA TRP D 112 23.34 8.40 -28.72
C TRP D 112 24.45 8.37 -27.66
N PRO D 113 24.08 8.07 -26.39
CA PRO D 113 25.12 8.18 -25.36
C PRO D 113 26.03 6.96 -25.29
N SER D 114 26.96 6.84 -26.23
CA SER D 114 27.83 5.65 -26.31
C SER D 114 28.68 5.52 -25.06
N LYS D 115 28.80 4.27 -24.57
CA LYS D 115 29.67 3.98 -23.44
C LYS D 115 31.16 4.05 -23.84
N TYR D 116 31.46 4.17 -25.14
CA TYR D 116 32.83 3.96 -25.60
C TYR D 116 33.62 5.21 -25.95
N THR D 117 33.01 6.37 -25.74
CA THR D 117 33.70 7.61 -25.99
C THR D 117 33.03 8.71 -25.21
N LYS D 118 33.78 9.75 -24.88
CA LYS D 118 33.14 10.89 -24.21
C LYS D 118 32.48 11.82 -25.20
N TYR D 119 32.77 11.66 -26.49
CA TYR D 119 32.22 12.59 -27.49
C TYR D 119 30.82 12.16 -27.93
N THR D 120 29.84 12.39 -27.05
CA THR D 120 28.48 11.94 -27.31
C THR D 120 27.53 13.00 -26.75
N VAL D 121 26.25 12.89 -27.12
CA VAL D 121 25.19 13.79 -26.65
C VAL D 121 25.08 13.88 -25.12
N ALA D 122 25.54 12.83 -24.42
CA ALA D 122 25.53 12.79 -22.96
C ALA D 122 26.41 13.89 -22.35
N ASN D 123 27.52 14.20 -23.01
CA ASN D 123 28.44 15.23 -22.54
C ASN D 123 28.20 16.66 -23.10
N THR D 124 27.01 16.88 -23.64
CA THR D 124 26.55 18.20 -24.08
C THR D 124 25.53 18.69 -23.06
N PRO D 125 25.29 20.01 -23.05
CA PRO D 125 24.27 20.59 -22.14
C PRO D 125 22.91 19.98 -22.36
N TYR D 126 22.66 19.53 -23.59
CA TYR D 126 21.38 18.91 -23.95
C TYR D 126 21.17 17.56 -23.29
N LYS D 127 22.25 16.80 -23.12
CA LYS D 127 22.30 15.54 -22.37
C LYS D 127 21.48 14.37 -22.96
N ARG D 128 20.31 14.66 -23.54
CA ARG D 128 19.32 13.65 -23.98
C ARG D 128 19.76 12.73 -25.13
N ASP D 129 19.26 11.49 -25.11
CA ASP D 129 19.49 10.50 -26.17
C ASP D 129 18.69 10.82 -27.43
N ILE D 130 19.22 11.73 -28.25
CA ILE D 130 18.56 12.17 -29.48
C ILE D 130 18.24 11.03 -30.43
N LEU D 131 19.18 10.12 -30.65
CA LEU D 131 18.92 8.99 -31.53
C LEU D 131 17.74 8.16 -31.02
N GLY D 132 17.80 7.85 -29.71
CA GLY D 132 16.73 7.10 -29.09
C GLY D 132 15.38 7.78 -29.24
N GLU D 133 15.34 9.11 -29.08
CA GLU D 133 14.04 9.84 -29.19
C GLU D 133 13.50 9.78 -30.63
N LEU D 134 14.40 9.92 -31.59
CA LEU D 134 13.99 9.78 -32.99
C LEU D 134 13.51 8.37 -33.34
N VAL D 135 14.19 7.34 -32.81
CA VAL D 135 13.88 5.97 -33.16
C VAL D 135 12.45 5.68 -32.71
N LYS D 136 12.14 6.08 -31.48
CA LYS D 136 10.79 5.95 -30.97
C LYS D 136 9.75 6.73 -31.80
N ALA D 137 10.02 8.01 -32.05
CA ALA D 137 9.07 8.87 -32.77
C ALA D 137 8.79 8.45 -34.20
N TYR D 138 9.85 8.10 -34.94
CA TYR D 138 9.65 7.55 -36.29
C TYR D 138 8.89 6.25 -36.25
N ASN D 139 9.31 5.28 -35.42
CA ASN D 139 8.60 4.00 -35.35
C ASN D 139 7.12 4.12 -34.97
N ASP D 140 6.81 5.05 -34.06
CA ASP D 140 5.41 5.40 -33.69
C ASP D 140 4.57 5.88 -34.86
N GLU D 141 5.22 6.45 -35.89
CA GLU D 141 4.51 6.88 -37.10
C GLU D 141 4.56 5.81 -38.17
N GLY D 142 5.09 4.64 -37.80
CA GLY D 142 5.23 3.48 -38.69
C GLY D 142 6.34 3.66 -39.74
N ILE D 143 7.37 4.40 -39.38
CA ILE D 143 8.48 4.74 -40.25
C ILE D 143 9.71 3.91 -39.83
N ASP D 144 10.27 3.14 -40.76
CA ASP D 144 11.48 2.35 -40.45
C ASP D 144 12.66 3.27 -40.20
N VAL D 145 13.58 2.87 -39.33
CA VAL D 145 14.78 3.68 -39.10
C VAL D 145 16.03 2.90 -39.52
N HIS D 146 16.95 3.59 -40.22
CA HIS D 146 18.21 3.05 -40.72
C HIS D 146 19.31 3.89 -40.09
N PHE D 147 20.44 3.29 -39.80
CA PHE D 147 21.51 4.00 -39.10
C PHE D 147 22.68 4.24 -40.04
N TYR D 148 22.97 5.50 -40.34
CA TYR D 148 24.24 5.85 -40.96
C TYR D 148 25.32 5.73 -39.88
N PHE D 149 26.49 5.18 -40.24
CA PHE D 149 27.61 5.11 -39.30
C PHE D 149 28.91 5.34 -40.09
N SER D 150 29.77 6.25 -39.61
CA SER D 150 31.06 6.47 -40.28
C SER D 150 32.16 5.62 -39.62
N VAL D 151 32.86 4.79 -40.40
CA VAL D 151 33.95 4.01 -39.84
C VAL D 151 35.13 4.94 -39.54
N MET D 152 35.49 5.77 -40.53
CA MET D 152 36.49 6.83 -40.29
C MET D 152 35.99 7.74 -39.17
N ASP D 153 36.87 7.97 -38.20
CA ASP D 153 36.50 8.74 -37.03
C ASP D 153 37.65 9.69 -36.66
N TRP D 154 37.38 10.98 -36.81
CA TRP D 154 38.36 12.05 -36.60
C TRP D 154 38.62 12.34 -35.13
N SER D 155 37.85 11.69 -34.27
CA SER D 155 37.90 11.93 -32.83
C SER D 155 38.72 10.86 -32.10
N ASN D 156 39.08 9.79 -32.81
CA ASN D 156 39.79 8.68 -32.19
C ASN D 156 41.21 8.60 -32.76
N PRO D 157 42.23 8.86 -31.90
CA PRO D 157 43.63 8.91 -32.34
C PRO D 157 44.15 7.56 -32.81
N ASP D 158 43.42 6.48 -32.51
CA ASP D 158 43.79 5.15 -33.01
C ASP D 158 43.39 4.95 -34.46
N TYR D 159 42.54 5.83 -34.99
CA TYR D 159 42.22 5.75 -36.42
C TYR D 159 43.50 5.86 -37.25
N ARG D 160 43.56 5.06 -38.32
CA ARG D 160 44.65 5.13 -39.33
C ARG D 160 44.08 5.15 -40.75
N TYR D 161 44.67 5.96 -41.62
CA TYR D 161 44.31 5.98 -43.05
C TYR D 161 45.02 4.87 -43.85
N ASP D 162 46.18 4.43 -43.39
CA ASP D 162 46.91 3.32 -44.01
C ASP D 162 47.75 2.62 -42.93
N ILE D 163 48.12 1.38 -43.20
CA ILE D 163 48.96 0.63 -42.29
C ILE D 163 50.35 0.59 -42.91
N LYS D 164 51.20 1.47 -42.42
CA LYS D 164 52.57 1.59 -42.89
C LYS D 164 53.54 1.06 -41.86
N SER D 165 53.27 1.26 -40.56
CA SER D 165 54.16 0.77 -39.52
C SER D 165 53.55 -0.37 -38.69
N LYS D 166 54.38 -0.98 -37.86
CA LYS D 166 53.95 -1.93 -36.83
C LYS D 166 52.97 -1.31 -35.82
N GLU D 167 53.30 -0.09 -35.39
CA GLU D 167 52.47 0.67 -34.45
C GLU D 167 51.09 0.98 -35.06
N ASP D 168 51.05 1.22 -36.37
CA ASP D 168 49.79 1.42 -37.11
C ASP D 168 48.90 0.20 -36.99
N SER D 169 49.50 -0.99 -37.13
CA SER D 169 48.75 -2.23 -37.15
C SER D 169 48.07 -2.46 -35.81
N ILE D 170 48.82 -2.20 -34.74
CA ILE D 170 48.34 -2.35 -33.37
C ILE D 170 47.21 -1.34 -33.07
N ALA D 171 47.45 -0.09 -33.42
CA ALA D 171 46.50 0.99 -33.14
C ALA D 171 45.18 0.78 -33.88
N PHE D 172 45.26 0.43 -35.18
CA PHE D 172 44.08 0.27 -35.99
C PHE D 172 43.28 -0.95 -35.54
N SER D 173 44.00 -1.98 -35.10
CA SER D 173 43.39 -3.14 -34.47
C SER D 173 42.45 -2.73 -33.32
N ARG D 174 42.98 -1.90 -32.43
CA ARG D 174 42.23 -1.32 -31.31
C ARG D 174 41.11 -0.41 -31.82
N PHE D 175 41.35 0.30 -32.93
CA PHE D 175 40.31 1.09 -33.55
C PHE D 175 39.11 0.23 -34.01
N LEU D 176 39.41 -0.93 -34.58
CA LEU D 176 38.38 -1.82 -35.07
C LEU D 176 37.61 -2.49 -33.93
N GLU D 177 38.28 -2.79 -32.81
CA GLU D 177 37.56 -3.25 -31.60
C GLU D 177 36.58 -2.18 -31.10
N PHE D 178 37.05 -0.94 -30.99
CA PHE D 178 36.22 0.25 -30.65
C PHE D 178 34.98 0.40 -31.54
N THR D 179 35.18 0.25 -32.84
CA THR D 179 34.10 0.36 -33.84
C THR D 179 33.07 -0.76 -33.64
N ASP D 180 33.56 -1.98 -33.46
CA ASP D 180 32.75 -3.13 -33.13
C ASP D 180 31.93 -2.85 -31.88
N ASN D 181 32.58 -2.29 -30.84
CA ASN D 181 31.87 -2.01 -29.57
C ASN D 181 30.72 -1.04 -29.84
N GLN D 182 30.99 0.03 -30.58
CA GLN D 182 29.89 0.98 -30.95
C GLN D 182 28.77 0.31 -31.76
N LEU D 183 29.13 -0.54 -32.71
CA LEU D 183 28.16 -1.18 -33.60
C LEU D 183 27.26 -2.18 -32.83
N LYS D 184 27.85 -3.02 -31.97
CA LYS D 184 27.05 -3.95 -31.15
C LYS D 184 26.16 -3.18 -30.21
N GLU D 185 26.69 -2.11 -29.62
CA GLU D 185 25.92 -1.27 -28.73
C GLU D 185 24.70 -0.71 -29.47
N LEU D 186 24.93 -0.19 -30.67
CA LEU D 186 23.82 0.34 -31.48
C LEU D 186 22.78 -0.73 -31.78
N ALA D 187 23.25 -1.92 -32.16
CA ALA D 187 22.36 -3.01 -32.54
C ALA D 187 21.53 -3.51 -31.35
N THR D 188 22.11 -3.50 -30.15
CA THR D 188 21.42 -4.05 -28.94
C THR D 188 20.58 -2.97 -28.24
N ARG D 189 21.03 -1.72 -28.32
CA ARG D 189 20.26 -0.60 -27.74
C ARG D 189 19.00 -0.27 -28.51
N TYR D 190 19.06 -0.43 -29.84
CA TYR D 190 17.94 -0.06 -30.71
C TYR D 190 17.51 -1.20 -31.64
N PRO D 191 16.93 -2.28 -31.08
CA PRO D 191 16.72 -3.51 -31.85
C PRO D 191 15.73 -3.42 -33.01
N THR D 192 15.00 -2.31 -33.10
CA THR D 192 14.12 -2.03 -34.24
C THR D 192 14.85 -1.44 -35.47
N VAL D 193 16.16 -1.12 -35.36
CA VAL D 193 16.93 -0.67 -36.54
C VAL D 193 16.78 -1.65 -37.74
N LYS D 194 16.61 -1.12 -38.95
CA LYS D 194 16.37 -1.97 -40.12
C LYS D 194 17.56 -2.12 -41.07
N ASP D 195 18.51 -1.22 -40.92
CA ASP D 195 19.59 -1.07 -41.88
C ASP D 195 20.75 -0.37 -41.19
N PHE D 196 21.97 -0.78 -41.52
CA PHE D 196 23.21 -0.01 -41.24
C PHE D 196 23.87 0.40 -42.54
N TRP D 197 24.09 1.71 -42.67
CA TRP D 197 24.55 2.28 -43.92
C TRP D 197 25.89 2.87 -43.56
N PHE D 198 26.95 2.22 -43.98
CA PHE D 198 28.29 2.64 -43.65
C PHE D 198 28.86 3.62 -44.65
N ASP D 199 29.72 4.48 -44.12
CA ASP D 199 30.40 5.50 -44.88
C ASP D 199 31.81 5.61 -44.30
N GLY D 200 32.69 6.38 -44.94
CA GLY D 200 34.06 6.55 -44.44
C GLY D 200 34.83 5.24 -44.37
N THR D 201 34.67 4.40 -45.39
CA THR D 201 35.28 3.07 -45.47
C THR D 201 36.27 2.94 -46.66
N TRP D 202 36.51 4.06 -47.35
CA TRP D 202 37.36 4.12 -48.57
C TRP D 202 38.86 4.01 -48.35
N ASP D 203 39.33 4.21 -47.12
CA ASP D 203 40.78 4.33 -46.86
C ASP D 203 41.47 3.00 -47.01
N ALA D 204 42.77 3.04 -47.35
CA ALA D 204 43.58 1.82 -47.51
C ALA D 204 43.57 0.89 -46.29
N SER D 205 43.61 1.47 -45.09
CA SER D 205 43.53 0.70 -43.84
C SER D 205 42.33 -0.26 -43.83
N VAL D 206 41.18 0.23 -44.25
CA VAL D 206 39.97 -0.61 -44.34
C VAL D 206 40.08 -1.61 -45.52
N LYS D 207 40.54 -1.14 -46.69
CA LYS D 207 40.70 -2.00 -47.89
C LYS D 207 41.60 -3.19 -47.60
N LYS D 208 42.66 -2.95 -46.83
CA LYS D 208 43.57 -4.00 -46.39
C LYS D 208 42.98 -4.89 -45.30
N ASN D 209 41.79 -4.53 -44.82
CA ASN D 209 41.15 -5.31 -43.77
C ASN D 209 39.73 -5.71 -44.18
N GLY D 210 39.64 -6.30 -45.38
CA GLY D 210 38.41 -6.85 -45.95
C GLY D 210 37.64 -7.76 -45.02
N TRP D 211 38.36 -8.68 -44.37
CA TRP D 211 37.83 -9.54 -43.33
C TRP D 211 36.93 -8.78 -42.33
N TRP D 212 37.36 -7.58 -41.95
CA TRP D 212 36.66 -6.83 -40.92
C TRP D 212 35.28 -6.40 -41.41
N THR D 213 35.22 -5.98 -42.67
CA THR D 213 33.95 -5.57 -43.29
C THR D 213 32.95 -6.71 -43.37
N ALA D 214 33.44 -7.93 -43.63
CA ALA D 214 32.59 -9.13 -43.68
C ALA D 214 32.15 -9.48 -42.28
N HIS D 215 33.07 -9.35 -41.32
CA HIS D 215 32.79 -9.63 -39.92
C HIS D 215 31.71 -8.66 -39.37
N ALA D 216 31.85 -7.37 -39.67
CA ALA D 216 30.89 -6.34 -39.20
C ALA D 216 29.50 -6.65 -39.75
N GLU D 217 29.44 -6.96 -41.04
CA GLU D 217 28.19 -7.39 -41.65
C GLU D 217 27.59 -8.59 -40.93
N GLN D 218 28.38 -9.65 -40.73
CA GLN D 218 27.85 -10.86 -40.13
C GLN D 218 27.48 -10.65 -38.67
N MET D 219 28.28 -9.89 -37.95
CA MET D 219 28.00 -9.61 -36.52
C MET D 219 26.67 -8.86 -36.38
N LEU D 220 26.40 -7.93 -37.29
CA LEU D 220 25.16 -7.18 -37.19
C LEU D 220 23.96 -8.04 -37.64
N LYS D 221 24.15 -8.85 -38.66
CA LYS D 221 23.05 -9.71 -39.11
C LYS D 221 22.69 -10.74 -38.03
N GLU D 222 23.67 -11.16 -37.23
CA GLU D 222 23.40 -12.04 -36.06
C GLU D 222 22.65 -11.30 -34.92
N LEU D 223 22.94 -10.01 -34.77
CA LEU D 223 22.32 -9.23 -33.70
C LEU D 223 20.94 -8.69 -34.02
N VAL D 224 20.64 -8.52 -35.32
CA VAL D 224 19.38 -7.86 -35.73
C VAL D 224 18.79 -8.67 -36.86
N PRO D 225 17.87 -9.60 -36.56
CA PRO D 225 17.28 -10.46 -37.59
C PRO D 225 16.79 -9.64 -38.78
N GLY D 226 17.24 -10.01 -39.97
CA GLY D 226 16.78 -9.40 -41.21
C GLY D 226 17.30 -8.02 -41.59
N VAL D 227 18.27 -7.49 -40.82
CA VAL D 227 18.81 -6.14 -41.05
C VAL D 227 19.49 -6.08 -42.42
N ALA D 228 19.52 -4.88 -43.00
CA ALA D 228 20.16 -4.64 -44.29
C ALA D 228 21.50 -3.97 -44.06
N ILE D 229 22.47 -4.31 -44.91
CA ILE D 229 23.81 -3.75 -44.81
C ILE D 229 24.17 -3.25 -46.20
N ASN D 230 24.73 -2.06 -46.33
CA ASN D 230 25.04 -1.52 -47.67
C ASN D 230 26.37 -1.99 -48.23
N SER D 231 26.49 -1.87 -49.55
CA SER D 231 27.68 -2.37 -50.24
C SER D 231 28.92 -1.52 -49.92
N ARG D 232 28.70 -0.26 -49.57
CA ARG D 232 29.80 0.68 -49.33
C ARG D 232 30.67 0.27 -48.12
N LEU D 233 30.09 -0.51 -47.21
CA LEU D 233 30.88 -1.10 -46.13
C LEU D 233 32.02 -1.99 -46.63
N ARG D 234 31.76 -2.73 -47.69
CA ARG D 234 32.41 -4.01 -47.90
C ARG D 234 33.61 -3.97 -48.83
N ALA D 235 34.67 -4.63 -48.37
CA ALA D 235 35.81 -4.90 -49.22
C ALA D 235 36.12 -6.40 -49.15
N ASP D 236 36.67 -6.96 -50.22
CA ASP D 236 37.02 -8.38 -50.18
C ASP D 236 38.48 -8.61 -49.80
N ASP D 237 38.92 -9.87 -49.93
CA ASP D 237 40.29 -10.28 -49.63
C ASP D 237 41.32 -9.41 -50.33
N LYS D 238 41.02 -9.03 -51.57
CA LYS D 238 41.93 -8.28 -52.42
C LYS D 238 41.80 -6.78 -52.26
N GLY D 239 40.85 -6.33 -51.44
CA GLY D 239 40.61 -4.92 -51.26
C GLY D 239 39.62 -4.28 -52.25
N LYS D 240 39.01 -5.09 -53.10
CA LYS D 240 37.93 -4.66 -54.02
C LYS D 240 36.68 -4.31 -53.20
N ARG D 241 36.19 -3.08 -53.36
CA ARG D 241 35.03 -2.60 -52.62
C ARG D 241 33.74 -2.64 -53.43
N HIS D 242 32.61 -2.73 -52.71
CA HIS D 242 31.24 -2.81 -53.23
C HIS D 242 30.92 -4.15 -53.92
N PHE D 243 31.61 -4.38 -55.03
CA PHE D 243 31.53 -5.62 -55.77
C PHE D 243 32.86 -6.37 -55.59
N ASP D 244 32.80 -7.67 -55.31
CA ASP D 244 34.03 -8.41 -55.02
C ASP D 244 34.86 -8.70 -56.29
N SER D 245 35.95 -9.46 -56.12
CA SER D 245 36.88 -9.72 -57.22
C SER D 245 36.26 -10.57 -58.34
N ASN D 246 35.13 -11.19 -58.02
CA ASN D 246 34.37 -11.98 -58.96
C ASN D 246 33.16 -11.23 -59.53
N GLY D 247 33.13 -9.91 -59.30
CA GLY D 247 32.07 -9.03 -59.82
C GLY D 247 30.73 -9.15 -59.12
N ARG D 248 30.69 -9.79 -57.95
CA ARG D 248 29.43 -10.00 -57.27
C ARG D 248 29.22 -8.95 -56.16
N LEU D 249 28.00 -8.45 -56.05
CA LEU D 249 27.70 -7.41 -55.07
C LEU D 249 27.82 -7.94 -53.61
N MET D 250 28.56 -7.21 -52.79
CA MET D 250 28.66 -7.51 -51.35
C MET D 250 27.64 -6.68 -50.56
N GLY D 251 27.28 -7.14 -49.36
CA GLY D 251 26.15 -6.51 -48.64
C GLY D 251 24.85 -6.86 -49.34
N ASP D 252 23.78 -6.13 -49.03
CA ASP D 252 22.43 -6.52 -49.46
C ASP D 252 21.87 -5.65 -50.59
N TYR D 253 22.52 -4.52 -50.84
CA TYR D 253 22.05 -3.60 -51.87
C TYR D 253 23.18 -2.67 -52.18
N GLU D 254 23.24 -2.18 -53.42
CA GLU D 254 24.28 -1.24 -53.77
C GLU D 254 23.94 0.18 -53.30
N SER D 255 24.88 0.80 -52.59
CA SER D 255 24.68 2.15 -52.14
C SER D 255 25.66 3.03 -52.85
N GLY D 256 25.16 4.08 -53.47
CA GLY D 256 26.14 4.97 -54.06
C GLY D 256 25.82 5.64 -55.35
N TYR D 257 24.64 6.18 -55.50
CA TYR D 257 24.55 6.99 -56.71
C TYR D 257 24.43 8.45 -56.30
N GLU D 258 25.44 8.97 -55.61
CA GLU D 258 25.35 10.34 -55.09
C GLU D 258 25.51 11.40 -56.17
N ARG D 259 26.45 11.21 -57.10
CA ARG D 259 26.56 12.21 -58.19
C ARG D 259 25.37 12.34 -59.21
N ARG D 260 24.76 11.32 -59.85
CA ARG D 260 25.29 10.08 -60.41
C ARG D 260 24.18 9.01 -60.53
N LEU D 261 22.95 9.29 -61.02
CA LEU D 261 21.93 8.19 -61.10
C LEU D 261 22.19 7.27 -62.29
N PRO D 262 21.80 5.99 -62.20
CA PRO D 262 22.08 5.11 -63.35
C PRO D 262 21.40 5.56 -64.65
N ASP D 263 22.10 5.42 -65.76
CA ASP D 263 21.55 5.86 -67.06
C ASP D 263 20.40 4.94 -67.44
N PRO D 264 19.23 5.51 -67.76
CA PRO D 264 18.06 4.67 -68.04
C PRO D 264 18.15 3.80 -69.31
N VAL D 265 19.14 4.06 -70.16
CA VAL D 265 19.31 3.28 -71.40
C VAL D 265 20.50 2.37 -71.24
N LYS D 266 21.57 2.89 -70.63
CA LYS D 266 22.89 2.22 -70.63
C LYS D 266 23.20 1.40 -69.35
N ASP D 267 22.48 1.66 -68.27
CA ASP D 267 22.84 1.04 -66.99
C ASP D 267 21.80 0.07 -66.46
N LEU D 268 21.11 -0.64 -67.35
CA LEU D 268 20.04 -1.52 -66.92
C LEU D 268 20.50 -2.71 -66.07
N LYS D 269 21.81 -2.98 -66.06
CA LYS D 269 22.41 -3.92 -65.12
C LYS D 269 21.88 -3.72 -63.68
N VAL D 270 21.74 -2.47 -63.24
CA VAL D 270 21.28 -2.22 -61.86
C VAL D 270 19.99 -2.91 -61.49
N THR D 271 19.17 -3.25 -62.48
CA THR D 271 17.87 -3.88 -62.19
C THR D 271 18.01 -5.28 -61.63
N GLN D 272 19.23 -5.82 -61.68
CA GLN D 272 19.50 -7.17 -61.18
C GLN D 272 19.79 -7.25 -59.67
N TRP D 273 20.04 -6.11 -59.05
CA TRP D 273 20.26 -6.08 -57.59
C TRP D 273 19.49 -4.93 -56.93
N ASP D 274 19.22 -5.08 -55.64
CA ASP D 274 18.66 -3.96 -54.90
C ASP D 274 19.70 -2.85 -54.79
N TRP D 275 19.27 -1.60 -54.86
CA TRP D 275 20.23 -0.51 -54.73
C TRP D 275 19.48 0.71 -54.20
N GLU D 276 20.24 1.67 -53.71
CA GLU D 276 19.67 2.83 -53.06
C GLU D 276 20.51 4.04 -53.40
N ALA D 277 19.87 5.11 -53.89
CA ALA D 277 20.56 6.36 -54.13
C ALA D 277 20.22 7.36 -53.03
N CYS D 278 21.21 8.12 -52.58
CA CYS D 278 20.95 9.23 -51.65
C CYS D 278 21.31 10.56 -52.30
N MET D 279 20.54 11.59 -52.02
CA MET D 279 20.80 12.88 -52.70
C MET D 279 20.65 14.07 -51.79
N THR D 280 21.43 15.10 -52.11
CA THR D 280 21.37 16.38 -51.44
C THR D 280 20.44 17.30 -52.20
N ILE D 281 19.87 18.25 -51.47
CA ILE D 281 19.06 19.30 -52.10
C ILE D 281 19.90 20.34 -52.84
N PRO D 282 20.89 20.97 -52.17
CA PRO D 282 21.81 21.74 -52.98
C PRO D 282 22.78 20.76 -53.66
N GLU D 283 23.81 21.27 -54.31
CA GLU D 283 24.73 20.41 -55.06
C GLU D 283 25.53 19.42 -54.19
N ASN D 284 26.13 19.91 -53.11
CA ASN D 284 26.88 19.07 -52.22
C ASN D 284 26.90 19.52 -50.76
N GLN D 285 25.73 19.74 -50.18
CA GLN D 285 25.64 19.98 -48.73
C GLN D 285 24.80 18.89 -48.06
N TRP D 286 25.42 18.13 -47.14
CA TRP D 286 24.67 17.14 -46.36
C TRP D 286 24.32 17.67 -44.98
N GLY D 287 25.31 18.13 -44.23
CA GLY D 287 25.07 18.86 -43.00
C GLY D 287 24.51 20.25 -43.29
N TYR D 288 24.02 20.92 -42.24
CA TYR D 288 23.51 22.27 -42.40
C TYR D 288 24.63 23.24 -42.77
N HIS D 289 24.38 24.01 -43.82
CA HIS D 289 25.27 25.07 -44.28
C HIS D 289 24.39 26.32 -44.25
N LYS D 290 24.92 27.42 -43.70
CA LYS D 290 24.15 28.65 -43.53
C LYS D 290 23.80 29.39 -44.84
N ASP D 291 24.51 29.08 -45.91
CA ASP D 291 24.33 29.86 -47.14
C ASP D 291 24.15 28.95 -48.37
N TRP D 292 22.90 28.62 -48.64
CA TRP D 292 22.54 27.85 -49.81
C TRP D 292 22.63 28.59 -51.17
N SER D 293 22.82 29.90 -51.13
CA SER D 293 23.03 30.66 -52.39
C SER D 293 24.35 30.28 -53.06
N LEU D 294 25.22 29.57 -52.34
CA LEU D 294 26.53 29.23 -52.90
C LEU D 294 26.55 28.17 -54.00
N SER D 295 25.44 27.45 -54.19
CA SER D 295 25.37 26.39 -55.19
C SER D 295 23.94 26.21 -55.62
N TYR D 296 23.77 25.51 -56.73
CA TYR D 296 22.44 25.26 -57.24
C TYR D 296 21.57 24.44 -56.26
N VAL D 297 20.39 24.94 -55.96
CA VAL D 297 19.40 24.29 -55.12
C VAL D 297 18.27 23.64 -55.97
N LYS D 298 18.04 22.34 -55.77
CA LYS D 298 17.07 21.63 -56.60
C LYS D 298 15.67 22.04 -56.22
N THR D 299 14.80 22.09 -57.24
CA THR D 299 13.37 22.36 -57.07
C THR D 299 12.68 21.03 -56.77
N PRO D 300 11.45 21.09 -56.22
CA PRO D 300 10.70 19.87 -55.92
C PRO D 300 10.55 18.93 -57.13
N ILE D 301 10.20 19.46 -58.30
CA ILE D 301 10.03 18.60 -59.46
C ILE D 301 11.34 17.93 -59.85
N GLU D 302 12.46 18.63 -59.68
CA GLU D 302 13.76 18.03 -59.97
C GLU D 302 14.04 16.83 -59.02
N VAL D 303 13.58 16.96 -57.79
CA VAL D 303 13.77 15.92 -56.80
C VAL D 303 12.85 14.75 -57.09
N ILE D 304 11.60 15.07 -57.40
CA ILE D 304 10.58 14.06 -57.74
C ILE D 304 11.02 13.31 -58.97
N ASP D 305 11.63 14.01 -59.93
CA ASP D 305 12.18 13.32 -61.10
C ASP D 305 13.19 12.23 -60.68
N ARG D 306 14.13 12.58 -59.80
CA ARG D 306 15.07 11.61 -59.27
C ARG D 306 14.43 10.43 -58.53
N ILE D 307 13.43 10.68 -57.69
CA ILE D 307 12.73 9.59 -57.00
C ILE D 307 12.15 8.58 -57.99
N VAL D 308 11.37 9.10 -58.95
CA VAL D 308 10.70 8.26 -59.96
C VAL D 308 11.75 7.53 -60.80
N HIS D 309 12.80 8.26 -61.17
CA HIS D 309 13.93 7.67 -61.91
C HIS D 309 14.48 6.43 -61.20
N ALA D 310 14.72 6.55 -59.88
CA ALA D 310 15.32 5.45 -59.12
C ALA D 310 14.37 4.26 -59.09
N VAL D 311 13.11 4.51 -58.79
CA VAL D 311 12.12 3.45 -58.73
C VAL D 311 11.99 2.78 -60.10
N SER D 312 12.02 3.58 -61.18
CA SER D 312 11.84 3.05 -62.53
C SER D 312 12.94 2.07 -62.89
N MET D 313 14.09 2.14 -62.20
CA MET D 313 15.19 1.22 -62.42
C MET D 313 15.45 0.27 -61.22
N GLY D 314 14.43 0.10 -60.38
CA GLY D 314 14.43 -0.95 -59.34
C GLY D 314 15.19 -0.54 -58.10
N GLY D 315 15.34 0.79 -57.92
CA GLY D 315 16.13 1.35 -56.82
C GLY D 315 15.32 2.18 -55.84
N ASN D 316 15.87 2.37 -54.62
CA ASN D 316 15.34 3.34 -53.64
C ASN D 316 15.98 4.73 -53.82
N MET D 317 15.28 5.79 -53.38
CA MET D 317 15.81 7.18 -53.37
C MET D 317 15.63 7.79 -52.01
N VAL D 318 16.68 8.46 -51.52
CA VAL D 318 16.66 9.04 -50.17
C VAL D 318 16.98 10.52 -50.26
N VAL D 319 16.05 11.36 -49.82
CA VAL D 319 16.26 12.81 -49.90
C VAL D 319 16.86 13.29 -48.58
N ASN D 320 18.03 13.94 -48.65
CA ASN D 320 18.73 14.45 -47.46
C ASN D 320 18.19 15.77 -46.93
N PHE D 321 18.17 15.86 -45.59
CA PHE D 321 17.94 17.10 -44.85
C PHE D 321 19.11 17.30 -43.86
N GLY D 322 19.51 18.55 -43.65
CA GLY D 322 20.54 18.88 -42.66
C GLY D 322 19.93 19.83 -41.63
N PRO D 323 19.37 19.29 -40.52
CA PRO D 323 18.67 20.17 -39.56
C PRO D 323 19.57 21.25 -38.95
N GLN D 324 18.96 22.35 -38.56
CA GLN D 324 19.69 23.46 -37.95
C GLN D 324 20.22 23.04 -36.58
N ALA D 325 21.25 23.75 -36.11
CA ALA D 325 21.77 23.54 -34.77
C ALA D 325 20.67 23.62 -33.68
N ASP D 326 19.64 24.43 -33.89
CA ASP D 326 18.59 24.57 -32.88
C ASP D 326 17.55 23.44 -32.83
N GLY D 327 17.61 22.48 -33.76
CA GLY D 327 16.62 21.40 -33.78
C GLY D 327 15.41 21.57 -34.72
N ASP D 328 15.37 22.68 -35.44
CA ASP D 328 14.32 22.91 -36.45
C ASP D 328 14.91 22.73 -37.85
N PHE D 329 14.04 22.68 -38.85
CA PHE D 329 14.42 22.64 -40.27
C PHE D 329 14.24 23.99 -40.91
N ARG D 330 15.23 24.36 -41.71
CA ARG D 330 15.21 25.58 -42.51
C ARG D 330 14.01 25.60 -43.46
N PRO D 331 13.60 26.81 -43.91
CA PRO D 331 12.36 26.95 -44.68
C PRO D 331 12.36 26.21 -46.05
N GLU D 332 13.49 26.23 -46.73
CA GLU D 332 13.65 25.50 -48.00
C GLU D 332 13.34 24.02 -47.82
N GLU D 333 13.79 23.46 -46.69
CA GLU D 333 13.57 22.03 -46.43
C GLU D 333 12.14 21.75 -46.06
N LYS D 334 11.53 22.61 -45.25
CA LYS D 334 10.09 22.46 -44.99
C LYS D 334 9.28 22.58 -46.29
N ALA D 335 9.68 23.48 -47.18
CA ALA D 335 8.97 23.62 -48.46
C ALA D 335 9.13 22.37 -49.34
N MET D 336 10.35 21.83 -49.39
CA MET D 336 10.61 20.60 -50.14
C MET D 336 9.73 19.44 -49.63
N ALA D 337 9.76 19.18 -48.32
CA ALA D 337 9.04 18.03 -47.77
C ALA D 337 7.58 18.13 -48.05
N THR D 338 7.04 19.34 -47.94
CA THR D 338 5.64 19.58 -48.20
C THR D 338 5.26 19.33 -49.68
N ALA D 339 6.04 19.87 -50.59
CA ALA D 339 5.81 19.71 -52.04
C ALA D 339 5.90 18.23 -52.47
N ILE D 340 6.91 17.51 -51.96
CA ILE D 340 7.02 16.06 -52.22
C ILE D 340 5.81 15.32 -51.66
N GLY D 341 5.45 15.63 -50.42
CA GLY D 341 4.29 15.01 -49.80
C GLY D 341 3.01 15.18 -50.61
N LYS D 342 2.77 16.39 -51.12
CA LYS D 342 1.54 16.63 -51.91
C LYS D 342 1.56 15.81 -53.20
N TRP D 343 2.69 15.78 -53.89
CA TRP D 343 2.81 14.96 -55.11
C TRP D 343 2.64 13.45 -54.80
N MET D 344 3.34 12.99 -53.76
CA MET D 344 3.29 11.57 -53.39
C MET D 344 1.90 11.15 -52.97
N ASN D 345 1.16 12.05 -52.31
CA ASN D 345 -0.18 11.75 -51.86
C ASN D 345 -1.07 11.49 -53.08
N ARG D 346 -0.84 12.27 -54.13
CA ARG D 346 -1.57 12.13 -55.38
C ARG D 346 -1.09 10.96 -56.27
N TYR D 347 0.22 10.77 -56.39
CA TYR D 347 0.75 9.87 -57.42
C TYR D 347 1.60 8.72 -56.85
N GLY D 348 1.64 8.62 -55.52
CA GLY D 348 2.42 7.59 -54.85
C GLY D 348 2.15 6.15 -55.23
N LYS D 349 0.96 5.90 -55.76
CA LYS D 349 0.61 4.55 -56.20
C LYS D 349 1.66 4.08 -57.22
N ALA D 350 2.31 5.03 -57.90
CA ALA D 350 3.33 4.74 -58.91
C ALA D 350 4.74 4.63 -58.36
N VAL D 351 4.90 4.74 -57.05
CA VAL D 351 6.22 4.76 -56.46
C VAL D 351 6.35 3.65 -55.42
N TYR D 352 5.46 3.69 -54.42
CA TYR D 352 5.52 2.71 -53.32
C TYR D 352 5.33 1.32 -53.86
N ALA D 353 6.18 0.41 -53.41
CA ALA D 353 6.11 -1.01 -53.78
C ALA D 353 6.17 -1.24 -55.29
N CYS D 354 6.77 -0.30 -56.01
CA CYS D 354 6.89 -0.41 -57.47
C CYS D 354 8.33 -0.77 -57.86
N ASP D 355 8.57 -1.04 -59.15
CA ASP D 355 9.86 -1.64 -59.58
C ASP D 355 10.02 -1.42 -61.10
N TYR D 356 11.18 -1.76 -61.65
CA TYR D 356 11.45 -1.73 -63.11
C TYR D 356 10.35 -2.44 -63.92
N ALA D 357 9.93 -1.85 -65.05
CA ALA D 357 8.84 -2.43 -65.86
C ALA D 357 9.33 -3.29 -67.05
N GLY D 358 10.59 -3.20 -67.38
CA GLY D 358 11.09 -3.94 -68.52
C GLY D 358 10.77 -3.32 -69.88
N PHE D 359 10.25 -2.09 -69.89
CA PHE D 359 9.97 -1.32 -71.15
C PHE D 359 11.12 -0.41 -71.53
N GLU D 360 11.34 -0.22 -72.85
CA GLU D 360 12.34 0.70 -73.34
C GLU D 360 12.04 2.15 -72.88
N LYS D 361 13.07 2.82 -72.35
CA LYS D 361 12.92 4.20 -71.87
C LYS D 361 12.44 5.12 -73.01
N GLN D 362 11.45 5.98 -72.71
CA GLN D 362 10.98 6.98 -73.68
C GLN D 362 11.14 8.39 -73.08
N ASP D 363 11.14 9.39 -73.95
CA ASP D 363 11.60 10.75 -73.57
C ASP D 363 10.62 11.46 -72.63
N TRP D 364 9.37 11.02 -72.61
CA TRP D 364 8.35 11.78 -71.88
C TRP D 364 8.47 11.58 -70.35
N GLY D 365 9.22 10.56 -69.93
CA GLY D 365 9.26 10.21 -68.52
C GLY D 365 9.69 8.79 -68.27
N TYR D 366 9.07 8.14 -67.28
CA TYR D 366 9.50 6.82 -66.78
C TYR D 366 8.30 5.89 -66.62
N TYR D 367 8.54 4.59 -66.80
CA TYR D 367 7.55 3.59 -66.40
C TYR D 367 7.92 3.05 -65.01
N THR D 368 6.90 2.67 -64.25
CA THR D 368 7.16 1.80 -63.09
C THR D 368 6.14 0.67 -63.17
N ARG D 369 6.41 -0.44 -62.47
CA ARG D 369 5.55 -1.62 -62.46
C ARG D 369 5.00 -1.79 -61.04
N GLY D 370 3.68 -1.97 -60.91
CA GLY D 370 3.07 -2.24 -59.61
C GLY D 370 3.15 -3.71 -59.27
N LYS D 371 2.67 -4.04 -58.07
CA LYS D 371 2.76 -5.39 -57.51
C LYS D 371 1.84 -6.35 -58.24
N ASN D 372 0.71 -5.82 -58.75
CA ASN D 372 -0.20 -6.62 -59.59
C ASN D 372 -0.04 -6.38 -61.09
N ASP D 373 1.18 -6.02 -61.49
CA ASP D 373 1.54 -5.82 -62.91
C ASP D 373 0.89 -4.60 -63.58
N GLU D 374 0.46 -3.64 -62.78
CA GLU D 374 0.09 -2.34 -63.32
C GLU D 374 1.38 -1.81 -63.94
N VAL D 375 1.28 -1.11 -65.06
CA VAL D 375 2.43 -0.34 -65.59
C VAL D 375 2.08 1.15 -65.61
N TYR D 376 2.83 1.94 -64.84
CA TYR D 376 2.57 3.35 -64.74
C TYR D 376 3.50 4.12 -65.65
N MET D 377 2.92 5.08 -66.36
CA MET D 377 3.68 6.03 -67.11
C MET D 377 3.69 7.28 -66.27
N VAL D 378 4.88 7.74 -65.88
CA VAL D 378 4.99 8.99 -65.16
C VAL D 378 5.60 10.04 -66.10
N VAL D 379 4.79 11.01 -66.50
CA VAL D 379 5.20 11.98 -67.53
C VAL D 379 5.81 13.21 -66.89
N PHE D 380 7.06 13.50 -67.22
CA PHE D 380 7.73 14.69 -66.76
C PHE D 380 7.93 15.68 -67.91
N ASN D 381 7.94 15.16 -69.13
CA ASN D 381 8.25 16.03 -70.29
C ASN D 381 7.14 15.91 -71.32
N GLN D 382 6.25 16.90 -71.35
CA GLN D 382 5.04 16.87 -72.14
C GLN D 382 5.29 17.10 -73.66
N PRO D 383 5.02 16.08 -74.49
CA PRO D 383 5.27 16.19 -75.94
C PRO D 383 4.28 17.14 -76.63
N TYR D 384 4.80 18.04 -77.45
CA TYR D 384 3.98 18.86 -78.31
C TYR D 384 3.14 18.02 -79.29
N SER D 385 3.65 16.84 -79.65
CA SER D 385 2.92 15.88 -80.51
C SER D 385 1.58 15.44 -79.92
N GLU D 386 1.45 15.64 -78.60
CA GLU D 386 0.27 15.23 -77.80
C GLU D 386 0.10 13.72 -77.77
N ARG D 387 1.19 13.02 -78.07
CA ARG D 387 1.21 11.58 -78.14
C ARG D 387 2.40 11.09 -77.33
N LEU D 388 2.14 10.19 -76.38
CA LEU D 388 3.19 9.56 -75.60
C LEU D 388 3.51 8.19 -76.21
N ILE D 389 4.71 8.06 -76.74
CA ILE D 389 5.11 6.81 -77.42
C ILE D 389 5.39 5.72 -76.40
N VAL D 390 4.79 4.55 -76.62
CA VAL D 390 5.03 3.37 -75.81
C VAL D 390 5.44 2.20 -76.72
N LYS D 391 6.69 1.76 -76.60
CA LYS D 391 7.15 0.53 -77.24
C LYS D 391 7.15 -0.61 -76.21
N THR D 392 6.33 -1.63 -76.46
CA THR D 392 6.16 -2.78 -75.58
C THR D 392 7.22 -3.87 -75.83
N PRO D 393 7.55 -4.66 -74.79
CA PRO D 393 8.40 -5.85 -75.04
C PRO D 393 7.65 -6.87 -75.91
N LYS D 394 8.38 -7.77 -76.56
CA LYS D 394 7.77 -8.81 -77.39
C LYS D 394 6.69 -9.54 -76.59
N GLY D 395 5.55 -9.79 -77.22
CA GLY D 395 4.45 -10.51 -76.59
C GLY D 395 3.53 -9.71 -75.67
N ILE D 396 3.86 -8.44 -75.45
CA ILE D 396 3.09 -7.61 -74.52
C ILE D 396 2.26 -6.62 -75.30
N THR D 397 0.97 -6.51 -74.94
CA THR D 397 0.09 -5.53 -75.57
C THR D 397 -0.49 -4.62 -74.50
N VAL D 398 -0.83 -3.39 -74.90
CA VAL D 398 -1.54 -2.46 -74.01
C VAL D 398 -3.04 -2.65 -74.24
N GLU D 399 -3.76 -3.01 -73.19
CA GLU D 399 -5.22 -3.22 -73.28
C GLU D 399 -6.02 -1.95 -72.96
N LYS D 400 -5.49 -1.10 -72.07
CA LYS D 400 -6.21 0.08 -71.61
C LYS D 400 -5.24 1.11 -71.06
N ALA D 401 -5.62 2.38 -71.09
CA ALA D 401 -4.87 3.44 -70.40
C ALA D 401 -5.86 4.28 -69.63
N THR D 402 -5.49 4.65 -68.40
CA THR D 402 -6.38 5.37 -67.51
C THR D 402 -5.56 6.46 -66.87
N LEU D 403 -6.10 7.67 -66.76
CA LEU D 403 -5.45 8.69 -65.97
C LEU D 403 -5.61 8.36 -64.49
N LEU D 404 -4.49 8.30 -63.76
CA LEU D 404 -4.55 7.82 -62.37
C LEU D 404 -5.51 8.65 -61.53
N THR D 405 -5.42 9.97 -61.62
CA THR D 405 -6.17 10.84 -60.71
C THR D 405 -7.68 10.87 -60.89
N THR D 406 -8.17 10.56 -62.10
CA THR D 406 -9.57 10.77 -62.43
C THR D 406 -10.23 9.46 -62.81
N GLY D 407 -9.40 8.46 -63.08
CA GLY D 407 -9.87 7.20 -63.66
C GLY D 407 -10.43 7.35 -65.08
N GLU D 408 -10.17 8.47 -65.75
CA GLU D 408 -10.73 8.64 -67.10
C GLU D 408 -9.98 7.80 -68.14
N ASP D 409 -10.70 7.36 -69.16
CA ASP D 409 -10.10 6.54 -70.17
C ASP D 409 -9.22 7.40 -71.07
N ILE D 410 -8.09 6.85 -71.47
CA ILE D 410 -7.14 7.53 -72.34
C ILE D 410 -6.99 6.73 -73.64
N THR D 411 -7.11 7.43 -74.75
CA THR D 411 -7.01 6.83 -76.07
C THR D 411 -5.63 6.22 -76.32
N VAL D 412 -5.63 4.97 -76.79
CA VAL D 412 -4.41 4.25 -77.14
C VAL D 412 -4.52 3.86 -78.62
N VAL D 413 -3.54 4.29 -79.42
CA VAL D 413 -3.54 3.99 -80.85
C VAL D 413 -2.33 3.10 -81.19
N GLU D 414 -2.61 1.94 -81.79
CA GLU D 414 -1.49 1.11 -82.27
C GLU D 414 -0.82 1.81 -83.45
N THR D 415 0.49 2.00 -83.41
CA THR D 415 1.16 2.68 -84.52
C THR D 415 2.00 1.74 -85.39
N THR D 416 2.63 0.76 -84.75
CA THR D 416 3.19 -0.38 -85.47
C THR D 416 3.27 -1.61 -84.56
N ARG D 417 3.96 -2.67 -85.00
CA ARG D 417 4.06 -3.87 -84.15
C ARG D 417 4.79 -3.51 -82.88
N ASN D 418 4.16 -3.75 -81.75
CA ASN D 418 4.76 -3.43 -80.46
C ASN D 418 5.00 -1.92 -80.22
N GLU D 419 4.29 -1.07 -80.95
CA GLU D 419 4.32 0.36 -80.66
C GLU D 419 2.94 1.03 -80.60
N TYR D 420 2.76 1.89 -79.60
CA TYR D 420 1.51 2.60 -79.40
C TYR D 420 1.75 4.09 -79.20
N ASN D 421 0.78 4.90 -79.63
CA ASN D 421 0.67 6.28 -79.16
C ASN D 421 -0.40 6.32 -78.06
N VAL D 422 0.00 6.63 -76.84
CA VAL D 422 -0.96 6.92 -75.77
C VAL D 422 -1.20 8.43 -75.76
N SER D 423 -2.46 8.84 -75.85
CA SER D 423 -2.75 10.28 -75.91
C SER D 423 -2.44 10.93 -74.58
N VAL D 424 -2.00 12.19 -74.61
CA VAL D 424 -1.98 12.99 -73.39
C VAL D 424 -3.44 13.26 -73.02
N PRO D 425 -3.73 13.59 -71.73
CA PRO D 425 -5.10 13.94 -71.32
C PRO D 425 -5.65 15.20 -71.99
N LYS D 426 -6.97 15.21 -72.17
CA LYS D 426 -7.79 16.33 -72.64
C LYS D 426 -7.36 17.66 -71.99
N LYS D 427 -7.28 17.67 -70.66
CA LYS D 427 -6.74 18.80 -69.92
C LYS D 427 -5.31 18.53 -69.44
N ASN D 428 -4.41 19.45 -69.76
CA ASN D 428 -3.04 19.36 -69.29
C ASN D 428 -3.02 19.33 -67.76
N PRO D 429 -2.52 18.23 -67.16
CA PRO D 429 -2.55 18.18 -65.68
C PRO D 429 -1.68 19.25 -64.99
N GLY D 430 -0.74 19.85 -65.72
CA GLY D 430 0.02 20.98 -65.20
C GLY D 430 1.13 20.65 -64.22
N GLU D 431 1.36 19.34 -64.04
CA GLU D 431 2.45 18.84 -63.19
C GLU D 431 2.86 17.45 -63.73
N PRO D 432 3.95 16.88 -63.19
CA PRO D 432 4.24 15.48 -63.56
C PRO D 432 3.06 14.59 -63.19
N TYR D 433 2.60 13.77 -64.13
CA TYR D 433 1.35 13.06 -63.92
C TYR D 433 1.45 11.56 -64.28
N VAL D 434 0.45 10.78 -63.88
CA VAL D 434 0.52 9.33 -64.10
C VAL D 434 -0.62 8.79 -64.94
N ILE D 435 -0.28 8.00 -65.94
CA ILE D 435 -1.23 7.22 -66.70
C ILE D 435 -0.91 5.78 -66.38
N GLN D 436 -1.93 5.05 -65.95
CA GLN D 436 -1.83 3.62 -65.64
C GLN D 436 -2.26 2.79 -66.84
N LEU D 437 -1.39 1.88 -67.27
CA LEU D 437 -1.68 0.96 -68.38
C LEU D 437 -2.15 -0.37 -67.83
N LYS D 438 -3.13 -0.97 -68.50
CA LYS D 438 -3.39 -2.41 -68.34
C LYS D 438 -2.64 -3.08 -69.47
N VAL D 439 -1.78 -4.02 -69.14
CA VAL D 439 -1.03 -4.75 -70.15
C VAL D 439 -1.39 -6.23 -70.08
N ARG D 440 -1.09 -6.96 -71.15
CA ARG D 440 -1.35 -8.39 -71.22
C ARG D 440 -0.13 -9.05 -71.87
N ALA D 441 0.30 -10.17 -71.32
CA ALA D 441 1.53 -10.83 -71.76
C ALA D 441 1.19 -11.96 -72.70
S SO4 E . -28.92 8.90 57.04
O1 SO4 E . -28.43 10.28 57.03
O2 SO4 E . -29.45 8.52 55.75
O3 SO4 E . -27.81 8.06 57.45
O4 SO4 E . -30.01 8.75 58.01
C1 JFZ F . -22.94 11.25 53.34
C2 JFZ F . -22.54 12.38 52.35
O2 JFZ F . -22.85 13.70 52.86
C3 JFZ F . -21.04 12.24 52.00
O3 JFZ F . -20.32 13.22 51.87
C4 JFZ F . -20.47 10.85 51.67
O4 JFZ F . -20.83 10.62 50.32
C5 JFZ F . -21.11 9.75 52.56
C6 JFZ F . -20.92 8.35 51.96
O5 JFZ F . -22.56 9.94 52.80
O1 JFZ F . -22.32 11.42 54.62
C1' JFZ F . -22.73 10.59 55.62
C2' JFZ F . -24.05 10.11 55.69
C3' JFZ F . -24.41 9.28 56.75
C4' JFZ F . -23.47 8.95 57.73
C5' JFZ F . -22.16 9.43 57.66
C6' JFZ F . -21.79 10.26 56.60
N1' JFZ F . -23.81 8.15 58.74
O2' JFZ F . -22.86 7.89 59.77
O3' JFZ F . -25.13 7.56 58.79
S SO4 G . -33.33 -0.18 0.00
O1 SO4 G . -32.24 0.29 -0.82
O2 SO4 G . -34.52 0.58 -0.32
O3 SO4 G . -33.01 -0.02 1.40
O4 SO4 G . -33.53 -1.59 -0.27
C1 JFZ H . -27.68 -4.73 1.38
C2 JFZ H . -27.28 -5.97 2.23
O2 JFZ H . -28.21 -7.02 2.11
C3 JFZ H . -25.85 -6.41 1.91
O3 JFZ H . -25.50 -7.60 1.99
C4 JFZ H . -24.80 -5.32 1.85
O4 JFZ H . -24.55 -5.08 3.23
C5 JFZ H . -25.33 -4.03 1.20
C6 JFZ H . -24.48 -2.79 1.54
O5 JFZ H . -26.71 -3.67 1.60
O1 JFZ H . -27.85 -5.06 -0.01
C1' JFZ H . -28.25 -4.06 -0.86
C2' JFZ H . -29.24 -3.14 -0.48
C3' JFZ H . -29.63 -2.15 -1.37
C4' JFZ H . -29.04 -2.06 -2.64
C5' JFZ H . -28.05 -2.99 -3.03
C6' JFZ H . -27.66 -3.98 -2.14
N1' JFZ H . -29.46 -1.10 -3.49
O2' JFZ H . -28.67 -0.71 -4.60
O3' JFZ H . -30.72 -0.49 -3.29
S SO4 I . 24.24 -25.14 -2.99
O1 SO4 I . 25.15 -24.20 -3.60
O2 SO4 I . 23.42 -25.69 -4.04
O3 SO4 I . 25.02 -26.18 -2.33
O4 SO4 I . 23.41 -24.47 -2.00
S SO4 J . 12.64 -3.98 -8.70
O1 SO4 J . 12.61 -2.53 -8.64
O2 SO4 J . 12.85 -4.33 -10.09
O3 SO4 J . 13.73 -4.55 -7.89
O4 SO4 J . 11.38 -4.49 -8.17
C1 JFZ K . 18.01 -22.16 -5.71
C2 JFZ K . 17.09 -22.38 -6.94
O2 JFZ K . 16.71 -23.75 -7.10
C3 JFZ K . 15.87 -21.43 -6.88
O3 JFZ K . 14.78 -21.73 -7.38
C4 JFZ K . 16.16 -19.96 -6.52
O4 JFZ K . 16.68 -19.39 -7.73
C5 JFZ K . 17.24 -19.80 -5.42
C6 JFZ K . 17.85 -18.39 -5.48
O5 JFZ K . 18.36 -20.73 -5.60
O1 JFZ K . 17.40 -22.67 -4.45
C1' JFZ K . 18.18 -22.68 -3.33
C2' JFZ K . 19.55 -23.06 -3.37
C3' JFZ K . 20.31 -23.08 -2.20
C4' JFZ K . 19.71 -22.74 -0.98
C5' JFZ K . 18.37 -22.38 -0.93
C6' JFZ K . 17.60 -22.34 -2.10
N1' JFZ K . 20.45 -22.75 0.13
O2' JFZ K . 19.96 -22.13 1.33
O3' JFZ K . 21.78 -23.30 0.13
S SO4 L . 32.58 4.95 -52.64
O1 SO4 L . 33.96 4.51 -52.82
O2 SO4 L . 31.84 4.79 -53.88
O3 SO4 L . 32.60 6.34 -52.23
O4 SO4 L . 31.95 4.12 -51.64
S SO4 M . 38.08 -5.92 -34.84
O1 SO4 M . 36.92 -5.18 -35.29
O2 SO4 M . 39.18 -5.69 -35.77
O3 SO4 M . 37.75 -7.34 -34.80
O4 SO4 M . 38.50 -5.45 -33.53
S SO4 N . 36.03 27.92 -50.68
O1 SO4 N . 34.63 27.88 -51.09
O2 SO4 N . 36.86 27.71 -51.87
O3 SO4 N . 36.29 26.88 -49.69
O4 SO4 N . 36.33 29.22 -50.08
C1 JFZ O . 30.08 10.80 -47.98
C2 JFZ O . 30.45 11.61 -46.72
O2 JFZ O . 31.76 12.14 -46.79
C3 JFZ O . 29.41 12.72 -46.44
O3 JFZ O . 29.74 13.73 -45.83
C4 JFZ O . 27.93 12.36 -46.60
O4 JFZ O . 27.63 11.70 -45.35
C5 JFZ O . 27.68 11.39 -47.77
C6 JFZ O . 26.31 10.70 -47.72
O5 JFZ O . 28.71 10.32 -47.85
O1 JFZ O . 30.32 11.61 -49.19
C1' JFZ O . 30.25 11.01 -50.42
C2' JFZ O . 29.92 11.81 -51.51
C3' JFZ O . 29.85 11.25 -52.79
C4' JFZ O . 30.11 9.88 -52.97
C5' JFZ O . 30.45 9.09 -51.87
C6' JFZ O . 30.53 9.64 -50.59
N1' JFZ O . 30.04 9.35 -54.19
O2' JFZ O . 30.85 8.23 -54.51
O3' JFZ O . 29.14 9.88 -55.18
#